data_2PI8
#
_entry.id   2PI8
#
_cell.length_a   91.0
_cell.length_b   91.0
_cell.length_c   187.2
_cell.angle_alpha   90.0
_cell.angle_beta   90.0
_cell.angle_gamma   120.0
#
_symmetry.space_group_name_H-M   'P 31'
#
loop_
_entity.id
_entity.type
_entity.pdbx_description
1 polymer 'Membrane-bound lytic murein transglycosylase A'
2 branched 2-acetamido-2-deoxy-beta-D-glucopyranose-(1-4)-2-acetamido-2-deoxy-beta-D-glucopyranose-(1-4)-2-acetamido-2-deoxy-beta-D-glucopyranose-(1-4)-2-acetamido-2-deoxy-beta-D-glucopyranose-(1-4)-2-acetamido-2-deoxy-beta-D-glucopyranose-(1-4)-2-acetamido-2-deoxy-beta-D-glucopyranose
3 non-polymer 'PHOSPHATE ION'
4 water water
#
_entity_poly.entity_id   1
_entity_poly.type   'polypeptide(L)'
_entity_poly.pdbx_seq_one_letter_code
;(MSE)SSKPTDRGQQYKDGKFTQPFSLVNQPDAVGAPINAGDFAEQINHIRNSSPRLYGNQSNVYNAVQEWLRAGGDTRN
(MSE)RQFGIDAWQ(MSE)EGADNYGNVQFTGYYTPVIQARHTRQGEFQYPIYR(MSE)PPKRGRLSSRAEIYAGALSDK
YILAYSNSL(MSE)DNFI(MSE)DVQGSGYIDFGDGSPLNFFSYAGKNGHAYRSIGKVLIDRGEVKKED(MSE)S(MSE)
QAIRHWGETHSEAEVRELLEQNPSFVFFKPQSFAPVKGASAVPLVGRASVASDRSIIPPGTTLIAEVPLLDNNGKFNGQY
ELRL(MSE)VALDVGGAIKGQHFAIYQGIGPEAGHRAGWYNHYGRVWVLKTAPGAGNVFSG
;
_entity_poly.pdbx_strand_id   A,B,C,D
#
loop_
_chem_comp.id
_chem_comp.type
_chem_comp.name
_chem_comp.formula
NAG D-saccharide, beta linking 2-acetamido-2-deoxy-beta-D-glucopyranose 'C8 H15 N O6'
PO4 non-polymer 'PHOSPHATE ION' 'O4 P -3'
#
# COMPACT_ATOMS: atom_id res chain seq x y z
N SER A 3 -44.92 -7.83 24.61
CA SER A 3 -45.60 -9.15 24.63
C SER A 3 -45.33 -9.91 23.34
N LYS A 4 -45.70 -9.31 22.21
CA LYS A 4 -45.51 -9.91 20.89
C LYS A 4 -45.02 -8.82 19.92
N PRO A 5 -43.73 -8.44 20.03
CA PRO A 5 -43.12 -7.41 19.19
C PRO A 5 -42.62 -7.89 17.82
N THR A 6 -42.30 -6.91 16.98
CA THR A 6 -41.78 -7.14 15.63
C THR A 6 -40.86 -5.98 15.25
N ASP A 7 -40.49 -5.20 16.28
CA ASP A 7 -39.61 -4.04 16.13
C ASP A 7 -38.18 -4.37 15.72
N ARG A 8 -37.63 -5.44 16.29
CA ARG A 8 -36.26 -5.86 15.97
C ARG A 8 -36.24 -6.79 14.76
N GLY A 9 -37.38 -6.90 14.08
CA GLY A 9 -37.47 -7.76 12.91
C GLY A 9 -37.83 -9.19 13.26
N GLN A 10 -38.61 -9.35 14.33
CA GLN A 10 -39.04 -10.67 14.77
C GLN A 10 -40.10 -11.24 13.84
N GLN A 11 -39.94 -12.52 13.48
CA GLN A 11 -40.88 -13.18 12.59
C GLN A 11 -41.79 -14.16 13.31
N TYR A 12 -42.91 -14.47 12.65
CA TYR A 12 -43.93 -15.37 13.16
C TYR A 12 -44.41 -16.19 11.96
N LYS A 13 -44.05 -15.70 10.77
CA LYS A 13 -44.41 -16.31 9.50
C LYS A 13 -43.54 -17.52 9.13
N ASP A 14 -43.41 -18.44 10.07
CA ASP A 14 -42.63 -19.66 9.89
C ASP A 14 -43.07 -20.74 10.85
N GLY A 15 -43.73 -20.32 11.93
CA GLY A 15 -44.20 -21.27 12.94
C GLY A 15 -43.10 -21.64 13.92
N LYS A 16 -43.48 -22.26 15.02
CA LYS A 16 -42.53 -22.69 16.04
C LYS A 16 -41.60 -23.77 15.55
N PHE A 17 -40.33 -23.68 15.96
CA PHE A 17 -39.33 -24.66 15.58
C PHE A 17 -39.10 -25.62 16.75
N THR A 18 -39.34 -26.90 16.50
CA THR A 18 -39.17 -27.93 17.53
C THR A 18 -37.73 -28.44 17.64
N GLN A 19 -36.84 -27.86 16.84
CA GLN A 19 -35.42 -28.23 16.84
C GLN A 19 -34.55 -27.06 16.38
N PRO A 20 -33.28 -27.03 16.84
CA PRO A 20 -32.30 -25.99 16.49
C PRO A 20 -32.08 -25.77 15.00
N PHE A 21 -32.05 -26.87 14.24
CA PHE A 21 -31.83 -26.80 12.80
C PHE A 21 -32.88 -27.65 12.07
N SER A 22 -33.67 -27.01 11.21
CA SER A 22 -34.71 -27.68 10.46
C SER A 22 -34.47 -27.63 8.95
N LEU A 23 -34.27 -28.79 8.35
CA LEU A 23 -34.03 -28.89 6.91
C LEU A 23 -35.28 -28.64 6.07
N VAL A 24 -35.29 -27.53 5.35
CA VAL A 24 -36.41 -27.17 4.49
C VAL A 24 -36.17 -27.60 3.04
N ASN A 25 -36.84 -26.94 2.10
CA ASN A 25 -36.69 -27.25 0.69
C ASN A 25 -36.40 -25.98 -0.11
N GLN A 26 -37.16 -24.93 0.20
CA GLN A 26 -37.02 -23.64 -0.46
C GLN A 26 -37.19 -22.57 0.63
N PRO A 27 -36.07 -22.03 1.13
CA PRO A 27 -36.05 -21.00 2.18
C PRO A 27 -37.00 -19.82 1.96
N ASP A 28 -37.46 -19.26 3.07
CA ASP A 28 -38.40 -18.13 3.06
C ASP A 28 -37.71 -16.79 2.75
N ALA A 29 -36.54 -16.86 2.14
CA ALA A 29 -35.76 -15.67 1.79
C ALA A 29 -36.43 -14.89 0.66
N VAL A 30 -35.88 -13.71 0.36
CA VAL A 30 -36.41 -12.84 -0.70
C VAL A 30 -36.16 -13.32 -2.13
N GLY A 31 -34.90 -13.33 -2.56
CA GLY A 31 -34.59 -13.75 -3.92
C GLY A 31 -33.13 -14.07 -4.16
N ALA A 32 -32.39 -13.11 -4.70
CA ALA A 32 -30.97 -13.29 -4.99
C ALA A 32 -30.07 -12.48 -4.07
N PRO A 33 -28.97 -13.09 -3.59
CA PRO A 33 -28.01 -12.45 -2.68
C PRO A 33 -27.34 -11.24 -3.34
N ILE A 34 -26.92 -10.28 -2.51
CA ILE A 34 -26.28 -9.07 -3.02
C ILE A 34 -24.76 -9.13 -3.01
N ASN A 35 -24.19 -9.77 -1.99
CA ASN A 35 -22.74 -9.88 -1.86
C ASN A 35 -22.20 -11.21 -2.41
N ALA A 36 -22.60 -11.57 -3.62
CA ALA A 36 -22.17 -12.81 -4.25
C ALA A 36 -20.67 -12.75 -4.53
N GLY A 37 -20.18 -11.57 -4.90
CA GLY A 37 -18.77 -11.38 -5.18
C GLY A 37 -17.92 -11.35 -3.93
N ASP A 38 -18.37 -10.62 -2.92
CA ASP A 38 -17.66 -10.51 -1.65
C ASP A 38 -17.51 -11.87 -0.98
N PHE A 39 -18.50 -12.73 -1.20
CA PHE A 39 -18.49 -14.08 -0.65
C PHE A 39 -17.39 -14.91 -1.31
N ALA A 40 -17.24 -14.74 -2.63
CA ALA A 40 -16.22 -15.45 -3.39
C ALA A 40 -14.83 -15.02 -2.90
N GLU A 41 -14.71 -13.75 -2.55
CA GLU A 41 -13.46 -13.19 -2.04
C GLU A 41 -13.16 -13.77 -0.67
N GLN A 42 -14.21 -14.12 0.06
CA GLN A 42 -14.08 -14.70 1.39
C GLN A 42 -13.68 -16.17 1.28
N ILE A 43 -14.17 -16.84 0.24
CA ILE A 43 -13.87 -18.25 0.02
C ILE A 43 -12.39 -18.50 -0.27
N ASN A 44 -11.81 -17.71 -1.17
CA ASN A 44 -10.39 -17.88 -1.50
C ASN A 44 -9.52 -17.44 -0.32
N HIS A 45 -10.04 -16.56 0.52
CA HIS A 45 -9.32 -16.10 1.70
C HIS A 45 -9.11 -17.27 2.66
N ILE A 46 -10.11 -18.14 2.71
CA ILE A 46 -10.08 -19.33 3.56
C ILE A 46 -9.09 -20.33 2.95
N ARG A 47 -9.08 -20.39 1.62
CA ARG A 47 -8.19 -21.30 0.89
C ARG A 47 -6.73 -20.95 1.17
N ASN A 48 -6.40 -19.67 1.03
CA ASN A 48 -5.05 -19.18 1.24
C ASN A 48 -4.59 -19.19 2.69
N SER A 49 -5.49 -18.81 3.60
CA SER A 49 -5.18 -18.74 5.03
C SER A 49 -5.26 -20.07 5.78
N SER A 50 -6.43 -20.71 5.74
CA SER A 50 -6.63 -21.98 6.42
C SER A 50 -6.92 -23.10 5.43
N PRO A 51 -5.85 -23.75 4.91
CA PRO A 51 -5.96 -24.85 3.95
C PRO A 51 -6.63 -26.09 4.54
N ARG A 52 -6.53 -26.25 5.85
CA ARG A 52 -7.14 -27.38 6.54
C ARG A 52 -8.65 -27.20 6.61
N LEU A 53 -9.07 -25.97 6.89
CA LEU A 53 -10.49 -25.64 6.99
C LEU A 53 -11.13 -25.66 5.60
N TYR A 54 -10.39 -25.18 4.61
CA TYR A 54 -10.87 -25.16 3.24
C TYR A 54 -10.98 -26.58 2.69
N GLY A 55 -10.23 -27.50 3.29
CA GLY A 55 -10.27 -28.89 2.85
C GLY A 55 -11.50 -29.64 3.30
N ASN A 56 -12.01 -29.30 4.48
CA ASN A 56 -13.19 -29.95 5.05
C ASN A 56 -14.48 -29.32 4.56
N GLN A 57 -14.40 -28.07 4.11
CA GLN A 57 -15.55 -27.33 3.62
C GLN A 57 -15.45 -26.98 2.13
N SER A 58 -14.49 -27.59 1.46
CA SER A 58 -14.27 -27.36 0.02
C SER A 58 -15.53 -27.69 -0.76
N ASN A 59 -16.15 -28.80 -0.39
CA ASN A 59 -17.38 -29.27 -1.04
C ASN A 59 -18.52 -28.28 -0.89
N VAL A 60 -18.69 -27.76 0.32
CA VAL A 60 -19.75 -26.79 0.61
C VAL A 60 -19.56 -25.47 -0.12
N TYR A 61 -18.31 -24.99 -0.18
CA TYR A 61 -17.99 -23.74 -0.86
C TYR A 61 -18.23 -23.82 -2.36
N ASN A 62 -17.90 -24.96 -2.96
CA ASN A 62 -18.10 -25.18 -4.38
C ASN A 62 -19.56 -25.45 -4.71
N ALA A 63 -20.28 -26.06 -3.77
CA ALA A 63 -21.69 -26.37 -3.96
C ALA A 63 -22.50 -25.09 -4.16
N VAL A 64 -22.23 -24.09 -3.33
CA VAL A 64 -22.92 -22.80 -3.40
C VAL A 64 -22.30 -21.92 -4.50
N GLN A 65 -21.12 -22.33 -4.98
CA GLN A 65 -20.41 -21.59 -6.02
C GLN A 65 -21.12 -21.70 -7.37
N GLU A 66 -21.78 -22.84 -7.60
CA GLU A 66 -22.51 -23.06 -8.84
C GLU A 66 -23.90 -22.44 -8.78
N TRP A 67 -24.45 -22.34 -7.57
CA TRP A 67 -25.76 -21.76 -7.35
C TRP A 67 -25.78 -20.28 -7.76
N LEU A 68 -24.81 -19.53 -7.24
CA LEU A 68 -24.70 -18.10 -7.54
C LEU A 68 -24.16 -17.84 -8.94
N ARG A 69 -23.38 -18.79 -9.48
CA ARG A 69 -22.80 -18.67 -10.81
C ARG A 69 -23.92 -18.53 -11.85
N ALA A 70 -24.90 -19.41 -11.77
CA ALA A 70 -26.03 -19.40 -12.68
C ALA A 70 -26.94 -18.21 -12.35
N GLY A 71 -27.52 -18.25 -11.15
CA GLY A 71 -28.39 -17.19 -10.71
C GLY A 71 -28.25 -16.97 -9.22
N GLY A 72 -29.17 -17.54 -8.45
CA GLY A 72 -29.12 -17.39 -7.01
C GLY A 72 -30.51 -17.33 -6.39
N ASP A 73 -31.45 -18.10 -6.94
CA ASP A 73 -32.80 -18.13 -6.43
C ASP A 73 -32.90 -19.12 -5.26
N THR A 74 -33.44 -18.64 -4.15
CA THR A 74 -33.60 -19.45 -2.94
C THR A 74 -34.55 -20.63 -3.12
N ARG A 75 -35.49 -20.51 -4.05
CA ARG A 75 -36.45 -21.58 -4.32
C ARG A 75 -35.78 -22.76 -5.04
N ASN A 76 -34.73 -22.47 -5.81
CA ASN A 76 -34.01 -23.51 -6.54
C ASN A 76 -32.56 -23.60 -6.10
N MSE A 77 -32.27 -24.58 -5.24
CA MSE A 77 -30.92 -24.80 -4.73
C MSE A 77 -30.50 -26.26 -4.79
O MSE A 77 -29.31 -26.60 -4.77
CB MSE A 77 -30.80 -24.32 -3.28
CG MSE A 77 -31.02 -22.82 -3.09
SE MSE A 77 -30.64 -22.27 -1.27
CE MSE A 77 -28.74 -22.08 -1.42
N ARG A 78 -31.50 -27.15 -4.87
CA ARG A 78 -31.27 -28.59 -4.93
C ARG A 78 -30.64 -29.07 -6.24
N GLN A 79 -30.71 -28.24 -7.27
CA GLN A 79 -30.16 -28.57 -8.58
C GLN A 79 -28.64 -28.38 -8.61
N PHE A 80 -28.10 -27.90 -7.49
CA PHE A 80 -26.67 -27.66 -7.36
C PHE A 80 -26.10 -28.46 -6.19
N GLY A 81 -26.97 -29.23 -5.54
CA GLY A 81 -26.56 -30.05 -4.40
C GLY A 81 -26.35 -29.25 -3.13
N ILE A 82 -27.40 -28.59 -2.67
CA ILE A 82 -27.33 -27.77 -1.46
C ILE A 82 -28.52 -28.03 -0.52
N ASP A 83 -28.23 -28.08 0.77
CA ASP A 83 -29.27 -28.29 1.79
C ASP A 83 -29.52 -26.95 2.47
N ALA A 84 -30.65 -26.84 3.18
CA ALA A 84 -31.00 -25.61 3.86
C ALA A 84 -31.53 -25.84 5.27
N TRP A 85 -30.62 -26.00 6.22
CA TRP A 85 -30.98 -26.22 7.62
C TRP A 85 -31.30 -24.88 8.26
N GLN A 86 -32.60 -24.59 8.41
CA GLN A 86 -33.05 -23.34 9.02
C GLN A 86 -32.91 -23.33 10.53
N MSE A 87 -32.18 -22.34 11.04
CA MSE A 87 -31.94 -22.18 12.47
C MSE A 87 -33.15 -21.52 13.14
O MSE A 87 -33.90 -20.79 12.49
CB MSE A 87 -30.70 -21.33 12.70
CG MSE A 87 -29.42 -21.88 12.09
SE MSE A 87 -27.91 -20.69 12.32
CE MSE A 87 -27.71 -20.83 14.23
N GLU A 88 -33.33 -21.79 14.43
CA GLU A 88 -34.42 -21.19 15.20
C GLU A 88 -33.93 -19.93 15.92
N GLY A 89 -34.64 -19.52 16.96
CA GLY A 89 -34.22 -18.33 17.69
C GLY A 89 -34.58 -18.34 19.16
N ALA A 90 -34.50 -17.16 19.79
CA ALA A 90 -34.84 -17.00 21.19
C ALA A 90 -36.32 -17.31 21.41
N ASP A 91 -37.15 -16.81 20.50
CA ASP A 91 -38.59 -17.04 20.55
C ASP A 91 -38.95 -18.31 19.78
N ASN A 92 -37.94 -18.93 19.19
CA ASN A 92 -38.08 -20.17 18.41
C ASN A 92 -38.87 -20.00 17.11
N TYR A 93 -38.84 -18.79 16.55
CA TYR A 93 -39.54 -18.51 15.30
C TYR A 93 -38.56 -18.23 14.17
N GLY A 94 -37.37 -18.80 14.28
CA GLY A 94 -36.34 -18.60 13.27
C GLY A 94 -35.58 -17.30 13.42
N ASN A 95 -35.91 -16.54 14.45
CA ASN A 95 -35.27 -15.25 14.71
C ASN A 95 -33.89 -15.36 15.34
N VAL A 96 -32.88 -15.48 14.48
CA VAL A 96 -31.51 -15.59 14.94
C VAL A 96 -30.98 -14.19 15.23
N GLN A 97 -30.48 -14.01 16.45
CA GLN A 97 -29.95 -12.72 16.89
C GLN A 97 -28.74 -12.27 16.07
N PHE A 98 -28.78 -11.02 15.61
CA PHE A 98 -27.72 -10.44 14.82
C PHE A 98 -27.16 -9.15 15.43
N THR A 99 -25.92 -9.22 15.89
CA THR A 99 -25.27 -8.04 16.46
C THR A 99 -24.16 -7.65 15.47
N GLY A 100 -23.37 -6.64 15.80
CA GLY A 100 -22.32 -6.23 14.89
C GLY A 100 -21.06 -5.67 15.52
N TYR A 101 -19.97 -5.77 14.77
CA TYR A 101 -18.67 -5.26 15.19
C TYR A 101 -17.85 -4.90 13.96
N TYR A 102 -16.88 -4.02 14.14
CA TYR A 102 -16.03 -3.59 13.03
C TYR A 102 -14.59 -3.41 13.47
N THR A 103 -13.77 -2.92 12.55
CA THR A 103 -12.35 -2.66 12.81
C THR A 103 -12.13 -1.15 12.71
N PRO A 104 -12.08 -0.47 13.86
CA PRO A 104 -11.86 0.97 13.93
C PRO A 104 -10.44 1.41 13.59
N VAL A 105 -10.33 2.55 12.91
CA VAL A 105 -9.03 3.09 12.54
C VAL A 105 -8.72 4.23 13.52
N ILE A 106 -7.72 4.03 14.37
CA ILE A 106 -7.35 5.03 15.37
C ILE A 106 -5.99 5.67 15.05
N GLN A 107 -5.95 7.00 15.09
CA GLN A 107 -4.73 7.74 14.82
C GLN A 107 -3.89 7.87 16.09
N ALA A 108 -2.58 7.72 15.95
CA ALA A 108 -1.67 7.80 17.08
C ALA A 108 -0.21 7.98 16.65
N ARG A 109 0.66 8.18 17.63
CA ARG A 109 2.09 8.33 17.40
C ARG A 109 2.84 7.33 18.28
N HIS A 110 4.13 7.17 18.03
CA HIS A 110 4.96 6.25 18.80
C HIS A 110 5.33 6.84 20.15
N THR A 111 5.37 8.17 20.22
CA THR A 111 5.70 8.89 21.44
C THR A 111 4.58 9.87 21.79
N ARG A 112 4.33 10.06 23.09
CA ARG A 112 3.28 10.96 23.55
C ARG A 112 3.59 12.43 23.26
N GLN A 113 2.64 13.11 22.64
CA GLN A 113 2.80 14.52 22.26
C GLN A 113 1.45 15.16 21.98
N GLY A 114 1.21 16.32 22.60
CA GLY A 114 -0.04 17.04 22.41
C GLY A 114 -1.27 16.30 22.87
N GLU A 115 -2.19 16.03 21.93
CA GLU A 115 -3.43 15.33 22.22
C GLU A 115 -3.23 13.83 22.41
N PHE A 116 -2.10 13.32 21.92
CA PHE A 116 -1.78 11.90 22.02
C PHE A 116 -1.14 11.58 23.37
N GLN A 117 -1.97 11.19 24.34
CA GLN A 117 -1.50 10.86 25.69
C GLN A 117 -2.11 9.57 26.23
N TYR A 118 -2.80 8.83 25.37
CA TYR A 118 -3.45 7.58 25.79
C TYR A 118 -2.78 6.34 25.19
N PRO A 119 -2.01 5.61 26.01
CA PRO A 119 -1.27 4.39 25.67
C PRO A 119 -2.10 3.18 25.26
N ILE A 120 -1.56 2.43 24.30
CA ILE A 120 -2.16 1.20 23.80
C ILE A 120 -1.09 0.15 24.13
N TYR A 121 -1.44 -0.78 25.00
CA TYR A 121 -0.50 -1.80 25.46
C TYR A 121 -0.49 -3.14 24.71
N ARG A 122 0.66 -3.81 24.79
CA ARG A 122 0.85 -5.13 24.18
C ARG A 122 0.84 -6.18 25.29
N MSE A 123 1.03 -7.44 24.93
CA MSE A 123 1.03 -8.55 25.89
C MSE A 123 2.20 -8.53 26.87
O MSE A 123 3.35 -8.76 26.50
CB MSE A 123 1.00 -9.88 25.14
CG MSE A 123 -0.39 -10.42 24.88
SE MSE A 123 -1.23 -11.13 26.46
CE MSE A 123 -0.76 -12.99 26.24
N PRO A 124 1.90 -8.24 28.16
CA PRO A 124 2.90 -8.19 29.23
C PRO A 124 3.10 -9.60 29.82
N PRO A 125 3.99 -9.76 30.81
CA PRO A 125 4.21 -11.08 31.42
C PRO A 125 3.00 -11.59 32.19
N LYS A 126 3.14 -12.79 32.74
CA LYS A 126 2.08 -13.45 33.50
C LYS A 126 1.49 -12.61 34.64
N ARG A 127 2.35 -12.08 35.49
CA ARG A 127 1.91 -11.28 36.63
C ARG A 127 1.50 -9.84 36.28
N GLY A 128 1.84 -9.41 35.06
CA GLY A 128 1.49 -8.07 34.63
C GLY A 128 0.08 -8.02 34.09
N ARG A 129 -0.47 -9.19 33.76
CA ARG A 129 -1.82 -9.33 33.23
C ARG A 129 -2.91 -9.37 34.30
N LEU A 130 -2.50 -9.28 35.56
CA LEU A 130 -3.44 -9.31 36.68
C LEU A 130 -4.10 -7.96 36.91
N SER A 131 -3.38 -6.89 36.58
CA SER A 131 -3.85 -5.52 36.76
C SER A 131 -5.14 -5.18 36.00
N SER A 132 -6.03 -4.45 36.67
CA SER A 132 -7.30 -4.04 36.09
C SER A 132 -7.15 -2.77 35.27
N ARG A 133 -8.19 -2.43 34.51
CA ARG A 133 -8.18 -1.25 33.65
C ARG A 133 -7.87 0.04 34.41
N ALA A 134 -8.52 0.22 35.56
CA ALA A 134 -8.33 1.42 36.39
C ALA A 134 -6.88 1.57 36.87
N GLU A 135 -6.24 0.43 37.15
CA GLU A 135 -4.86 0.42 37.61
C GLU A 135 -3.89 0.68 36.47
N ILE A 136 -4.22 0.17 35.29
CA ILE A 136 -3.38 0.37 34.11
C ILE A 136 -3.44 1.83 33.68
N TYR A 137 -4.59 2.45 33.90
CA TYR A 137 -4.79 3.87 33.58
C TYR A 137 -3.89 4.72 34.48
N ALA A 138 -3.74 4.27 35.72
CA ALA A 138 -2.91 4.96 36.71
C ALA A 138 -1.43 4.64 36.54
N GLY A 139 -1.12 3.61 35.75
CA GLY A 139 0.26 3.23 35.51
C GLY A 139 0.76 1.93 36.12
N ALA A 140 -0.07 0.90 36.12
CA ALA A 140 0.31 -0.39 36.69
C ALA A 140 1.32 -1.13 35.82
N LEU A 141 1.29 -0.88 34.51
CA LEU A 141 2.20 -1.52 33.57
C LEU A 141 3.37 -0.63 33.20
N SER A 142 4.50 -1.25 32.90
CA SER A 142 5.71 -0.53 32.52
C SER A 142 5.53 0.11 31.14
N ASP A 143 6.22 1.23 30.92
CA ASP A 143 6.14 1.97 29.66
C ASP A 143 6.71 1.21 28.46
N LYS A 144 7.46 0.14 28.72
CA LYS A 144 8.04 -0.65 27.64
C LYS A 144 7.02 -1.58 26.98
N TYR A 145 5.82 -1.62 27.54
CA TYR A 145 4.75 -2.45 27.01
C TYR A 145 3.76 -1.63 26.19
N ILE A 146 4.06 -0.34 26.02
CA ILE A 146 3.22 0.56 25.25
C ILE A 146 3.59 0.46 23.77
N LEU A 147 2.58 0.45 22.91
CA LEU A 147 2.78 0.37 21.47
C LEU A 147 2.60 1.72 20.79
N ALA A 148 1.62 2.48 21.27
CA ALA A 148 1.33 3.80 20.70
C ALA A 148 0.46 4.63 21.65
N TYR A 149 0.38 5.93 21.37
CA TYR A 149 -0.41 6.86 22.16
C TYR A 149 -1.49 7.49 21.27
N SER A 150 -2.76 7.21 21.58
CA SER A 150 -3.86 7.76 20.80
C SER A 150 -4.34 9.11 21.33
N ASN A 151 -5.25 9.73 20.57
CA ASN A 151 -5.81 11.04 20.93
C ASN A 151 -7.16 10.94 21.63
N SER A 152 -7.61 9.73 21.90
CA SER A 152 -8.91 9.53 22.56
C SER A 152 -8.92 8.27 23.42
N LEU A 153 -9.36 8.42 24.67
CA LEU A 153 -9.45 7.31 25.61
C LEU A 153 -10.67 6.46 25.26
N MSE A 154 -11.66 7.09 24.63
CA MSE A 154 -12.88 6.43 24.22
C MSE A 154 -12.61 5.52 23.01
O MSE A 154 -13.15 4.42 22.93
CB MSE A 154 -13.96 7.47 23.86
CG MSE A 154 -15.31 6.87 23.49
SE MSE A 154 -16.05 5.74 24.88
CE MSE A 154 -16.86 7.10 25.98
N ASP A 155 -11.77 6.00 22.09
CA ASP A 155 -11.41 5.23 20.91
C ASP A 155 -10.68 3.95 21.32
N ASN A 156 -9.80 4.07 22.31
CA ASN A 156 -9.04 2.92 22.82
C ASN A 156 -9.98 1.93 23.47
N PHE A 157 -11.02 2.45 24.11
CA PHE A 157 -12.00 1.61 24.79
C PHE A 157 -12.88 0.88 23.78
N ILE A 158 -13.29 1.58 22.72
CA ILE A 158 -14.12 0.98 21.68
C ILE A 158 -13.34 -0.11 20.95
N MSE A 159 -12.08 0.20 20.62
CA MSE A 159 -11.20 -0.75 19.94
C MSE A 159 -11.00 -1.96 20.84
O MSE A 159 -10.88 -3.09 20.38
CB MSE A 159 -9.86 -0.09 19.63
CG MSE A 159 -8.79 -1.03 19.08
SE MSE A 159 -7.09 -0.17 18.82
CE MSE A 159 -6.66 0.22 20.66
N ASP A 160 -10.96 -1.70 22.14
CA ASP A 160 -10.78 -2.72 23.17
C ASP A 160 -11.97 -3.69 23.10
N VAL A 161 -13.17 -3.11 22.94
CA VAL A 161 -14.40 -3.88 22.86
C VAL A 161 -14.51 -4.65 21.54
N GLN A 162 -14.06 -4.03 20.45
CA GLN A 162 -14.11 -4.67 19.13
C GLN A 162 -13.18 -5.86 19.02
N GLY A 163 -12.10 -5.83 19.80
CA GLY A 163 -11.13 -6.92 19.79
C GLY A 163 -9.87 -6.59 19.00
N SER A 164 -9.96 -5.60 18.12
CA SER A 164 -8.82 -5.19 17.30
C SER A 164 -9.08 -3.86 16.60
N GLY A 165 -8.09 -3.39 15.86
CA GLY A 165 -8.22 -2.14 15.14
C GLY A 165 -6.95 -1.71 14.42
N TYR A 166 -7.10 -0.92 13.36
CA TYR A 166 -5.97 -0.42 12.60
C TYR A 166 -5.44 0.86 13.25
N ILE A 167 -4.12 1.00 13.29
CA ILE A 167 -3.49 2.16 13.88
C ILE A 167 -2.84 3.01 12.79
N ASP A 168 -3.38 4.21 12.62
CA ASP A 168 -2.88 5.16 11.63
C ASP A 168 -1.91 6.13 12.32
N PHE A 169 -0.63 6.06 11.95
CA PHE A 169 0.38 6.94 12.55
C PHE A 169 0.46 8.32 11.89
N GLY A 170 -0.37 8.53 10.86
CA GLY A 170 -0.42 9.80 10.16
C GLY A 170 0.90 10.37 9.67
N ASP A 171 1.82 9.49 9.29
CA ASP A 171 3.14 9.90 8.80
C ASP A 171 3.45 9.37 7.40
N GLY A 172 2.49 8.65 6.83
CA GLY A 172 2.68 8.09 5.51
C GLY A 172 2.74 6.57 5.52
N SER A 173 3.24 6.01 6.62
CA SER A 173 3.36 4.56 6.76
C SER A 173 1.98 3.89 6.77
N PRO A 174 1.91 2.63 6.29
CA PRO A 174 0.66 1.86 6.24
C PRO A 174 0.03 1.65 7.61
N LEU A 175 -1.26 1.37 7.63
CA LEU A 175 -2.00 1.14 8.87
C LEU A 175 -1.59 -0.20 9.49
N ASN A 176 -1.14 -0.15 10.75
CA ASN A 176 -0.72 -1.34 11.46
C ASN A 176 -1.90 -2.00 12.19
N PHE A 177 -2.17 -3.25 11.84
CA PHE A 177 -3.28 -3.98 12.46
C PHE A 177 -2.92 -4.55 13.83
N PHE A 178 -3.55 -3.99 14.87
CA PHE A 178 -3.34 -4.44 16.24
C PHE A 178 -4.33 -5.56 16.54
N SER A 179 -3.90 -6.80 16.32
CA SER A 179 -4.74 -7.97 16.56
C SER A 179 -4.93 -8.31 18.04
N TYR A 180 -5.96 -9.08 18.32
CA TYR A 180 -6.27 -9.51 19.69
C TYR A 180 -5.17 -10.47 20.13
N ALA A 181 -4.34 -10.03 21.07
CA ALA A 181 -3.25 -10.85 21.58
C ALA A 181 -3.60 -11.52 22.91
N GLY A 182 -4.41 -10.84 23.71
CA GLY A 182 -4.80 -11.38 25.00
C GLY A 182 -5.63 -10.40 25.81
N LYS A 183 -5.90 -10.76 27.06
CA LYS A 183 -6.71 -9.92 27.95
C LYS A 183 -6.20 -10.05 29.38
N ASN A 184 -6.71 -9.19 30.26
CA ASN A 184 -6.30 -9.23 31.67
C ASN A 184 -7.14 -10.22 32.49
N GLY A 185 -6.81 -10.35 33.77
CA GLY A 185 -7.52 -11.28 34.64
C GLY A 185 -8.78 -10.73 35.29
N HIS A 186 -9.56 -9.96 34.54
CA HIS A 186 -10.79 -9.38 35.06
C HIS A 186 -11.94 -9.56 34.09
N ALA A 187 -13.12 -9.86 34.62
CA ALA A 187 -14.33 -10.07 33.83
C ALA A 187 -14.86 -8.77 33.22
N TYR A 188 -15.39 -8.87 32.01
CA TYR A 188 -15.95 -7.73 31.30
C TYR A 188 -17.25 -7.21 31.90
N ARG A 189 -17.31 -5.90 32.11
CA ARG A 189 -18.49 -5.24 32.65
C ARG A 189 -19.09 -4.30 31.61
N SER A 190 -20.41 -4.27 31.54
CA SER A 190 -21.13 -3.44 30.60
C SER A 190 -21.11 -1.95 31.00
N ILE A 191 -20.92 -1.09 30.00
CA ILE A 191 -20.89 0.36 30.21
C ILE A 191 -22.30 0.93 30.29
N GLY A 192 -23.20 0.38 29.47
CA GLY A 192 -24.59 0.82 29.49
C GLY A 192 -25.22 0.52 30.83
N LYS A 193 -24.67 -0.50 31.50
CA LYS A 193 -25.11 -0.94 32.81
C LYS A 193 -24.96 0.19 33.82
N VAL A 194 -23.80 0.82 33.81
CA VAL A 194 -23.47 1.92 34.71
C VAL A 194 -24.31 3.17 34.38
N LEU A 195 -24.68 3.31 33.12
CA LEU A 195 -25.50 4.44 32.67
C LEU A 195 -26.95 4.28 33.11
N ILE A 196 -27.31 3.05 33.47
CA ILE A 196 -28.66 2.73 33.94
C ILE A 196 -28.74 2.91 35.46
N ASP A 197 -27.64 2.59 36.16
CA ASP A 197 -27.58 2.71 37.62
C ASP A 197 -28.02 4.09 38.10
N ARG A 198 -27.25 5.11 37.73
CA ARG A 198 -27.59 6.48 38.12
C ARG A 198 -28.53 7.14 37.12
N GLY A 199 -28.81 6.44 36.03
CA GLY A 199 -29.71 6.95 35.00
C GLY A 199 -29.21 8.22 34.33
N GLU A 200 -28.60 8.07 33.15
CA GLU A 200 -28.09 9.22 32.42
C GLU A 200 -28.51 9.24 30.95
N VAL A 201 -28.61 8.05 30.34
CA VAL A 201 -29.02 7.95 28.94
C VAL A 201 -30.53 7.78 28.81
N MSE A 206 -30.18 3.59 23.14
CA MSE A 206 -28.85 3.32 23.68
C MSE A 206 -28.11 2.34 22.78
O MSE A 206 -28.64 1.29 22.42
CB MSE A 206 -28.96 2.78 25.11
CG MSE A 206 -27.64 2.72 25.88
SE MSE A 206 -26.34 1.45 25.20
CE MSE A 206 -27.12 -0.17 25.89
N SER A 207 -26.87 2.68 22.45
CA SER A 207 -26.02 1.85 21.60
C SER A 207 -24.58 2.34 21.67
N MSE A 208 -23.74 1.86 20.76
CA MSE A 208 -22.34 2.27 20.70
C MSE A 208 -22.25 3.71 20.19
O MSE A 208 -21.19 4.35 20.26
CB MSE A 208 -21.54 1.32 19.81
CG MSE A 208 -20.05 1.64 19.70
SE MSE A 208 -19.20 1.98 21.40
CE MSE A 208 -19.14 0.18 22.10
N GLN A 209 -23.37 4.22 19.69
CA GLN A 209 -23.46 5.58 19.18
C GLN A 209 -23.91 6.52 20.30
N ALA A 210 -24.76 5.99 21.19
CA ALA A 210 -25.29 6.76 22.32
C ALA A 210 -24.24 6.95 23.41
N ILE A 211 -23.32 5.99 23.51
CA ILE A 211 -22.24 6.04 24.50
C ILE A 211 -21.17 7.03 24.05
N ARG A 212 -20.95 7.09 22.73
CA ARG A 212 -19.97 7.99 22.14
C ARG A 212 -20.40 9.44 22.35
N HIS A 213 -21.70 9.68 22.26
CA HIS A 213 -22.26 11.02 22.45
C HIS A 213 -22.14 11.44 23.91
N TRP A 214 -22.33 10.49 24.81
CA TRP A 214 -22.24 10.73 26.25
C TRP A 214 -20.82 11.20 26.60
N GLY A 215 -19.83 10.53 26.03
CA GLY A 215 -18.44 10.89 26.28
C GLY A 215 -18.09 12.29 25.83
N GLU A 216 -18.71 12.73 24.75
CA GLU A 216 -18.48 14.07 24.21
C GLU A 216 -19.20 15.14 25.03
N THR A 217 -20.28 14.75 25.70
CA THR A 217 -21.07 15.65 26.53
C THR A 217 -20.42 15.89 27.89
N HIS A 218 -19.76 14.86 28.41
CA HIS A 218 -19.11 14.93 29.71
C HIS A 218 -17.60 15.15 29.62
N SER A 219 -16.99 15.53 30.74
CA SER A 219 -15.55 15.80 30.80
C SER A 219 -14.70 14.54 30.86
N GLU A 220 -13.39 14.72 30.66
CA GLU A 220 -12.41 13.63 30.67
C GLU A 220 -12.45 12.82 31.96
N ALA A 221 -12.56 13.52 33.10
CA ALA A 221 -12.61 12.89 34.41
C ALA A 221 -13.86 12.04 34.56
N GLU A 222 -14.96 12.50 33.98
CA GLU A 222 -16.24 11.80 34.04
C GLU A 222 -16.26 10.61 33.09
N VAL A 223 -15.54 10.72 31.98
CA VAL A 223 -15.46 9.66 30.99
C VAL A 223 -14.58 8.53 31.51
N ARG A 224 -13.40 8.90 32.01
CA ARG A 224 -12.44 7.94 32.56
C ARG A 224 -13.10 7.13 33.67
N GLU A 225 -13.80 7.81 34.57
CA GLU A 225 -14.49 7.18 35.68
C GLU A 225 -15.47 6.10 35.21
N LEU A 226 -16.21 6.42 34.16
CA LEU A 226 -17.18 5.50 33.58
C LEU A 226 -16.50 4.30 32.92
N LEU A 227 -15.45 4.56 32.16
CA LEU A 227 -14.72 3.52 31.46
C LEU A 227 -14.01 2.57 32.43
N GLU A 228 -13.68 3.08 33.61
CA GLU A 228 -13.00 2.27 34.63
C GLU A 228 -13.96 1.27 35.28
N GLN A 229 -15.25 1.42 34.97
CA GLN A 229 -16.27 0.52 35.50
C GLN A 229 -16.17 -0.84 34.85
N ASN A 230 -15.35 -0.92 33.80
CA ASN A 230 -15.10 -2.16 33.07
C ASN A 230 -13.66 -2.52 33.42
N PRO A 231 -13.47 -3.42 34.41
CA PRO A 231 -12.14 -3.86 34.86
C PRO A 231 -11.34 -4.64 33.82
N SER A 232 -12.01 -5.09 32.75
CA SER A 232 -11.35 -5.85 31.70
C SER A 232 -10.53 -4.94 30.78
N PHE A 233 -9.38 -5.43 30.33
CA PHE A 233 -8.48 -4.69 29.46
C PHE A 233 -7.84 -5.64 28.43
N VAL A 234 -7.89 -5.25 27.17
CA VAL A 234 -7.34 -6.07 26.08
C VAL A 234 -5.96 -5.61 25.63
N PHE A 235 -5.09 -6.59 25.35
CA PHE A 235 -3.73 -6.34 24.88
C PHE A 235 -3.65 -6.72 23.41
N PHE A 236 -2.92 -5.93 22.62
CA PHE A 236 -2.82 -6.18 21.18
C PHE A 236 -1.44 -6.57 20.68
N LYS A 237 -1.40 -7.02 19.43
CA LYS A 237 -0.15 -7.43 18.78
C LYS A 237 -0.13 -6.89 17.35
N PRO A 238 0.79 -5.96 17.06
CA PRO A 238 0.95 -5.35 15.74
C PRO A 238 1.27 -6.36 14.65
N GLN A 239 0.43 -6.41 13.62
CA GLN A 239 0.64 -7.33 12.51
C GLN A 239 1.28 -6.59 11.34
N SER A 240 1.49 -5.29 11.54
CA SER A 240 2.13 -4.44 10.54
C SER A 240 1.46 -4.52 9.17
N PHE A 241 0.34 -3.83 9.03
CA PHE A 241 -0.43 -3.79 7.79
C PHE A 241 -0.82 -5.17 7.24
N ALA A 242 -1.58 -5.91 8.05
CA ALA A 242 -2.06 -7.23 7.67
C ALA A 242 -3.58 -7.17 7.64
N PRO A 243 -4.22 -8.02 6.82
CA PRO A 243 -5.69 -8.02 6.74
C PRO A 243 -6.33 -8.37 8.09
N VAL A 244 -7.54 -7.86 8.31
CA VAL A 244 -8.26 -8.11 9.56
C VAL A 244 -8.61 -9.58 9.68
N LYS A 245 -8.02 -10.24 10.68
CA LYS A 245 -8.27 -11.66 10.90
C LYS A 245 -8.92 -11.88 12.27
N GLY A 246 -9.74 -12.91 12.36
CA GLY A 246 -10.41 -13.22 13.61
C GLY A 246 -9.80 -14.44 14.29
N ALA A 247 -10.64 -15.23 14.93
CA ALA A 247 -10.20 -16.43 15.64
C ALA A 247 -9.70 -17.53 14.70
N SER A 248 -10.31 -17.62 13.52
CA SER A 248 -9.95 -18.63 12.53
C SER A 248 -8.68 -18.26 11.74
N ALA A 249 -8.12 -17.08 12.03
CA ALA A 249 -6.92 -16.59 11.36
C ALA A 249 -7.12 -16.42 9.85
N VAL A 250 -8.34 -16.05 9.47
CA VAL A 250 -8.69 -15.84 8.07
C VAL A 250 -9.18 -14.40 7.89
N PRO A 251 -8.60 -13.67 6.92
CA PRO A 251 -9.00 -12.28 6.65
C PRO A 251 -10.50 -12.11 6.43
N LEU A 252 -11.11 -11.35 7.33
CA LEU A 252 -12.55 -11.09 7.31
C LEU A 252 -12.98 -10.07 6.25
N VAL A 253 -14.05 -10.42 5.53
CA VAL A 253 -14.60 -9.56 4.50
C VAL A 253 -15.86 -8.88 5.03
N GLY A 254 -16.00 -7.58 4.76
CA GLY A 254 -17.13 -6.82 5.23
C GLY A 254 -18.50 -7.40 4.89
N ARG A 255 -19.26 -7.73 5.93
CA ARG A 255 -20.60 -8.29 5.82
C ARG A 255 -20.69 -9.61 5.06
N ALA A 256 -19.56 -10.30 4.94
CA ALA A 256 -19.47 -11.58 4.26
C ALA A 256 -18.95 -12.63 5.25
N SER A 257 -18.86 -12.22 6.51
CA SER A 257 -18.37 -13.08 7.58
C SER A 257 -19.02 -12.67 8.90
N VAL A 258 -19.14 -13.64 9.82
CA VAL A 258 -19.75 -13.38 11.12
C VAL A 258 -19.03 -14.12 12.25
N ALA A 259 -19.26 -13.68 13.49
CA ALA A 259 -18.68 -14.30 14.65
C ALA A 259 -19.76 -15.21 15.22
N SER A 260 -19.39 -16.42 15.64
CA SER A 260 -20.36 -17.37 16.15
C SER A 260 -19.85 -18.23 17.30
N ASP A 261 -20.75 -19.05 17.83
CA ASP A 261 -20.43 -19.96 18.92
C ASP A 261 -19.88 -21.21 18.22
N ARG A 262 -18.57 -21.43 18.34
CA ARG A 262 -17.91 -22.56 17.71
C ARG A 262 -18.48 -23.93 18.07
N SER A 263 -19.12 -24.02 19.23
CA SER A 263 -19.72 -25.28 19.69
C SER A 263 -20.99 -25.61 18.90
N ILE A 264 -21.78 -24.59 18.59
CA ILE A 264 -23.02 -24.78 17.83
C ILE A 264 -22.76 -24.62 16.33
N ILE A 265 -22.17 -23.50 15.95
CA ILE A 265 -21.84 -23.22 14.55
C ILE A 265 -20.33 -23.13 14.42
N PRO A 266 -19.66 -24.23 14.03
CA PRO A 266 -18.21 -24.29 13.85
C PRO A 266 -17.69 -23.40 12.71
N PRO A 267 -16.41 -23.00 12.78
CA PRO A 267 -15.81 -22.15 11.75
C PRO A 267 -15.78 -22.79 10.35
N GLY A 268 -16.00 -21.96 9.34
CA GLY A 268 -16.01 -22.44 7.97
C GLY A 268 -17.42 -22.75 7.47
N THR A 269 -18.39 -22.62 8.36
CA THR A 269 -19.79 -22.89 8.03
C THR A 269 -20.42 -21.78 7.18
N THR A 270 -20.95 -22.16 6.03
CA THR A 270 -21.61 -21.23 5.13
C THR A 270 -23.01 -20.91 5.67
N LEU A 271 -23.35 -19.63 5.70
CA LEU A 271 -24.64 -19.20 6.22
C LEU A 271 -25.33 -18.15 5.35
N ILE A 272 -26.52 -18.48 4.85
CA ILE A 272 -27.30 -17.54 4.05
C ILE A 272 -28.33 -16.96 5.02
N ALA A 273 -28.32 -15.64 5.17
CA ALA A 273 -29.25 -15.01 6.11
C ALA A 273 -30.00 -13.78 5.63
N GLU A 274 -31.15 -13.57 6.26
CA GLU A 274 -32.01 -12.42 5.99
C GLU A 274 -31.68 -11.37 7.05
N VAL A 275 -30.64 -10.60 6.79
CA VAL A 275 -30.19 -9.55 7.71
C VAL A 275 -31.12 -8.33 7.65
N PRO A 276 -31.75 -8.01 8.78
CA PRO A 276 -32.68 -6.88 8.90
C PRO A 276 -32.01 -5.52 8.65
N LEU A 277 -32.59 -4.75 7.73
CA LEU A 277 -32.06 -3.43 7.39
C LEU A 277 -32.51 -2.37 8.39
N LEU A 278 -31.73 -1.30 8.46
CA LEU A 278 -32.02 -0.19 9.36
C LEU A 278 -31.38 1.09 8.84
N ASP A 279 -32.08 2.22 9.00
CA ASP A 279 -31.59 3.51 8.54
C ASP A 279 -30.41 4.06 9.35
N ASN A 280 -30.05 5.31 9.10
CA ASN A 280 -28.94 5.97 9.78
C ASN A 280 -29.13 6.10 11.29
N ASN A 281 -30.40 6.09 11.71
CA ASN A 281 -30.73 6.20 13.14
C ASN A 281 -30.89 4.83 13.79
N GLY A 282 -30.63 3.77 13.02
CA GLY A 282 -30.73 2.41 13.52
C GLY A 282 -32.13 1.88 13.73
N LYS A 283 -33.13 2.57 13.16
CA LYS A 283 -34.52 2.16 13.29
C LYS A 283 -34.87 1.13 12.22
N PHE A 284 -35.52 0.05 12.64
CA PHE A 284 -35.93 -1.02 11.73
C PHE A 284 -37.06 -0.56 10.83
N ASN A 285 -36.73 -0.35 9.55
CA ASN A 285 -37.70 0.10 8.55
C ASN A 285 -38.73 -0.96 8.18
N GLY A 286 -38.34 -2.23 8.31
CA GLY A 286 -39.27 -3.32 7.99
C GLY A 286 -38.77 -4.31 6.94
N GLN A 287 -37.76 -3.92 6.17
CA GLN A 287 -37.22 -4.77 5.12
C GLN A 287 -35.93 -5.49 5.52
N TYR A 288 -35.62 -6.57 4.81
CA TYR A 288 -34.44 -7.39 5.09
C TYR A 288 -33.41 -7.33 3.95
N GLU A 289 -32.37 -8.14 4.07
CA GLU A 289 -31.30 -8.19 3.08
C GLU A 289 -30.70 -9.59 3.03
N LEU A 290 -30.68 -10.18 1.84
CA LEU A 290 -30.14 -11.52 1.64
C LEU A 290 -28.63 -11.50 1.42
N ARG A 291 -27.91 -12.16 2.34
CA ARG A 291 -26.45 -12.22 2.27
C ARG A 291 -25.89 -13.60 2.58
N LEU A 292 -24.74 -13.90 1.99
CA LEU A 292 -24.04 -15.16 2.20
C LEU A 292 -22.82 -14.83 3.06
N MSE A 293 -22.73 -15.48 4.23
CA MSE A 293 -21.63 -15.22 5.15
C MSE A 293 -21.03 -16.51 5.71
O MSE A 293 -21.69 -17.55 5.75
CB MSE A 293 -22.10 -14.33 6.28
CG MSE A 293 -22.68 -13.01 5.80
SE MSE A 293 -23.52 -11.99 7.20
CE MSE A 293 -25.17 -12.98 7.32
N VAL A 294 -19.77 -16.43 6.13
CA VAL A 294 -19.07 -17.58 6.70
C VAL A 294 -18.62 -17.30 8.13
N ALA A 295 -18.77 -18.28 9.00
CA ALA A 295 -18.37 -18.16 10.40
C ALA A 295 -16.85 -18.30 10.49
N LEU A 296 -16.16 -17.19 10.76
CA LEU A 296 -14.70 -17.20 10.85
C LEU A 296 -14.13 -16.45 12.05
N ASP A 297 -14.95 -16.29 13.09
CA ASP A 297 -14.51 -15.59 14.29
C ASP A 297 -15.41 -15.98 15.47
N VAL A 298 -14.94 -15.67 16.68
CA VAL A 298 -15.67 -15.98 17.91
C VAL A 298 -15.82 -14.74 18.79
N GLY A 299 -16.57 -14.87 19.87
CA GLY A 299 -16.79 -13.76 20.77
C GLY A 299 -17.19 -14.24 22.15
N GLY A 300 -16.81 -13.49 23.18
CA GLY A 300 -17.14 -13.86 24.55
C GLY A 300 -18.63 -13.80 24.85
N ALA A 301 -19.31 -12.87 24.18
CA ALA A 301 -20.74 -12.69 24.36
C ALA A 301 -21.55 -13.30 23.21
N ILE A 302 -20.87 -14.07 22.36
CA ILE A 302 -21.52 -14.72 21.24
C ILE A 302 -21.70 -16.21 21.54
N LYS A 303 -22.84 -16.56 22.11
CA LYS A 303 -23.16 -17.95 22.46
C LYS A 303 -24.53 -18.36 21.95
N GLY A 304 -24.69 -19.64 21.65
CA GLY A 304 -25.95 -20.16 21.16
C GLY A 304 -26.40 -19.62 19.81
N GLN A 305 -27.71 -19.40 19.67
CA GLN A 305 -28.30 -18.89 18.44
C GLN A 305 -28.06 -17.37 18.35
N HIS A 306 -26.82 -17.00 18.09
CA HIS A 306 -26.44 -15.59 18.00
C HIS A 306 -25.23 -15.40 17.07
N PHE A 307 -25.28 -14.35 16.27
CA PHE A 307 -24.20 -14.03 15.33
C PHE A 307 -23.77 -12.58 15.43
N ALA A 308 -22.50 -12.33 15.14
CA ALA A 308 -21.94 -10.99 15.15
C ALA A 308 -21.44 -10.69 13.74
N ILE A 309 -22.24 -9.94 12.99
CA ILE A 309 -21.90 -9.58 11.61
C ILE A 309 -20.75 -8.59 11.54
N TYR A 310 -19.66 -9.01 10.89
CA TYR A 310 -18.49 -8.15 10.71
C TYR A 310 -18.84 -7.13 9.64
N GLN A 311 -19.02 -5.88 10.06
CA GLN A 311 -19.37 -4.81 9.14
C GLN A 311 -18.26 -4.35 8.22
N GLY A 312 -17.05 -4.20 8.77
CA GLY A 312 -15.93 -3.78 7.95
C GLY A 312 -14.87 -2.95 8.67
N ILE A 313 -14.28 -2.01 7.93
CA ILE A 313 -13.24 -1.14 8.47
C ILE A 313 -13.62 0.32 8.24
N GLY A 314 -13.47 1.14 9.28
CA GLY A 314 -13.78 2.56 9.16
C GLY A 314 -14.97 3.07 9.96
N PRO A 315 -15.26 4.37 9.88
CA PRO A 315 -16.36 5.06 10.58
C PRO A 315 -17.73 4.57 10.14
N GLU A 316 -17.95 4.52 8.83
CA GLU A 316 -19.22 4.08 8.26
C GLU A 316 -19.56 2.65 8.69
N ALA A 317 -18.53 1.81 8.81
CA ALA A 317 -18.71 0.43 9.22
C ALA A 317 -19.04 0.37 10.71
N GLY A 318 -18.61 1.40 11.44
CA GLY A 318 -18.87 1.49 12.87
C GLY A 318 -20.25 1.99 13.20
N HIS A 319 -20.74 2.93 12.40
CA HIS A 319 -22.07 3.49 12.59
C HIS A 319 -23.10 2.41 12.31
N ARG A 320 -22.83 1.61 11.29
CA ARG A 320 -23.70 0.51 10.87
C ARG A 320 -23.69 -0.63 11.89
N ALA A 321 -22.54 -0.87 12.51
CA ALA A 321 -22.38 -1.94 13.50
C ALA A 321 -22.96 -1.61 14.87
N GLY A 322 -22.84 -0.35 15.29
CA GLY A 322 -23.34 0.07 16.58
C GLY A 322 -24.84 -0.06 16.78
N TRP A 323 -25.59 0.03 15.68
CA TRP A 323 -27.05 -0.07 15.73
C TRP A 323 -27.58 -1.51 15.67
N TYR A 324 -26.78 -2.41 15.09
CA TYR A 324 -27.17 -3.81 14.94
C TYR A 324 -27.34 -4.65 16.21
N ASN A 325 -28.61 -4.86 16.56
CA ASN A 325 -29.01 -5.67 17.71
C ASN A 325 -30.38 -6.28 17.38
N HIS A 326 -30.56 -6.64 16.11
CA HIS A 326 -31.82 -7.19 15.62
C HIS A 326 -31.81 -8.71 15.38
N TYR A 327 -32.89 -9.20 14.78
CA TYR A 327 -33.06 -10.63 14.48
C TYR A 327 -33.31 -10.90 13.01
N GLY A 328 -33.06 -12.14 12.60
CA GLY A 328 -33.27 -12.53 11.22
C GLY A 328 -33.08 -14.03 11.02
N ARG A 329 -33.62 -14.55 9.92
CA ARG A 329 -33.51 -15.97 9.61
C ARG A 329 -32.18 -16.31 8.94
N VAL A 330 -31.71 -17.54 9.14
CA VAL A 330 -30.45 -17.99 8.55
C VAL A 330 -30.45 -19.50 8.30
N TRP A 331 -29.93 -19.89 7.14
CA TRP A 331 -29.87 -21.30 6.75
C TRP A 331 -28.42 -21.76 6.60
N VAL A 332 -28.11 -22.91 7.20
CA VAL A 332 -26.77 -23.48 7.12
C VAL A 332 -26.68 -24.34 5.86
N LEU A 333 -25.99 -23.82 4.85
CA LEU A 333 -25.83 -24.52 3.58
C LEU A 333 -24.79 -25.62 3.62
N LYS A 334 -25.23 -26.84 3.31
CA LYS A 334 -24.35 -28.01 3.30
C LYS A 334 -24.55 -28.81 2.00
N THR A 335 -23.71 -29.82 1.78
CA THR A 335 -23.79 -30.65 0.59
C THR A 335 -24.86 -31.73 0.73
N ALA A 336 -25.54 -32.02 -0.38
CA ALA A 336 -26.58 -33.03 -0.41
C ALA A 336 -25.99 -34.44 -0.44
N PRO A 337 -26.40 -35.30 0.51
CA PRO A 337 -25.94 -36.68 0.62
C PRO A 337 -26.49 -37.63 -0.45
N SER B 3 27.77 44.91 13.49
CA SER B 3 28.22 43.56 13.91
C SER B 3 27.67 42.48 12.97
N LYS B 4 28.48 41.45 12.73
CA LYS B 4 28.09 40.33 11.87
C LYS B 4 27.08 39.46 12.57
N PRO B 5 25.85 39.36 12.03
CA PRO B 5 24.79 38.54 12.61
C PRO B 5 25.06 37.05 12.56
N THR B 6 24.79 36.36 13.67
CA THR B 6 24.99 34.93 13.79
C THR B 6 23.86 34.29 14.61
N ASP B 7 22.84 35.09 14.89
CA ASP B 7 21.68 34.65 15.66
C ASP B 7 20.83 33.68 14.85
N ARG B 8 20.77 33.91 13.55
CA ARG B 8 20.00 33.07 12.63
C ARG B 8 20.78 31.79 12.34
N GLY B 9 22.00 31.94 11.83
CA GLY B 9 22.83 30.80 11.51
C GLY B 9 23.90 31.09 10.48
N GLN B 10 24.39 32.33 10.48
CA GLN B 10 25.40 32.77 9.54
C GLN B 10 26.82 32.40 9.98
N GLN B 11 27.71 32.29 8.99
CA GLN B 11 29.11 31.93 9.23
C GLN B 11 30.00 32.69 8.24
N TYR B 12 31.03 33.36 8.76
CA TYR B 12 31.94 34.14 7.93
C TYR B 12 33.39 33.67 8.12
N LYS B 13 33.90 32.90 7.17
CA LYS B 13 35.26 32.40 7.24
C LYS B 13 35.83 32.01 5.87
N ASP B 14 34.94 31.80 4.91
CA ASP B 14 35.36 31.44 3.56
C ASP B 14 35.56 32.69 2.70
N GLY B 15 35.41 33.86 3.32
CA GLY B 15 35.57 35.11 2.61
C GLY B 15 34.33 35.59 1.89
N LYS B 16 34.49 36.62 1.06
CA LYS B 16 33.38 37.17 0.29
C LYS B 16 33.48 36.69 -1.15
N PHE B 17 32.33 36.31 -1.70
CA PHE B 17 32.26 35.79 -3.07
C PHE B 17 31.61 36.81 -4.01
N THR B 18 32.30 37.11 -5.11
CA THR B 18 31.80 38.05 -6.10
C THR B 18 30.94 37.36 -7.15
N GLN B 19 31.42 36.22 -7.65
CA GLN B 19 30.69 35.45 -8.66
C GLN B 19 29.51 34.76 -8.00
N PRO B 20 28.38 34.63 -8.71
CA PRO B 20 27.19 33.97 -8.15
C PRO B 20 27.49 32.52 -7.76
N PHE B 21 28.52 31.96 -8.37
CA PHE B 21 28.98 30.60 -8.11
C PHE B 21 30.50 30.60 -8.15
N SER B 22 31.12 30.52 -6.97
CA SER B 22 32.58 30.51 -6.85
C SER B 22 33.14 29.10 -6.86
N LEU B 23 34.00 28.81 -7.84
CA LEU B 23 34.61 27.49 -7.97
C LEU B 23 35.65 27.16 -6.89
N VAL B 24 35.17 26.58 -5.80
CA VAL B 24 36.03 26.17 -4.70
C VAL B 24 36.30 24.68 -4.84
N ASN B 25 37.58 24.30 -4.86
CA ASN B 25 37.97 22.91 -5.00
C ASN B 25 37.27 21.99 -3.99
N GLN B 26 37.68 22.10 -2.72
CA GLN B 26 37.08 21.30 -1.67
C GLN B 26 36.10 22.17 -0.87
N PRO B 27 34.85 21.73 -0.75
CA PRO B 27 33.86 22.50 0.01
C PRO B 27 34.14 22.49 1.51
N ASP B 28 33.67 23.52 2.21
CA ASP B 28 33.87 23.64 3.67
C ASP B 28 32.88 22.75 4.41
N ALA B 29 32.99 21.44 4.17
CA ALA B 29 32.12 20.45 4.78
C ALA B 29 32.64 20.00 6.15
N VAL B 30 31.70 19.65 7.02
CA VAL B 30 32.03 19.19 8.37
C VAL B 30 32.39 17.71 8.42
N GLY B 31 32.01 16.96 7.38
CA GLY B 31 32.30 15.54 7.33
C GLY B 31 31.92 14.88 6.03
N ALA B 32 30.86 14.09 6.04
CA ALA B 32 30.40 13.39 4.85
C ALA B 32 28.87 13.42 4.74
N PRO B 33 28.33 13.24 3.52
CA PRO B 33 26.89 13.24 3.25
C PRO B 33 26.14 12.20 4.09
N ILE B 34 25.26 12.70 4.96
CA ILE B 34 24.48 11.83 5.84
C ILE B 34 23.24 11.25 5.17
N ASN B 35 22.99 11.68 3.93
CA ASN B 35 21.83 11.19 3.17
C ASN B 35 22.24 10.51 1.87
N ALA B 36 23.20 9.60 1.96
CA ALA B 36 23.68 8.86 0.79
C ALA B 36 22.54 8.04 0.20
N GLY B 37 21.78 7.38 1.05
CA GLY B 37 20.65 6.58 0.61
C GLY B 37 19.49 7.40 0.10
N ASP B 38 19.28 8.57 0.69
CA ASP B 38 18.20 9.47 0.29
C ASP B 38 18.50 10.11 -1.06
N PHE B 39 19.75 10.50 -1.26
CA PHE B 39 20.18 11.12 -2.51
C PHE B 39 20.13 10.12 -3.67
N ALA B 40 20.65 8.91 -3.43
CA ALA B 40 20.66 7.86 -4.44
C ALA B 40 19.23 7.56 -4.88
N GLU B 41 18.32 7.54 -3.90
CA GLU B 41 16.91 7.29 -4.13
C GLU B 41 16.32 8.42 -4.97
N GLN B 42 16.71 9.65 -4.66
CA GLN B 42 16.25 10.82 -5.37
C GLN B 42 16.65 10.76 -6.84
N ILE B 43 17.88 10.30 -7.09
CA ILE B 43 18.40 10.19 -8.44
C ILE B 43 17.62 9.14 -9.23
N ASN B 44 17.30 8.03 -8.56
CA ASN B 44 16.55 6.95 -9.18
C ASN B 44 15.12 7.39 -9.52
N HIS B 45 14.62 8.35 -8.74
CA HIS B 45 13.27 8.90 -8.95
C HIS B 45 13.24 9.79 -10.19
N ILE B 46 14.29 10.61 -10.35
CA ILE B 46 14.41 11.52 -11.49
C ILE B 46 14.65 10.69 -12.75
N ARG B 47 15.35 9.57 -12.58
CA ARG B 47 15.69 8.66 -13.67
C ARG B 47 14.43 8.03 -14.27
N ASN B 48 13.49 7.67 -13.41
CA ASN B 48 12.25 7.03 -13.82
C ASN B 48 11.06 7.97 -14.04
N SER B 49 11.13 9.17 -13.46
CA SER B 49 10.05 10.15 -13.59
C SER B 49 10.31 11.28 -14.58
N SER B 50 11.59 11.58 -14.80
CA SER B 50 11.97 12.63 -15.73
C SER B 50 13.15 12.15 -16.58
N PRO B 51 12.88 11.32 -17.59
CA PRO B 51 13.87 10.74 -18.50
C PRO B 51 14.83 11.72 -19.17
N ARG B 52 14.31 12.86 -19.64
CA ARG B 52 15.16 13.84 -20.30
C ARG B 52 15.97 14.71 -19.35
N LEU B 53 15.38 15.04 -18.19
CA LEU B 53 16.07 15.86 -17.20
C LEU B 53 17.25 15.05 -16.63
N TYR B 54 17.03 13.75 -16.45
CA TYR B 54 18.05 12.84 -15.95
C TYR B 54 19.12 12.62 -17.02
N GLY B 55 18.68 12.57 -18.28
CA GLY B 55 19.61 12.34 -19.39
C GLY B 55 20.74 13.34 -19.50
N ASN B 56 20.47 14.59 -19.11
CA ASN B 56 21.48 15.65 -19.16
C ASN B 56 22.39 15.66 -17.92
N GLN B 57 21.78 15.54 -16.75
CA GLN B 57 22.52 15.56 -15.49
C GLN B 57 23.02 14.19 -15.05
N SER B 58 22.81 13.17 -15.90
CA SER B 58 23.24 11.80 -15.59
C SER B 58 24.73 11.68 -15.31
N ASN B 59 25.53 12.49 -16.00
CA ASN B 59 26.97 12.48 -15.82
C ASN B 59 27.34 12.86 -14.40
N VAL B 60 26.73 13.94 -13.92
CA VAL B 60 26.97 14.44 -12.56
C VAL B 60 26.45 13.45 -11.53
N TYR B 61 25.25 12.91 -11.77
CA TYR B 61 24.62 11.95 -10.87
C TYR B 61 25.47 10.69 -10.66
N ASN B 62 26.01 10.15 -11.75
CA ASN B 62 26.83 8.95 -11.68
C ASN B 62 28.19 9.27 -11.03
N ALA B 63 28.62 10.52 -11.14
CA ALA B 63 29.89 10.97 -10.56
C ALA B 63 29.79 11.12 -9.05
N VAL B 64 28.74 11.81 -8.59
CA VAL B 64 28.54 12.03 -7.16
C VAL B 64 28.19 10.74 -6.41
N GLN B 65 27.56 9.80 -7.11
CA GLN B 65 27.20 8.51 -6.51
C GLN B 65 28.43 7.63 -6.34
N GLU B 66 29.36 7.72 -7.29
CA GLU B 66 30.59 6.95 -7.23
C GLU B 66 31.48 7.57 -6.16
N TRP B 67 31.33 8.88 -5.96
CA TRP B 67 32.07 9.62 -4.94
C TRP B 67 31.55 9.17 -3.58
N LEU B 68 30.22 9.10 -3.47
CA LEU B 68 29.56 8.67 -2.24
C LEU B 68 29.97 7.24 -1.90
N ARG B 69 30.25 6.46 -2.95
CA ARG B 69 30.67 5.07 -2.81
C ARG B 69 32.05 5.04 -2.17
N ALA B 70 32.90 5.99 -2.55
CA ALA B 70 34.26 6.10 -2.03
C ALA B 70 34.28 6.57 -0.57
N GLY B 71 33.15 6.43 0.12
CA GLY B 71 33.05 6.85 1.50
C GLY B 71 32.59 8.28 1.67
N GLY B 72 32.25 8.93 0.54
CA GLY B 72 31.79 10.31 0.56
C GLY B 72 32.87 11.26 1.07
N ASP B 73 34.08 11.11 0.53
CA ASP B 73 35.20 11.95 0.93
C ASP B 73 35.16 13.31 0.23
N THR B 74 34.69 14.31 0.97
CA THR B 74 34.56 15.68 0.46
C THR B 74 35.86 16.28 -0.08
N ARG B 75 36.97 15.62 0.21
CA ARG B 75 38.28 16.09 -0.25
C ARG B 75 38.73 15.37 -1.52
N ASN B 76 38.45 14.07 -1.59
CA ASN B 76 38.84 13.25 -2.74
C ASN B 76 37.84 13.30 -3.89
N MSE B 77 36.82 14.14 -3.79
CA MSE B 77 35.81 14.25 -4.84
C MSE B 77 36.35 14.82 -6.15
O MSE B 77 35.71 14.68 -7.21
CB MSE B 77 34.60 15.07 -4.37
CG MSE B 77 34.92 16.48 -3.91
SE MSE B 77 33.31 17.45 -3.47
CE MSE B 77 33.23 18.61 -5.01
N ARG B 78 37.52 15.44 -6.09
CA ARG B 78 38.16 16.02 -7.27
C ARG B 78 38.65 14.94 -8.24
N GLN B 79 38.90 13.74 -7.71
CA GLN B 79 39.35 12.61 -8.51
C GLN B 79 38.25 12.18 -9.48
N PHE B 80 37.01 12.41 -9.08
CA PHE B 80 35.85 12.05 -9.89
C PHE B 80 35.46 13.19 -10.82
N GLY B 81 36.26 14.26 -10.80
CA GLY B 81 36.00 15.41 -11.66
C GLY B 81 34.86 16.29 -11.20
N ILE B 82 34.45 16.12 -9.94
CA ILE B 82 33.36 16.90 -9.39
C ILE B 82 33.84 18.28 -8.95
N ASP B 83 33.40 19.31 -9.68
CA ASP B 83 33.78 20.68 -9.38
C ASP B 83 32.71 21.33 -8.52
N ALA B 84 33.13 21.87 -7.37
CA ALA B 84 32.22 22.53 -6.45
C ALA B 84 32.14 24.03 -6.67
N TRP B 85 30.94 24.52 -6.97
CA TRP B 85 30.71 25.94 -7.20
C TRP B 85 29.88 26.54 -6.07
N GLN B 86 30.56 27.05 -5.05
CA GLN B 86 29.89 27.65 -3.90
C GLN B 86 29.09 28.90 -4.28
N MSE B 87 27.82 28.91 -3.88
CA MSE B 87 26.93 30.02 -4.15
C MSE B 87 27.34 31.22 -3.30
O MSE B 87 27.74 31.07 -2.15
CB MSE B 87 25.49 29.62 -3.84
CG MSE B 87 25.04 28.38 -4.60
SE MSE B 87 23.25 27.79 -4.20
CE MSE B 87 22.29 29.19 -5.13
N GLU B 88 27.26 32.42 -3.89
CA GLU B 88 27.62 33.65 -3.20
C GLU B 88 26.77 33.89 -1.94
N GLY B 89 25.50 33.54 -2.03
CA GLY B 89 24.60 33.74 -0.89
C GLY B 89 23.89 35.08 -0.98
N ALA B 90 22.89 35.26 -0.13
CA ALA B 90 22.11 36.50 -0.10
C ALA B 90 22.96 37.68 0.39
N ASP B 91 23.94 37.38 1.23
CA ASP B 91 24.84 38.39 1.80
C ASP B 91 26.20 38.43 1.12
N ASN B 92 26.38 37.54 0.14
CA ASN B 92 27.63 37.42 -0.62
C ASN B 92 28.79 36.89 0.24
N TYR B 93 28.45 36.20 1.33
CA TYR B 93 29.43 35.62 2.24
C TYR B 93 29.34 34.09 2.29
N GLY B 94 28.50 33.53 1.41
CA GLY B 94 28.33 32.08 1.37
C GLY B 94 27.10 31.59 2.11
N ASN B 95 26.49 32.48 2.89
CA ASN B 95 25.30 32.13 3.67
C ASN B 95 24.02 32.34 2.87
N VAL B 96 23.22 31.27 2.77
CA VAL B 96 21.96 31.31 2.04
C VAL B 96 20.77 30.98 2.93
N GLN B 97 19.65 31.66 2.70
CA GLN B 97 18.41 31.45 3.45
C GLN B 97 17.85 30.05 3.23
N PHE B 98 17.43 29.43 4.32
CA PHE B 98 16.86 28.08 4.26
C PHE B 98 15.51 27.99 4.95
N THR B 99 14.46 27.81 4.15
CA THR B 99 13.12 27.66 4.69
C THR B 99 12.70 26.20 4.50
N GLY B 100 11.49 25.85 4.90
CA GLY B 100 11.05 24.47 4.75
C GLY B 100 9.56 24.27 4.60
N TYR B 101 9.20 23.17 3.95
CA TYR B 101 7.81 22.81 3.74
C TYR B 101 7.67 21.30 3.77
N TYR B 102 6.47 20.81 4.00
CA TYR B 102 6.23 19.37 4.07
C TYR B 102 4.88 18.97 3.47
N THR B 103 4.56 17.69 3.56
CA THR B 103 3.32 17.15 3.05
C THR B 103 2.48 16.67 4.22
N PRO B 104 1.48 17.48 4.64
CA PRO B 104 0.61 17.14 5.76
C PRO B 104 -0.44 16.09 5.43
N VAL B 105 -0.74 15.23 6.40
CA VAL B 105 -1.75 14.20 6.25
C VAL B 105 -3.01 14.70 6.94
N ILE B 106 -4.02 15.05 6.16
CA ILE B 106 -5.27 15.57 6.71
C ILE B 106 -6.40 14.55 6.76
N GLN B 107 -7.06 14.48 7.91
CA GLN B 107 -8.17 13.56 8.12
C GLN B 107 -9.44 14.18 7.53
N ALA B 108 -10.10 13.43 6.67
CA ALA B 108 -11.32 13.92 6.02
C ALA B 108 -12.30 12.81 5.65
N ARG B 109 -13.48 13.23 5.19
CA ARG B 109 -14.54 12.32 4.77
C ARG B 109 -15.12 12.83 3.45
N HIS B 110 -15.72 11.93 2.67
CA HIS B 110 -16.32 12.30 1.39
C HIS B 110 -17.56 13.16 1.57
N THR B 111 -18.26 12.95 2.68
CA THR B 111 -19.47 13.70 3.01
C THR B 111 -19.33 14.36 4.38
N ARG B 112 -19.88 15.56 4.54
CA ARG B 112 -19.79 16.28 5.81
C ARG B 112 -20.57 15.58 6.93
N GLN B 113 -19.88 15.39 8.05
CA GLN B 113 -20.47 14.73 9.21
C GLN B 113 -19.65 14.99 10.47
N GLY B 114 -20.33 15.38 11.54
CA GLY B 114 -19.67 15.65 12.80
C GLY B 114 -18.69 16.81 12.77
N GLU B 115 -17.42 16.50 13.02
CA GLU B 115 -16.36 17.50 13.03
C GLU B 115 -15.88 17.86 11.62
N PHE B 116 -16.20 17.00 10.66
CA PHE B 116 -15.81 17.21 9.27
C PHE B 116 -16.79 18.13 8.55
N GLN B 117 -16.50 19.43 8.58
CA GLN B 117 -17.36 20.43 7.94
C GLN B 117 -16.57 21.43 7.10
N TYR B 118 -15.30 21.15 6.84
CA TYR B 118 -14.45 22.06 6.08
C TYR B 118 -14.04 21.49 4.72
N PRO B 119 -14.69 21.96 3.64
CA PRO B 119 -14.47 21.56 2.24
C PRO B 119 -13.10 21.84 1.64
N ILE B 120 -12.64 20.91 0.83
CA ILE B 120 -11.37 20.99 0.11
C ILE B 120 -11.80 20.98 -1.35
N TYR B 121 -11.54 22.07 -2.06
CA TYR B 121 -11.96 22.20 -3.46
C TYR B 121 -10.94 21.82 -4.53
N ARG B 122 -11.48 21.47 -5.70
CA ARG B 122 -10.70 21.11 -6.87
C ARG B 122 -10.77 22.27 -7.86
N MSE B 123 -10.11 22.12 -9.02
CA MSE B 123 -10.08 23.14 -10.05
C MSE B 123 -11.45 23.43 -10.69
O MSE B 123 -11.99 22.58 -11.40
CB MSE B 123 -9.08 22.78 -11.15
CG MSE B 123 -7.66 23.30 -10.91
SE MSE B 123 -7.47 25.18 -11.32
CE MSE B 123 -6.85 25.02 -13.14
N PRO B 124 -12.01 24.62 -10.43
CA PRO B 124 -13.30 25.05 -10.98
C PRO B 124 -13.08 25.74 -12.32
N PRO B 125 -14.16 26.18 -13.00
CA PRO B 125 -14.01 26.85 -14.30
C PRO B 125 -13.27 28.19 -14.20
N LYS B 126 -13.09 28.83 -15.35
CA LYS B 126 -12.38 30.11 -15.43
C LYS B 126 -12.93 31.20 -14.51
N ARG B 127 -14.24 31.42 -14.57
CA ARG B 127 -14.87 32.45 -13.75
C ARG B 127 -15.09 32.06 -12.29
N GLY B 128 -14.91 30.77 -11.99
CA GLY B 128 -15.07 30.29 -10.63
C GLY B 128 -13.80 30.50 -9.82
N ARG B 129 -12.69 30.72 -10.52
CA ARG B 129 -11.39 30.94 -9.91
C ARG B 129 -11.13 32.39 -9.50
N LEU B 130 -12.13 33.25 -9.71
CA LEU B 130 -12.01 34.67 -9.37
C LEU B 130 -12.29 34.92 -7.88
N SER B 131 -13.14 34.08 -7.30
CA SER B 131 -13.52 34.20 -5.89
C SER B 131 -12.37 34.11 -4.90
N SER B 132 -12.42 34.97 -3.89
CA SER B 132 -11.40 35.00 -2.84
C SER B 132 -11.71 33.97 -1.75
N ARG B 133 -10.74 33.74 -0.87
CA ARG B 133 -10.89 32.77 0.22
C ARG B 133 -12.12 33.03 1.09
N ALA B 134 -12.31 34.29 1.50
CA ALA B 134 -13.43 34.68 2.33
C ALA B 134 -14.78 34.36 1.71
N GLU B 135 -14.87 34.56 0.40
CA GLU B 135 -16.10 34.29 -0.35
C GLU B 135 -16.33 32.80 -0.51
N ILE B 136 -15.24 32.05 -0.69
CA ILE B 136 -15.33 30.60 -0.84
C ILE B 136 -15.76 29.97 0.48
N TYR B 137 -15.35 30.58 1.59
CA TYR B 137 -15.72 30.12 2.92
C TYR B 137 -17.22 30.30 3.11
N ALA B 138 -17.75 31.38 2.53
CA ALA B 138 -19.16 31.70 2.62
C ALA B 138 -20.00 30.93 1.60
N GLY B 139 -19.33 30.28 0.65
CA GLY B 139 -20.02 29.49 -0.35
C GLY B 139 -20.06 30.00 -1.78
N ALA B 140 -18.98 30.64 -2.23
CA ALA B 140 -18.92 31.17 -3.59
C ALA B 140 -18.85 30.08 -4.67
N LEU B 141 -18.30 28.93 -4.30
CA LEU B 141 -18.18 27.80 -5.23
C LEU B 141 -19.26 26.75 -5.02
N SER B 142 -19.62 26.08 -6.11
CA SER B 142 -20.65 25.03 -6.06
C SER B 142 -20.12 23.81 -5.31
N ASP B 143 -21.04 23.06 -4.70
CA ASP B 143 -20.68 21.88 -3.92
C ASP B 143 -20.13 20.72 -4.75
N LYS B 144 -20.29 20.80 -6.07
CA LYS B 144 -19.79 19.74 -6.95
C LYS B 144 -18.29 19.83 -7.18
N TYR B 145 -17.68 20.91 -6.69
CA TYR B 145 -16.24 21.11 -6.82
C TYR B 145 -15.50 20.74 -5.53
N ILE B 146 -16.25 20.20 -4.57
CA ILE B 146 -15.69 19.77 -3.30
C ILE B 146 -15.16 18.34 -3.43
N LEU B 147 -13.99 18.10 -2.86
CA LEU B 147 -13.35 16.78 -2.91
C LEU B 147 -13.51 16.02 -1.60
N ALA B 148 -13.44 16.75 -0.49
CA ALA B 148 -13.57 16.15 0.84
C ALA B 148 -13.83 17.21 1.90
N TYR B 149 -14.19 16.75 3.10
CA TYR B 149 -14.47 17.63 4.23
C TYR B 149 -13.54 17.26 5.39
N SER B 150 -12.66 18.18 5.77
CA SER B 150 -11.72 17.93 6.87
C SER B 150 -12.29 18.33 8.22
N ASN B 151 -11.56 17.98 9.28
CA ASN B 151 -11.97 18.30 10.64
C ASN B 151 -11.26 19.53 11.22
N SER B 152 -10.59 20.29 10.35
CA SER B 152 -9.88 21.48 10.78
C SER B 152 -9.68 22.48 9.64
N LEU B 153 -10.05 23.73 9.89
CA LEU B 153 -9.92 24.79 8.91
C LEU B 153 -8.46 25.22 8.83
N MSE B 154 -7.74 25.05 9.94
CA MSE B 154 -6.32 25.40 10.02
C MSE B 154 -5.49 24.42 9.19
O MSE B 154 -4.53 24.83 8.54
CB MSE B 154 -5.86 25.39 11.49
CG MSE B 154 -4.42 25.81 11.69
SE MSE B 154 -4.04 27.55 10.96
CE MSE B 154 -4.75 28.65 12.38
N ASP B 155 -5.85 23.14 9.23
CA ASP B 155 -5.15 22.12 8.48
C ASP B 155 -5.26 22.38 6.99
N ASN B 156 -6.46 22.76 6.55
CA ASN B 156 -6.72 23.07 5.15
C ASN B 156 -5.91 24.28 4.72
N PHE B 157 -5.75 25.22 5.65
CA PHE B 157 -4.99 26.44 5.38
C PHE B 157 -3.50 26.14 5.28
N ILE B 158 -3.01 25.29 6.18
CA ILE B 158 -1.59 24.91 6.19
C ILE B 158 -1.27 24.12 4.92
N MSE B 159 -2.15 23.19 4.56
CA MSE B 159 -1.98 22.38 3.36
C MSE B 159 -2.00 23.30 2.14
O MSE B 159 -1.30 23.07 1.16
CB MSE B 159 -3.12 21.36 3.26
CG MSE B 159 -3.17 20.58 1.96
SE MSE B 159 -4.68 19.38 1.87
CE MSE B 159 -6.10 20.69 1.88
N ASP B 160 -2.82 24.34 2.23
CA ASP B 160 -2.97 25.34 1.17
C ASP B 160 -1.63 26.03 0.96
N VAL B 161 -0.96 26.35 2.06
CA VAL B 161 0.34 27.02 2.03
C VAL B 161 1.44 26.08 1.54
N GLN B 162 1.37 24.81 1.94
CA GLN B 162 2.37 23.83 1.54
C GLN B 162 2.31 23.51 0.04
N GLY B 163 1.13 23.67 -0.54
CA GLY B 163 0.96 23.39 -1.96
C GLY B 163 0.25 22.09 -2.24
N SER B 164 0.32 21.15 -1.28
CA SER B 164 -0.30 19.85 -1.43
C SER B 164 -0.37 19.10 -0.10
N GLY B 165 -0.89 17.88 -0.13
CA GLY B 165 -0.99 17.08 1.07
C GLY B 165 -1.78 15.80 0.86
N TYR B 166 -1.48 14.80 1.70
CA TYR B 166 -2.17 13.51 1.65
C TYR B 166 -3.48 13.59 2.41
N ILE B 167 -4.51 12.95 1.86
CA ILE B 167 -5.83 12.94 2.49
C ILE B 167 -6.14 11.54 2.99
N ASP B 168 -6.26 11.41 4.31
CA ASP B 168 -6.57 10.15 4.95
C ASP B 168 -8.06 10.09 5.26
N PHE B 169 -8.78 9.19 4.60
CA PHE B 169 -10.23 9.06 4.80
C PHE B 169 -10.59 8.18 6.01
N GLY B 170 -9.57 7.61 6.65
CA GLY B 170 -9.77 6.77 7.82
C GLY B 170 -10.75 5.62 7.68
N ASP B 171 -10.79 5.03 6.49
CA ASP B 171 -11.70 3.91 6.23
C ASP B 171 -10.97 2.66 5.74
N GLY B 172 -9.64 2.77 5.64
CA GLY B 172 -8.84 1.65 5.18
C GLY B 172 -8.15 1.93 3.86
N SER B 173 -8.81 2.71 3.01
CA SER B 173 -8.26 3.06 1.70
C SER B 173 -6.98 3.87 1.83
N PRO B 174 -6.06 3.72 0.86
CA PRO B 174 -4.77 4.42 0.84
C PRO B 174 -4.92 5.94 0.83
N LEU B 175 -3.89 6.64 1.28
CA LEU B 175 -3.90 8.11 1.32
C LEU B 175 -3.87 8.67 -0.09
N ASN B 176 -4.81 9.57 -0.38
CA ASN B 176 -4.92 10.19 -1.70
C ASN B 176 -4.12 11.50 -1.72
N PHE B 177 -3.17 11.60 -2.64
CA PHE B 177 -2.35 12.79 -2.77
C PHE B 177 -3.03 13.91 -3.55
N PHE B 178 -3.37 14.99 -2.87
CA PHE B 178 -4.00 16.14 -3.49
C PHE B 178 -2.93 17.11 -3.97
N SER B 179 -2.51 16.95 -5.22
CA SER B 179 -1.47 17.79 -5.81
C SER B 179 -1.95 19.21 -6.14
N TYR B 180 -0.99 20.12 -6.28
CA TYR B 180 -1.27 21.51 -6.61
C TYR B 180 -1.83 21.57 -8.04
N ALA B 181 -3.12 21.85 -8.14
CA ALA B 181 -3.79 21.93 -9.44
C ALA B 181 -3.90 23.36 -9.95
N GLY B 182 -4.02 24.30 -9.03
CA GLY B 182 -4.14 25.70 -9.40
C GLY B 182 -4.39 26.60 -8.22
N LYS B 183 -4.68 27.87 -8.49
CA LYS B 183 -4.94 28.85 -7.44
C LYS B 183 -5.98 29.86 -7.93
N ASN B 184 -6.46 30.70 -7.02
CA ASN B 184 -7.44 31.72 -7.39
C ASN B 184 -6.77 33.00 -7.90
N GLY B 185 -7.59 33.98 -8.30
CA GLY B 185 -7.05 35.23 -8.82
C GLY B 185 -6.72 36.29 -7.78
N HIS B 186 -6.21 35.86 -6.63
CA HIS B 186 -5.85 36.79 -5.55
C HIS B 186 -4.45 36.52 -5.03
N ALA B 187 -3.70 37.60 -4.80
CA ALA B 187 -2.33 37.52 -4.30
C ALA B 187 -2.25 37.02 -2.86
N TYR B 188 -1.20 36.24 -2.57
CA TYR B 188 -0.98 35.69 -1.25
C TYR B 188 -0.49 36.74 -0.25
N ARG B 189 -1.00 36.63 0.97
CA ARG B 189 -0.63 37.53 2.06
C ARG B 189 -0.41 36.71 3.32
N SER B 190 0.81 36.75 3.85
CA SER B 190 1.19 36.00 5.05
C SER B 190 0.35 36.34 6.27
N ILE B 191 -0.05 35.29 7.00
CA ILE B 191 -0.86 35.42 8.21
C ILE B 191 0.01 35.72 9.42
N GLY B 192 1.29 35.33 9.34
CA GLY B 192 2.22 35.57 10.42
C GLY B 192 2.36 37.07 10.70
N LYS B 193 2.35 37.86 9.64
CA LYS B 193 2.44 39.31 9.73
C LYS B 193 1.20 39.89 10.41
N VAL B 194 0.04 39.40 10.00
CA VAL B 194 -1.24 39.83 10.54
C VAL B 194 -1.33 39.63 12.05
N LEU B 195 -0.77 38.54 12.54
CA LEU B 195 -0.77 38.20 13.96
C LEU B 195 0.09 39.17 14.79
N ILE B 196 1.25 39.50 14.26
CA ILE B 196 2.17 40.42 14.93
C ILE B 196 1.57 41.82 14.95
N ASP B 197 1.04 42.24 13.80
CA ASP B 197 0.42 43.56 13.64
C ASP B 197 -0.87 43.69 14.44
N ARG B 198 -1.57 42.57 14.62
CA ARG B 198 -2.82 42.54 15.37
C ARG B 198 -2.56 42.79 16.85
N GLY B 199 -1.38 42.39 17.31
CA GLY B 199 -1.01 42.60 18.71
C GLY B 199 -1.08 41.35 19.56
N GLU B 200 -1.59 40.26 18.99
CA GLU B 200 -1.71 38.99 19.72
C GLU B 200 -0.37 38.26 19.83
N VAL B 201 0.21 37.94 18.68
CA VAL B 201 1.50 37.25 18.63
C VAL B 201 2.64 38.27 18.61
N LYS B 202 3.77 37.88 19.20
CA LYS B 202 4.95 38.76 19.26
C LYS B 202 5.74 38.74 17.96
N LYS B 203 6.63 39.72 17.81
CA LYS B 203 7.47 39.88 16.63
C LYS B 203 8.36 38.67 16.34
N GLU B 204 9.42 38.53 17.13
CA GLU B 204 10.38 37.44 16.96
C GLU B 204 9.78 36.08 17.36
N ASP B 205 8.71 36.13 18.16
CA ASP B 205 8.04 34.92 18.62
C ASP B 205 6.98 34.44 17.63
N MSE B 206 7.39 34.27 16.38
CA MSE B 206 6.49 33.81 15.33
C MSE B 206 6.99 32.48 14.77
O MSE B 206 8.20 32.28 14.58
CB MSE B 206 6.40 34.85 14.20
CG MSE B 206 5.45 34.47 13.06
SE MSE B 206 3.56 34.66 13.47
CE MSE B 206 3.21 32.95 14.26
N SER B 207 6.06 31.57 14.51
CA SER B 207 6.37 30.26 13.95
C SER B 207 5.08 29.61 13.44
N MSE B 208 5.22 28.61 12.59
CA MSE B 208 4.07 27.91 12.04
C MSE B 208 3.39 27.09 13.13
O MSE B 208 2.24 26.66 12.99
CB MSE B 208 4.50 27.01 10.87
CG MSE B 208 3.40 26.73 9.84
SE MSE B 208 2.67 28.35 9.05
CE MSE B 208 4.26 29.05 8.22
N GLN B 209 4.13 26.89 14.22
CA GLN B 209 3.62 26.15 15.38
C GLN B 209 2.70 27.06 16.19
N ALA B 210 3.13 28.31 16.37
CA ALA B 210 2.36 29.30 17.11
C ALA B 210 1.02 29.56 16.44
N ILE B 211 1.00 29.43 15.10
CA ILE B 211 -0.22 29.64 14.33
C ILE B 211 -1.20 28.51 14.62
N ARG B 212 -0.70 27.27 14.62
CA ARG B 212 -1.53 26.10 14.90
C ARG B 212 -2.06 26.14 16.33
N HIS B 213 -1.21 26.57 17.27
CA HIS B 213 -1.59 26.68 18.67
C HIS B 213 -2.62 27.79 18.84
N TRP B 214 -2.43 28.89 18.11
CA TRP B 214 -3.34 30.03 18.16
C TRP B 214 -4.73 29.59 17.71
N GLY B 215 -4.78 28.78 16.65
CA GLY B 215 -6.04 28.29 16.12
C GLY B 215 -6.80 27.41 17.09
N GLU B 216 -6.07 26.72 17.97
CA GLU B 216 -6.68 25.84 18.96
C GLU B 216 -7.11 26.63 20.20
N THR B 217 -6.47 27.79 20.41
CA THR B 217 -6.77 28.65 21.55
C THR B 217 -8.02 29.50 21.28
N HIS B 218 -8.22 29.88 20.02
CA HIS B 218 -9.37 30.69 19.62
C HIS B 218 -10.48 29.89 18.95
N SER B 219 -11.67 30.50 18.89
CA SER B 219 -12.84 29.87 18.29
C SER B 219 -12.82 29.83 16.77
N GLU B 220 -13.77 29.07 16.21
CA GLU B 220 -13.91 28.91 14.77
C GLU B 220 -14.10 30.24 14.04
N ALA B 221 -14.90 31.12 14.63
CA ALA B 221 -15.18 32.44 14.05
C ALA B 221 -13.94 33.31 14.04
N GLU B 222 -13.10 33.16 15.06
CA GLU B 222 -11.87 33.93 15.19
C GLU B 222 -10.77 33.39 14.28
N VAL B 223 -10.78 32.08 14.07
CA VAL B 223 -9.79 31.42 13.20
C VAL B 223 -10.11 31.75 11.74
N ARG B 224 -11.37 31.59 11.36
CA ARG B 224 -11.84 31.86 10.00
C ARG B 224 -11.53 33.30 9.61
N GLU B 225 -11.81 34.23 10.50
CA GLU B 225 -11.57 35.66 10.27
C GLU B 225 -10.09 35.92 9.96
N LEU B 226 -9.21 35.27 10.73
CA LEU B 226 -7.78 35.43 10.55
C LEU B 226 -7.31 34.84 9.22
N LEU B 227 -7.76 33.64 8.91
CA LEU B 227 -7.39 32.96 7.68
C LEU B 227 -7.89 33.69 6.44
N GLU B 228 -8.96 34.46 6.60
CA GLU B 228 -9.55 35.22 5.49
C GLU B 228 -8.68 36.41 5.10
N GLN B 229 -7.70 36.74 5.94
CA GLN B 229 -6.79 37.86 5.67
C GLN B 229 -5.87 37.51 4.50
N ASN B 230 -5.92 36.25 4.09
CA ASN B 230 -5.15 35.74 2.96
C ASN B 230 -6.19 35.43 1.89
N PRO B 231 -6.42 36.37 0.95
CA PRO B 231 -7.38 36.21 -0.14
C PRO B 231 -7.09 35.09 -1.13
N SER B 232 -5.86 34.58 -1.09
CA SER B 232 -5.44 33.49 -1.98
C SER B 232 -6.00 32.14 -1.53
N PHE B 233 -6.34 31.30 -2.51
CA PHE B 233 -6.89 29.97 -2.24
C PHE B 233 -6.40 28.98 -3.29
N VAL B 234 -5.86 27.85 -2.82
CA VAL B 234 -5.33 26.81 -3.70
C VAL B 234 -6.32 25.67 -3.97
N PHE B 235 -6.34 25.22 -5.21
CA PHE B 235 -7.19 24.12 -5.65
C PHE B 235 -6.33 22.89 -5.89
N PHE B 236 -6.84 21.72 -5.52
CA PHE B 236 -6.08 20.48 -5.64
C PHE B 236 -6.64 19.47 -6.64
N LYS B 237 -5.83 18.47 -6.95
CA LYS B 237 -6.20 17.39 -7.86
C LYS B 237 -5.72 16.07 -7.28
N PRO B 238 -6.65 15.21 -6.87
CA PRO B 238 -6.34 13.90 -6.29
C PRO B 238 -5.59 12.98 -7.25
N GLN B 239 -4.44 12.48 -6.79
CA GLN B 239 -3.61 11.58 -7.57
C GLN B 239 -3.82 10.13 -7.19
N SER B 240 -4.65 9.91 -6.17
CA SER B 240 -4.97 8.57 -5.70
C SER B 240 -3.76 7.74 -5.29
N PHE B 241 -3.21 8.05 -4.12
CA PHE B 241 -2.04 7.36 -3.58
C PHE B 241 -0.83 7.39 -4.50
N ALA B 242 -0.36 8.59 -4.79
CA ALA B 242 0.81 8.78 -5.65
C ALA B 242 1.90 9.44 -4.81
N PRO B 243 3.17 9.26 -5.20
CA PRO B 243 4.26 9.88 -4.45
C PRO B 243 4.19 11.41 -4.53
N VAL B 244 4.70 12.07 -3.50
CA VAL B 244 4.69 13.54 -3.47
C VAL B 244 5.56 14.12 -4.59
N LYS B 245 4.91 14.77 -5.54
CA LYS B 245 5.60 15.37 -6.68
C LYS B 245 5.49 16.89 -6.64
N GLY B 246 6.52 17.57 -7.11
CA GLY B 246 6.52 19.01 -7.15
C GLY B 246 6.29 19.54 -8.54
N ALA B 247 6.90 20.68 -8.86
CA ALA B 247 6.77 21.30 -10.17
C ALA B 247 7.43 20.49 -11.29
N SER B 248 8.53 19.82 -10.96
CA SER B 248 9.27 19.01 -11.93
C SER B 248 8.62 17.66 -12.19
N ALA B 249 7.53 17.38 -11.48
CA ALA B 249 6.78 16.12 -11.62
C ALA B 249 7.63 14.91 -11.24
N VAL B 250 8.51 15.10 -10.27
CA VAL B 250 9.38 14.03 -9.79
C VAL B 250 9.14 13.84 -8.29
N PRO B 251 8.91 12.59 -7.86
CA PRO B 251 8.66 12.28 -6.45
C PRO B 251 9.77 12.80 -5.52
N LEU B 252 9.37 13.70 -4.63
CA LEU B 252 10.27 14.34 -3.67
C LEU B 252 10.64 13.44 -2.50
N VAL B 253 11.93 13.41 -2.18
CA VAL B 253 12.46 12.62 -1.07
C VAL B 253 12.75 13.55 0.11
N GLY B 254 12.38 13.10 1.31
CA GLY B 254 12.59 13.89 2.51
C GLY B 254 14.01 14.37 2.74
N ARG B 255 14.16 15.69 2.76
CA ARG B 255 15.46 16.35 2.98
C ARG B 255 16.54 16.02 1.96
N ALA B 256 16.13 15.55 0.79
CA ALA B 256 17.04 15.21 -0.29
C ALA B 256 16.65 16.01 -1.54
N SER B 257 15.71 16.92 -1.37
CA SER B 257 15.22 17.78 -2.44
C SER B 257 14.81 19.13 -1.89
N VAL B 258 14.88 20.16 -2.72
CA VAL B 258 14.51 21.52 -2.31
C VAL B 258 13.76 22.27 -3.42
N ALA B 259 13.09 23.34 -3.02
CA ALA B 259 12.36 24.18 -3.96
C ALA B 259 13.28 25.36 -4.24
N SER B 260 13.37 25.77 -5.51
CA SER B 260 14.24 26.88 -5.88
C SER B 260 13.68 27.78 -6.98
N ASP B 261 14.43 28.84 -7.26
CA ASP B 261 14.06 29.79 -8.31
C ASP B 261 14.62 29.19 -9.59
N ARG B 262 13.74 28.68 -10.44
CA ARG B 262 14.13 28.05 -11.70
C ARG B 262 14.99 28.93 -12.61
N SER B 263 14.89 30.25 -12.45
CA SER B 263 15.66 31.19 -13.24
C SER B 263 17.14 31.20 -12.84
N ILE B 264 17.39 31.11 -11.53
CA ILE B 264 18.75 31.10 -11.00
C ILE B 264 19.27 29.66 -10.87
N ILE B 265 18.51 28.83 -10.17
CA ILE B 265 18.87 27.43 -9.97
C ILE B 265 17.81 26.55 -10.64
N PRO B 266 18.08 26.09 -11.88
CA PRO B 266 17.17 25.25 -12.66
C PRO B 266 16.97 23.86 -12.05
N PRO B 267 15.84 23.20 -12.38
CA PRO B 267 15.53 21.86 -11.87
C PRO B 267 16.54 20.80 -12.31
N GLY B 268 16.83 19.88 -11.40
CA GLY B 268 17.79 18.82 -11.69
C GLY B 268 19.19 19.14 -11.20
N THR B 269 19.36 20.33 -10.63
CA THR B 269 20.64 20.78 -10.13
C THR B 269 21.00 20.14 -8.79
N THR B 270 22.18 19.53 -8.74
CA THR B 270 22.67 18.88 -7.52
C THR B 270 23.24 19.95 -6.60
N LEU B 271 22.83 19.92 -5.33
CA LEU B 271 23.27 20.90 -4.35
C LEU B 271 23.71 20.28 -3.03
N ILE B 272 24.98 20.48 -2.67
CA ILE B 272 25.49 19.99 -1.41
C ILE B 272 25.46 21.20 -0.48
N ALA B 273 24.78 21.08 0.65
CA ALA B 273 24.66 22.21 1.56
C ALA B 273 24.85 21.92 3.05
N GLU B 274 25.20 22.99 3.77
CA GLU B 274 25.39 22.94 5.21
C GLU B 274 24.12 23.46 5.84
N VAL B 275 23.15 22.57 6.02
CA VAL B 275 21.86 22.92 6.61
C VAL B 275 21.98 23.09 8.12
N PRO B 276 21.66 24.30 8.63
CA PRO B 276 21.72 24.63 10.06
C PRO B 276 20.74 23.81 10.89
N LEU B 277 21.26 23.17 11.93
CA LEU B 277 20.44 22.36 12.80
C LEU B 277 19.73 23.20 13.85
N LEU B 278 18.64 22.66 14.39
CA LEU B 278 17.85 23.34 15.40
C LEU B 278 17.05 22.34 16.22
N ASP B 279 16.95 22.58 17.53
CA ASP B 279 16.23 21.69 18.43
C ASP B 279 14.71 21.71 18.22
N ASN B 280 13.99 21.07 19.13
CA ASN B 280 12.53 20.98 19.08
C ASN B 280 11.85 22.34 19.14
N ASN B 281 12.54 23.31 19.75
CA ASN B 281 12.02 24.66 19.89
C ASN B 281 12.46 25.56 18.74
N GLY B 282 13.11 24.95 17.74
CA GLY B 282 13.58 25.69 16.58
C GLY B 282 14.69 26.68 16.81
N LYS B 283 15.38 26.55 17.94
CA LYS B 283 16.49 27.43 18.29
C LYS B 283 17.79 26.91 17.69
N PHE B 284 18.54 27.81 17.05
CA PHE B 284 19.81 27.46 16.43
C PHE B 284 20.86 27.13 17.49
N ASN B 285 21.18 25.85 17.61
CA ASN B 285 22.17 25.38 18.57
C ASN B 285 23.60 25.79 18.24
N GLY B 286 23.89 25.91 16.94
CA GLY B 286 25.23 26.31 16.52
C GLY B 286 25.90 25.39 15.52
N GLN B 287 25.39 24.17 15.40
CA GLN B 287 25.95 23.19 14.48
C GLN B 287 25.17 23.05 13.16
N TYR B 288 25.83 22.51 12.15
CA TYR B 288 25.23 22.32 10.83
C TYR B 288 25.07 20.85 10.46
N GLU B 289 24.65 20.61 9.22
CA GLU B 289 24.42 19.26 8.71
C GLU B 289 24.68 19.21 7.21
N LEU B 290 25.57 18.30 6.79
CA LEU B 290 25.91 18.17 5.37
C LEU B 290 24.93 17.25 4.64
N ARG B 291 24.26 17.81 3.64
CA ARG B 291 23.28 17.06 2.86
C ARG B 291 23.35 17.32 1.36
N LEU B 292 23.05 16.29 0.58
CA LEU B 292 23.03 16.37 -0.87
C LEU B 292 21.56 16.45 -1.29
N MSE B 293 21.19 17.52 -1.98
CA MSE B 293 19.81 17.72 -2.41
C MSE B 293 19.71 18.14 -3.86
O MSE B 293 20.67 18.65 -4.44
CB MSE B 293 19.15 18.77 -1.50
CG MSE B 293 19.19 18.40 -0.03
SE MSE B 293 18.67 19.82 1.16
CE MSE B 293 20.28 20.88 1.06
N VAL B 294 18.55 17.90 -4.46
CA VAL B 294 18.31 18.27 -5.86
C VAL B 294 17.11 19.20 -5.98
N ALA B 295 17.26 20.23 -6.81
CA ALA B 295 16.17 21.19 -7.02
C ALA B 295 15.14 20.54 -7.94
N LEU B 296 13.95 20.27 -7.39
CA LEU B 296 12.89 19.62 -8.16
C LEU B 296 11.51 20.23 -7.94
N ASP B 297 11.47 21.45 -7.40
CA ASP B 297 10.19 22.12 -7.14
C ASP B 297 10.39 23.63 -7.13
N VAL B 298 9.27 24.36 -7.23
CA VAL B 298 9.31 25.82 -7.22
C VAL B 298 8.36 26.38 -6.16
N GLY B 299 8.39 27.70 -6.00
CA GLY B 299 7.52 28.35 -5.03
C GLY B 299 7.32 29.81 -5.38
N GLY B 300 6.16 30.35 -4.98
CA GLY B 300 5.86 31.74 -5.26
C GLY B 300 6.72 32.71 -4.47
N ALA B 301 7.12 32.30 -3.28
CA ALA B 301 7.96 33.12 -2.42
C ALA B 301 9.42 32.69 -2.43
N ILE B 302 9.76 31.76 -3.33
CA ILE B 302 11.12 31.26 -3.46
C ILE B 302 11.78 31.91 -4.68
N LYS B 303 12.48 33.02 -4.44
CA LYS B 303 13.16 33.74 -5.51
C LYS B 303 14.61 34.05 -5.13
N GLY B 304 15.48 34.13 -6.13
CA GLY B 304 16.88 34.42 -5.90
C GLY B 304 17.62 33.40 -5.04
N GLN B 305 18.53 33.89 -4.21
CA GLN B 305 19.33 33.05 -3.33
C GLN B 305 18.48 32.57 -2.15
N HIS B 306 17.60 31.61 -2.41
CA HIS B 306 16.71 31.07 -1.39
C HIS B 306 16.26 29.67 -1.75
N PHE B 307 16.23 28.78 -0.75
CA PHE B 307 15.81 27.40 -0.93
C PHE B 307 14.77 26.97 0.09
N ALA B 308 13.87 26.08 -0.33
CA ALA B 308 12.84 25.54 0.53
C ALA B 308 13.07 24.05 0.64
N ILE B 309 13.63 23.62 1.76
CA ILE B 309 13.93 22.21 2.00
C ILE B 309 12.68 21.39 2.27
N TYR B 310 12.46 20.38 1.43
CA TYR B 310 11.32 19.49 1.58
C TYR B 310 11.62 18.53 2.72
N GLN B 311 10.97 18.74 3.86
CA GLN B 311 11.18 17.92 5.04
C GLN B 311 10.64 16.49 4.94
N GLY B 312 9.44 16.34 4.41
CA GLY B 312 8.86 15.02 4.26
C GLY B 312 7.34 14.95 4.40
N ILE B 313 6.86 13.83 4.93
CA ILE B 313 5.43 13.60 5.11
C ILE B 313 5.12 13.32 6.58
N GLY B 314 4.10 13.98 7.11
CA GLY B 314 3.72 13.75 8.49
C GLY B 314 3.92 14.91 9.45
N PRO B 315 3.51 14.74 10.73
CA PRO B 315 3.61 15.73 11.80
C PRO B 315 5.04 16.12 12.14
N GLU B 316 5.89 15.11 12.33
CA GLU B 316 7.30 15.31 12.66
C GLU B 316 8.00 16.11 11.57
N ALA B 317 7.60 15.89 10.32
CA ALA B 317 8.16 16.60 9.18
C ALA B 317 7.65 18.04 9.18
N GLY B 318 6.47 18.24 9.75
CA GLY B 318 5.87 19.56 9.83
C GLY B 318 6.49 20.42 10.92
N HIS B 319 6.79 19.79 12.06
CA HIS B 319 7.40 20.48 13.19
C HIS B 319 8.79 20.97 12.79
N ARG B 320 9.51 20.09 12.09
CA ARG B 320 10.85 20.37 11.61
C ARG B 320 10.84 21.44 10.52
N ALA B 321 9.76 21.49 9.74
CA ALA B 321 9.62 22.47 8.66
C ALA B 321 9.21 23.86 9.12
N GLY B 322 8.28 23.90 10.08
CA GLY B 322 7.81 25.17 10.61
C GLY B 322 8.74 25.86 11.59
N TRP B 323 10.01 25.97 11.23
CA TRP B 323 11.01 26.64 12.06
C TRP B 323 12.02 27.35 11.19
N TYR B 324 12.41 26.70 10.10
CA TYR B 324 13.40 27.20 9.17
C TYR B 324 13.27 28.58 8.51
N ASN B 325 14.04 29.52 9.08
CA ASN B 325 14.16 30.88 8.59
C ASN B 325 15.62 31.24 8.84
N HIS B 326 16.46 30.21 8.84
CA HIS B 326 17.90 30.34 9.10
C HIS B 326 18.78 30.37 7.85
N TYR B 327 20.10 30.39 8.05
CA TYR B 327 21.07 30.44 6.96
C TYR B 327 22.07 29.28 7.00
N GLY B 328 22.80 29.12 5.91
CA GLY B 328 23.80 28.07 5.81
C GLY B 328 24.49 28.12 4.46
N ARG B 329 25.64 27.44 4.34
CA ARG B 329 26.39 27.42 3.10
C ARG B 329 25.85 26.37 2.13
N VAL B 330 26.09 26.58 0.84
CA VAL B 330 25.63 25.65 -0.20
C VAL B 330 26.53 25.70 -1.44
N TRP B 331 26.83 24.52 -1.97
CA TRP B 331 27.67 24.40 -3.16
C TRP B 331 26.92 23.74 -4.30
N VAL B 332 27.00 24.33 -5.48
CA VAL B 332 26.33 23.79 -6.67
C VAL B 332 27.31 22.86 -7.38
N LEU B 333 27.06 21.56 -7.27
CA LEU B 333 27.91 20.55 -7.88
C LEU B 333 27.73 20.45 -9.39
N LYS B 334 28.83 20.64 -10.12
CA LYS B 334 28.82 20.58 -11.58
C LYS B 334 29.98 19.73 -12.11
N THR B 335 30.27 19.89 -13.40
CA THR B 335 31.35 19.17 -14.07
C THR B 335 32.54 20.09 -14.37
N ALA B 336 33.47 19.58 -15.18
CA ALA B 336 34.67 20.31 -15.57
C ALA B 336 34.37 21.65 -16.26
N PRO B 337 35.21 22.68 -16.00
CA PRO B 337 35.07 24.02 -16.57
C PRO B 337 35.48 24.11 -18.06
N SER C 3 -33.96 -19.33 -40.35
CA SER C 3 -32.75 -18.48 -40.53
C SER C 3 -32.39 -17.73 -39.24
N LYS C 4 -33.13 -18.00 -38.18
CA LYS C 4 -32.90 -17.36 -36.88
C LYS C 4 -31.88 -18.15 -36.03
N PRO C 5 -30.67 -17.59 -35.87
CA PRO C 5 -29.60 -18.21 -35.09
C PRO C 5 -29.83 -18.14 -33.58
N THR C 6 -29.36 -19.17 -32.87
CA THR C 6 -29.51 -19.25 -31.41
C THR C 6 -28.21 -19.74 -30.76
N ASP C 7 -27.25 -20.10 -31.61
CA ASP C 7 -25.94 -20.59 -31.18
C ASP C 7 -25.13 -19.58 -30.35
N ARG C 8 -25.35 -18.30 -30.60
CA ARG C 8 -24.60 -17.26 -29.89
C ARG C 8 -25.40 -16.53 -28.80
N GLY C 9 -26.48 -17.15 -28.34
CA GLY C 9 -27.29 -16.54 -27.29
C GLY C 9 -28.49 -15.74 -27.76
N GLN C 10 -28.72 -15.75 -29.07
CA GLN C 10 -29.85 -15.02 -29.66
C GLN C 10 -31.18 -15.71 -29.35
N GLN C 11 -32.26 -14.93 -29.36
CA GLN C 11 -33.60 -15.45 -29.07
C GLN C 11 -34.66 -14.91 -30.03
N TYR C 12 -35.91 -15.31 -29.80
CA TYR C 12 -37.03 -14.89 -30.63
C TYR C 12 -38.30 -14.66 -29.80
N LYS C 13 -38.30 -15.17 -28.57
CA LYS C 13 -39.44 -15.04 -27.65
C LYS C 13 -39.67 -13.62 -27.15
N ASP C 14 -39.20 -12.64 -27.92
CA ASP C 14 -39.32 -11.22 -27.58
C ASP C 14 -40.01 -10.46 -28.71
N GLY C 15 -39.95 -11.02 -29.91
CA GLY C 15 -40.55 -10.39 -31.07
C GLY C 15 -39.60 -9.43 -31.77
N LYS C 16 -39.82 -9.21 -33.06
CA LYS C 16 -38.96 -8.31 -33.83
C LYS C 16 -39.24 -6.85 -33.47
N PHE C 17 -38.18 -6.06 -33.37
CA PHE C 17 -38.28 -4.65 -33.02
C PHE C 17 -38.37 -3.73 -34.24
N THR C 18 -38.93 -2.54 -34.00
CA THR C 18 -39.10 -1.53 -35.04
C THR C 18 -38.32 -0.26 -34.65
N GLN C 19 -37.78 -0.27 -33.43
CA GLN C 19 -37.02 0.85 -32.88
C GLN C 19 -35.86 0.31 -32.05
N PRO C 20 -34.84 1.15 -31.80
CA PRO C 20 -33.67 0.74 -31.00
C PRO C 20 -34.08 0.44 -29.56
N PHE C 21 -34.91 1.32 -28.99
CA PHE C 21 -35.39 1.19 -27.62
C PHE C 21 -36.92 1.15 -27.64
N SER C 22 -37.50 0.33 -26.76
CA SER C 22 -38.95 0.20 -26.67
C SER C 22 -39.41 0.04 -25.23
N LEU C 23 -40.41 0.84 -24.85
CA LEU C 23 -40.96 0.81 -23.50
C LEU C 23 -41.68 -0.51 -23.21
N VAL C 24 -41.09 -1.31 -22.32
CA VAL C 24 -41.66 -2.60 -21.94
C VAL C 24 -42.19 -2.55 -20.52
N ASN C 25 -43.49 -2.80 -20.37
CA ASN C 25 -44.14 -2.79 -19.07
C ASN C 25 -43.54 -3.85 -18.14
N GLN C 26 -43.27 -5.02 -18.70
CA GLN C 26 -42.70 -6.13 -17.94
C GLN C 26 -41.57 -6.77 -18.74
N PRO C 27 -40.34 -6.74 -18.21
CA PRO C 27 -39.16 -7.31 -18.86
C PRO C 27 -39.28 -8.82 -19.08
N ASP C 28 -38.91 -9.25 -20.28
CA ASP C 28 -38.96 -10.67 -20.64
C ASP C 28 -37.70 -11.38 -20.15
N ALA C 29 -37.64 -11.59 -18.83
CA ALA C 29 -36.50 -12.25 -18.19
C ALA C 29 -36.82 -12.56 -16.74
N VAL C 30 -36.63 -13.82 -16.35
CA VAL C 30 -36.89 -14.25 -14.98
C VAL C 30 -35.62 -14.26 -14.13
N GLY C 31 -35.74 -13.74 -12.91
CA GLY C 31 -34.60 -13.70 -12.01
C GLY C 31 -34.49 -12.41 -11.23
N ALA C 32 -33.34 -12.23 -10.58
CA ALA C 32 -33.07 -11.04 -9.78
C ALA C 32 -31.61 -10.63 -9.95
N PRO C 33 -31.31 -9.32 -9.88
CA PRO C 33 -29.95 -8.79 -10.04
C PRO C 33 -28.99 -9.41 -9.02
N ILE C 34 -28.15 -10.33 -9.49
CA ILE C 34 -27.19 -11.01 -8.62
C ILE C 34 -25.92 -10.24 -8.32
N ASN C 35 -25.86 -8.98 -8.76
CA ASN C 35 -24.70 -8.13 -8.52
C ASN C 35 -25.11 -6.82 -7.84
N ALA C 36 -26.15 -6.89 -7.03
CA ALA C 36 -26.67 -5.72 -6.31
C ALA C 36 -25.64 -5.00 -5.46
N GLY C 37 -24.71 -5.75 -4.89
CA GLY C 37 -23.67 -5.16 -4.08
C GLY C 37 -22.66 -4.39 -4.93
N ASP C 38 -22.30 -4.99 -6.06
CA ASP C 38 -21.36 -4.38 -7.00
C ASP C 38 -21.96 -3.14 -7.66
N PHE C 39 -23.28 -3.16 -7.85
CA PHE C 39 -23.98 -2.03 -8.44
C PHE C 39 -24.02 -0.85 -7.48
N ALA C 40 -24.29 -1.13 -6.21
CA ALA C 40 -24.34 -0.11 -5.17
C ALA C 40 -22.97 0.53 -4.98
N GLU C 41 -21.93 -0.24 -5.25
CA GLU C 41 -20.55 0.23 -5.14
C GLU C 41 -20.25 1.23 -6.24
N GLN C 42 -20.78 0.99 -7.43
CA GLN C 42 -20.60 1.86 -8.58
C GLN C 42 -21.22 3.23 -8.35
N ILE C 43 -22.42 3.25 -7.78
CA ILE C 43 -23.14 4.48 -7.49
C ILE C 43 -22.36 5.34 -6.50
N ASN C 44 -21.67 4.70 -5.56
CA ASN C 44 -20.88 5.41 -4.57
C ASN C 44 -19.66 6.03 -5.26
N HIS C 45 -19.14 5.34 -6.27
CA HIS C 45 -17.99 5.80 -7.04
C HIS C 45 -18.39 6.98 -7.93
N ILE C 46 -19.61 6.92 -8.46
CA ILE C 46 -20.13 7.99 -9.32
C ILE C 46 -20.47 9.19 -8.44
N ARG C 47 -20.78 8.92 -7.18
CA ARG C 47 -21.13 9.94 -6.20
C ARG C 47 -19.90 10.69 -5.67
N ASN C 48 -18.76 10.03 -5.69
CA ASN C 48 -17.52 10.63 -5.20
C ASN C 48 -16.63 11.16 -6.32
N SER C 49 -16.42 10.34 -7.35
CA SER C 49 -15.56 10.72 -8.47
C SER C 49 -16.20 11.64 -9.51
N SER C 50 -17.52 11.64 -9.60
CA SER C 50 -18.21 12.50 -10.56
C SER C 50 -19.58 12.97 -10.07
N PRO C 51 -19.60 13.87 -9.07
CA PRO C 51 -20.84 14.40 -8.50
C PRO C 51 -21.67 15.23 -9.49
N ARG C 52 -21.05 15.56 -10.62
CA ARG C 52 -21.70 16.32 -11.68
C ARG C 52 -22.67 15.45 -12.47
N LEU C 53 -22.20 14.27 -12.87
CA LEU C 53 -23.03 13.33 -13.62
C LEU C 53 -24.04 12.69 -12.67
N TYR C 54 -23.59 12.38 -11.46
CA TYR C 54 -24.44 11.79 -10.43
C TYR C 54 -25.57 12.74 -10.06
N GLY C 55 -25.25 14.04 -9.98
CA GLY C 55 -26.23 15.04 -9.64
C GLY C 55 -27.44 15.09 -10.54
N ASN C 56 -27.29 14.58 -11.77
CA ASN C 56 -28.38 14.57 -12.74
C ASN C 56 -28.85 13.16 -13.09
N GLN C 57 -28.20 12.15 -12.50
CA GLN C 57 -28.56 10.75 -12.76
C GLN C 57 -29.09 10.07 -11.49
N SER C 58 -29.04 10.79 -10.38
CA SER C 58 -29.51 10.27 -9.09
C SER C 58 -30.94 9.78 -9.11
N ASN C 59 -31.79 10.48 -9.86
CA ASN C 59 -33.20 10.12 -9.99
C ASN C 59 -33.40 8.64 -10.36
N VAL C 60 -32.55 8.15 -11.26
CA VAL C 60 -32.62 6.77 -11.71
C VAL C 60 -32.03 5.82 -10.66
N TYR C 61 -30.93 6.25 -10.04
CA TYR C 61 -30.27 5.45 -9.01
C TYR C 61 -31.14 5.29 -7.78
N ASN C 62 -31.72 6.40 -7.32
CA ASN C 62 -32.58 6.39 -6.15
C ASN C 62 -33.77 5.45 -6.35
N ALA C 63 -34.22 5.33 -7.60
CA ALA C 63 -35.33 4.46 -7.96
C ALA C 63 -34.92 2.99 -7.98
N VAL C 64 -33.75 2.72 -8.57
CA VAL C 64 -33.23 1.35 -8.66
C VAL C 64 -32.64 0.88 -7.33
N GLN C 65 -32.40 1.82 -6.42
CA GLN C 65 -31.87 1.51 -5.10
C GLN C 65 -33.03 1.20 -4.17
N GLU C 66 -34.08 2.00 -4.26
CA GLU C 66 -35.27 1.82 -3.43
C GLU C 66 -35.92 0.49 -3.78
N TRP C 67 -35.82 0.11 -5.05
CA TRP C 67 -36.37 -1.14 -5.56
C TRP C 67 -35.53 -2.31 -5.05
N LEU C 68 -34.21 -2.12 -5.07
CA LEU C 68 -33.26 -3.13 -4.61
C LEU C 68 -33.44 -3.38 -3.12
N ARG C 69 -33.48 -2.30 -2.35
CA ARG C 69 -33.66 -2.38 -0.90
C ARG C 69 -34.97 -3.06 -0.53
N ALA C 70 -36.02 -2.78 -1.31
CA ALA C 70 -37.32 -3.39 -1.09
C ALA C 70 -37.41 -4.71 -1.85
N GLY C 71 -36.61 -5.68 -1.41
CA GLY C 71 -36.60 -6.99 -2.05
C GLY C 71 -35.68 -7.05 -3.26
N GLY C 72 -36.19 -6.59 -4.39
CA GLY C 72 -35.42 -6.61 -5.62
C GLY C 72 -36.06 -7.46 -6.69
N ASP C 73 -37.39 -7.61 -6.60
CA ASP C 73 -38.16 -8.42 -7.55
C ASP C 73 -38.54 -7.60 -8.78
N THR C 74 -38.17 -8.11 -9.95
CA THR C 74 -38.45 -7.45 -11.23
C THR C 74 -39.94 -7.26 -11.51
N ARG C 75 -40.77 -7.81 -10.62
CA ARG C 75 -42.22 -7.71 -10.75
C ARG C 75 -42.80 -6.46 -10.11
N ASN C 76 -41.95 -5.66 -9.47
CA ASN C 76 -42.42 -4.45 -8.80
C ASN C 76 -41.63 -3.19 -9.17
N MSE C 77 -40.88 -3.25 -10.27
CA MSE C 77 -40.08 -2.11 -10.72
C MSE C 77 -40.89 -0.84 -10.97
O MSE C 77 -40.44 0.26 -10.65
CB MSE C 77 -39.28 -2.47 -11.97
CG MSE C 77 -38.26 -3.55 -11.78
SE MSE C 77 -37.07 -3.71 -13.28
CE MSE C 77 -35.64 -2.61 -12.63
N ARG C 78 -42.09 -1.00 -11.52
CA ARG C 78 -42.97 0.13 -11.82
C ARG C 78 -43.52 0.79 -10.55
N GLN C 79 -43.42 0.09 -9.42
CA GLN C 79 -43.89 0.59 -8.14
C GLN C 79 -42.89 1.61 -7.56
N PHE C 80 -41.71 1.68 -8.17
CA PHE C 80 -40.66 2.60 -7.73
C PHE C 80 -40.32 3.65 -8.79
N GLY C 81 -41.01 3.57 -9.94
CA GLY C 81 -40.78 4.52 -11.01
C GLY C 81 -39.57 4.16 -11.87
N ILE C 82 -39.56 2.93 -12.38
CA ILE C 82 -38.46 2.47 -13.21
C ILE C 82 -38.96 2.06 -14.59
N ASP C 83 -38.62 2.86 -15.60
CA ASP C 83 -39.01 2.59 -16.97
C ASP C 83 -38.02 1.64 -17.66
N ALA C 84 -38.53 0.51 -18.13
CA ALA C 84 -37.71 -0.47 -18.82
C ALA C 84 -37.76 -0.22 -20.32
N TRP C 85 -36.60 -0.30 -20.98
CA TRP C 85 -36.50 -0.08 -22.42
C TRP C 85 -35.72 -1.20 -23.09
N GLN C 86 -36.43 -2.11 -23.74
CA GLN C 86 -35.81 -3.23 -24.44
C GLN C 86 -34.97 -2.79 -25.63
N MSE C 87 -33.73 -3.27 -25.68
CA MSE C 87 -32.81 -2.96 -26.77
C MSE C 87 -32.78 -4.12 -27.76
O MSE C 87 -32.77 -5.28 -27.36
CB MSE C 87 -31.41 -2.73 -26.23
CG MSE C 87 -31.26 -1.52 -25.33
SE MSE C 87 -29.45 -1.31 -24.74
CE MSE C 87 -28.65 -0.82 -26.43
N GLU C 88 -32.77 -3.79 -29.05
CA GLU C 88 -32.74 -4.81 -30.09
C GLU C 88 -31.40 -5.51 -30.22
N GLY C 89 -30.33 -4.74 -30.36
CA GLY C 89 -29.00 -5.32 -30.51
C GLY C 89 -28.72 -5.57 -31.98
N ALA C 90 -27.96 -6.62 -32.29
CA ALA C 90 -27.65 -6.95 -33.67
C ALA C 90 -28.93 -7.44 -34.34
N ASP C 91 -29.53 -8.48 -33.73
CA ASP C 91 -30.79 -9.03 -34.22
C ASP C 91 -31.91 -8.29 -33.50
N ASN C 92 -32.92 -7.86 -34.26
CA ASN C 92 -34.05 -7.13 -33.69
C ASN C 92 -34.95 -7.96 -32.79
N TYR C 93 -34.36 -8.89 -32.05
CA TYR C 93 -35.13 -9.74 -31.14
C TYR C 93 -34.81 -9.50 -29.67
N GLY C 94 -34.21 -8.34 -29.39
CA GLY C 94 -33.87 -7.98 -28.02
C GLY C 94 -32.48 -8.38 -27.57
N ASN C 95 -31.79 -9.22 -28.34
CA ASN C 95 -30.46 -9.68 -27.99
C ASN C 95 -29.34 -8.77 -28.49
N VAL C 96 -28.57 -8.24 -27.54
CA VAL C 96 -27.46 -7.33 -27.82
C VAL C 96 -26.10 -8.01 -27.76
N GLN C 97 -25.23 -7.64 -28.69
CA GLN C 97 -23.87 -8.18 -28.77
C GLN C 97 -23.06 -7.81 -27.52
N PHE C 98 -22.71 -8.82 -26.73
CA PHE C 98 -21.94 -8.62 -25.51
C PHE C 98 -20.49 -9.04 -25.66
N THR C 99 -19.58 -8.07 -25.55
CA THR C 99 -18.15 -8.35 -25.62
C THR C 99 -17.57 -8.01 -24.25
N GLY C 100 -16.27 -8.22 -24.07
CA GLY C 100 -15.66 -7.93 -22.79
C GLY C 100 -14.21 -7.50 -22.82
N TYR C 101 -13.80 -6.81 -21.75
CA TYR C 101 -12.43 -6.34 -21.60
C TYR C 101 -12.10 -6.29 -20.11
N TYR C 102 -10.81 -6.33 -19.79
CA TYR C 102 -10.37 -6.29 -18.40
C TYR C 102 -9.11 -5.44 -18.21
N THR C 103 -8.61 -5.43 -16.98
CA THR C 103 -7.40 -4.68 -16.66
C THR C 103 -6.30 -5.66 -16.28
N PRO C 104 -5.43 -5.98 -17.24
CA PRO C 104 -4.31 -6.92 -17.02
C PRO C 104 -3.20 -6.35 -16.15
N VAL C 105 -2.64 -7.21 -15.29
CA VAL C 105 -1.55 -6.82 -14.42
C VAL C 105 -0.27 -7.35 -15.07
N ILE C 106 0.58 -6.43 -15.53
CA ILE C 106 1.82 -6.79 -16.18
C ILE C 106 3.02 -6.49 -15.30
N GLN C 107 3.98 -7.43 -15.27
CA GLN C 107 5.19 -7.25 -14.49
C GLN C 107 6.26 -6.65 -15.39
N ALA C 108 6.85 -5.54 -14.95
CA ALA C 108 7.86 -4.85 -15.73
C ALA C 108 8.90 -4.16 -14.86
N ARG C 109 9.99 -3.71 -15.49
CA ARG C 109 11.06 -3.01 -14.80
C ARG C 109 11.32 -1.66 -15.46
N HIS C 110 11.87 -0.72 -14.69
CA HIS C 110 12.18 0.62 -15.19
C HIS C 110 13.29 0.60 -16.24
N THR C 111 14.19 -0.36 -16.12
CA THR C 111 15.31 -0.52 -17.04
C THR C 111 15.31 -1.94 -17.59
N ARG C 112 15.67 -2.10 -18.86
CA ARG C 112 15.70 -3.41 -19.50
C ARG C 112 16.75 -4.34 -18.88
N GLN C 113 16.33 -5.54 -18.53
CA GLN C 113 17.21 -6.53 -17.93
C GLN C 113 16.61 -7.94 -18.01
N GLY C 114 17.40 -8.86 -18.53
CA GLY C 114 16.96 -10.24 -18.66
C GLY C 114 15.78 -10.42 -19.59
N GLU C 115 14.67 -10.91 -19.05
CA GLU C 115 13.45 -11.15 -19.82
C GLU C 115 12.67 -9.88 -20.13
N PHE C 116 12.98 -8.81 -19.41
CA PHE C 116 12.31 -7.52 -19.58
C PHE C 116 12.97 -6.71 -20.69
N GLN C 117 12.51 -6.91 -21.92
CA GLN C 117 13.06 -6.20 -23.08
C GLN C 117 11.97 -5.60 -23.98
N TYR C 118 10.75 -5.51 -23.48
CA TYR C 118 9.64 -4.98 -24.26
C TYR C 118 9.08 -3.68 -23.67
N PRO C 119 9.45 -2.54 -24.27
CA PRO C 119 9.06 -1.18 -23.88
C PRO C 119 7.57 -0.86 -23.92
N ILE C 120 7.15 -0.03 -22.96
CA ILE C 120 5.78 0.44 -22.84
C ILE C 120 5.92 1.96 -22.94
N TYR C 121 5.39 2.54 -24.01
CA TYR C 121 5.50 3.96 -24.26
C TYR C 121 4.41 4.88 -23.74
N ARG C 122 4.77 6.15 -23.56
CA ARG C 122 3.85 7.18 -23.11
C ARG C 122 3.54 8.10 -24.29
N MSE C 123 2.74 9.12 -24.07
CA MSE C 123 2.36 10.08 -25.11
C MSE C 123 3.50 10.92 -25.67
O MSE C 123 4.06 11.77 -24.98
CB MSE C 123 1.25 11.00 -24.61
CG MSE C 123 -0.15 10.50 -24.89
SE MSE C 123 -0.60 10.64 -26.75
CE MSE C 123 -1.54 12.32 -26.68
N PRO C 124 3.89 10.65 -26.94
CA PRO C 124 4.96 11.37 -27.63
C PRO C 124 4.39 12.61 -28.33
N PRO C 125 5.26 13.44 -28.94
CA PRO C 125 4.78 14.64 -29.63
C PRO C 125 3.85 14.34 -30.81
N LYS C 126 3.41 15.39 -31.49
CA LYS C 126 2.50 15.28 -32.62
C LYS C 126 2.99 14.38 -33.76
N ARG C 127 4.18 14.68 -34.29
CA ARG C 127 4.73 13.90 -35.38
C ARG C 127 5.28 12.54 -34.98
N GLY C 128 5.40 12.31 -33.68
CA GLY C 128 5.89 11.04 -33.18
C GLY C 128 4.77 10.01 -33.12
N ARG C 129 3.54 10.50 -33.11
CA ARG C 129 2.36 9.63 -33.05
C ARG C 129 1.95 9.09 -34.41
N LEU C 130 2.70 9.45 -35.45
CA LEU C 130 2.41 8.98 -36.80
C LEU C 130 2.90 7.56 -37.06
N SER C 131 3.97 7.17 -36.39
CA SER C 131 4.57 5.85 -36.53
C SER C 131 3.64 4.68 -36.20
N SER C 132 3.75 3.61 -36.98
CA SER C 132 2.93 2.42 -36.75
C SER C 132 3.57 1.49 -35.72
N ARG C 133 2.83 0.47 -35.32
CA ARG C 133 3.33 -0.50 -34.34
C ARG C 133 4.63 -1.17 -34.78
N ALA C 134 4.67 -1.62 -36.03
CA ALA C 134 5.85 -2.29 -36.58
C ALA C 134 7.09 -1.41 -36.53
N GLU C 135 6.89 -0.12 -36.80
CA GLU C 135 7.98 0.86 -36.79
C GLU C 135 8.44 1.15 -35.37
N ILE C 136 7.50 1.20 -34.45
CA ILE C 136 7.79 1.46 -33.04
C ILE C 136 8.58 0.29 -32.46
N TYR C 137 8.29 -0.92 -32.93
CA TYR C 137 8.99 -2.12 -32.49
C TYR C 137 10.45 -2.04 -32.96
N ALA C 138 10.64 -1.46 -34.14
CA ALA C 138 11.96 -1.30 -34.73
C ALA C 138 12.74 -0.11 -34.16
N GLY C 139 12.06 0.72 -33.37
CA GLY C 139 12.70 1.87 -32.76
C GLY C 139 12.41 3.23 -33.39
N ALA C 140 11.16 3.47 -33.73
CA ALA C 140 10.76 4.74 -34.33
C ALA C 140 10.70 5.86 -33.29
N LEU C 141 10.35 5.49 -32.06
CA LEU C 141 10.25 6.44 -30.96
C LEU C 141 11.51 6.48 -30.10
N SER C 142 11.82 7.64 -29.54
CA SER C 142 12.99 7.81 -28.70
C SER C 142 12.79 7.06 -27.37
N ASP C 143 13.90 6.65 -26.77
CA ASP C 143 13.88 5.91 -25.52
C ASP C 143 13.38 6.71 -24.31
N LYS C 144 13.34 8.03 -24.45
CA LYS C 144 12.89 8.89 -23.35
C LYS C 144 11.38 8.85 -23.18
N TYR C 145 10.69 8.19 -24.10
CA TYR C 145 9.24 8.07 -24.05
C TYR C 145 8.82 6.71 -23.49
N ILE C 146 9.79 5.91 -23.08
CA ILE C 146 9.54 4.60 -22.52
C ILE C 146 9.26 4.72 -21.03
N LEU C 147 8.22 4.03 -20.57
CA LEU C 147 7.82 4.04 -19.16
C LEU C 147 8.35 2.82 -18.42
N ALA C 148 8.37 1.67 -19.10
CA ALA C 148 8.84 0.42 -18.52
C ALA C 148 9.08 -0.65 -19.58
N TYR C 149 9.75 -1.73 -19.17
CA TYR C 149 10.06 -2.85 -20.04
C TYR C 149 9.45 -4.12 -19.46
N SER C 150 8.49 -4.71 -20.18
CA SER C 150 7.82 -5.93 -19.72
C SER C 150 8.54 -7.19 -20.16
N ASN C 151 8.09 -8.32 -19.63
CA ASN C 151 8.67 -9.62 -19.95
C ASN C 151 7.89 -10.37 -21.03
N SER C 152 6.93 -9.71 -21.65
CA SER C 152 6.11 -10.32 -22.68
C SER C 152 5.54 -9.31 -23.66
N LEU C 153 5.81 -9.52 -24.95
CA LEU C 153 5.32 -8.65 -26.01
C LEU C 153 3.82 -8.87 -26.18
N MSE C 154 3.37 -10.07 -25.81
CA MSE C 154 1.97 -10.45 -25.92
C MSE C 154 1.14 -9.73 -24.85
O MSE C 154 0.03 -9.25 -25.13
CB MSE C 154 1.82 -11.97 -25.76
CG MSE C 154 0.40 -12.49 -25.96
SE MSE C 154 -0.35 -11.97 -27.66
CE MSE C 154 0.46 -13.34 -28.76
N ASP C 155 1.69 -9.64 -23.64
CA ASP C 155 1.01 -8.96 -22.54
C ASP C 155 0.82 -7.49 -22.87
N ASN C 156 1.84 -6.90 -23.50
CA ASN C 156 1.80 -5.50 -23.90
C ASN C 156 0.71 -5.29 -24.94
N PHE C 157 0.61 -6.25 -25.87
CA PHE C 157 -0.37 -6.19 -26.93
C PHE C 157 -1.78 -6.30 -26.38
N ILE C 158 -1.99 -7.22 -25.45
CA ILE C 158 -3.31 -7.42 -24.84
C ILE C 158 -3.70 -6.18 -24.03
N MSE C 159 -2.76 -5.64 -23.28
CA MSE C 159 -2.99 -4.44 -22.48
C MSE C 159 -3.33 -3.29 -23.41
O MSE C 159 -4.14 -2.42 -23.08
CB MSE C 159 -1.75 -4.09 -21.66
CG MSE C 159 -1.83 -2.76 -20.93
SE MSE C 159 -0.21 -2.30 -20.00
CE MSE C 159 0.99 -2.15 -21.51
N ASP C 160 -2.72 -3.31 -24.60
CA ASP C 160 -2.92 -2.30 -25.62
C ASP C 160 -4.37 -2.35 -26.11
N VAL C 161 -4.90 -3.56 -26.26
CA VAL C 161 -6.27 -3.77 -26.72
C VAL C 161 -7.27 -3.43 -25.63
N GLN C 162 -6.92 -3.71 -24.37
CA GLN C 162 -7.80 -3.43 -23.25
C GLN C 162 -7.98 -1.93 -23.02
N GLY C 163 -6.93 -1.17 -23.29
CA GLY C 163 -6.98 0.28 -23.11
C GLY C 163 -6.14 0.74 -21.94
N SER C 164 -5.87 -0.16 -21.00
CA SER C 164 -5.08 0.15 -19.82
C SER C 164 -4.63 -1.11 -19.08
N GLY C 165 -3.97 -0.92 -17.94
CA GLY C 165 -3.49 -2.05 -17.15
C GLY C 165 -2.55 -1.64 -16.03
N TYR C 166 -2.53 -2.45 -14.98
CA TYR C 166 -1.67 -2.20 -13.83
C TYR C 166 -0.26 -2.71 -14.07
N ILE C 167 0.74 -1.92 -13.70
CA ILE C 167 2.12 -2.31 -13.86
C ILE C 167 2.75 -2.64 -12.52
N ASP C 168 3.16 -3.90 -12.38
CA ASP C 168 3.78 -4.40 -11.16
C ASP C 168 5.30 -4.46 -11.36
N PHE C 169 6.02 -3.57 -10.66
CA PHE C 169 7.47 -3.54 -10.77
C PHE C 169 8.19 -4.58 -9.92
N GLY C 170 7.41 -5.35 -9.16
CA GLY C 170 7.96 -6.41 -8.31
C GLY C 170 9.12 -5.99 -7.44
N ASP C 171 8.98 -4.84 -6.77
CA ASP C 171 10.02 -4.32 -5.91
C ASP C 171 9.47 -3.80 -4.57
N GLY C 172 8.15 -3.89 -4.41
CA GLY C 172 7.51 -3.44 -3.20
C GLY C 172 6.52 -2.31 -3.44
N SER C 173 6.88 -1.42 -4.37
CA SER C 173 6.04 -0.28 -4.71
C SER C 173 4.68 -0.73 -5.25
N PRO C 174 3.61 0.05 -4.99
CA PRO C 174 2.25 -0.24 -5.42
C PRO C 174 2.13 -0.33 -6.94
N LEU C 175 1.08 -1.00 -7.41
CA LEU C 175 0.84 -1.16 -8.84
C LEU C 175 0.48 0.17 -9.48
N ASN C 176 1.22 0.55 -10.51
CA ASN C 176 0.98 1.81 -11.22
C ASN C 176 -0.02 1.59 -12.35
N PHE C 177 -1.14 2.31 -12.29
CA PHE C 177 -2.17 2.20 -13.31
C PHE C 177 -1.85 3.03 -14.55
N PHE C 178 -1.54 2.34 -15.65
CA PHE C 178 -1.22 3.01 -16.90
C PHE C 178 -2.52 3.24 -17.67
N SER C 179 -3.08 4.43 -17.54
CA SER C 179 -4.34 4.80 -18.18
C SER C 179 -4.18 5.11 -19.67
N TYR C 180 -5.30 5.04 -20.39
CA TYR C 180 -5.33 5.32 -21.83
C TYR C 180 -5.06 6.81 -22.05
N ALA C 181 -3.86 7.12 -22.53
CA ALA C 181 -3.48 8.52 -22.79
C ALA C 181 -3.71 8.94 -24.24
N GLY C 182 -3.57 7.99 -25.16
CA GLY C 182 -3.76 8.28 -26.56
C GLY C 182 -3.45 7.10 -27.46
N LYS C 183 -3.40 7.35 -28.76
CA LYS C 183 -3.13 6.30 -29.75
C LYS C 183 -2.36 6.88 -30.93
N ASN C 184 -1.90 6.01 -31.84
CA ASN C 184 -1.17 6.45 -33.02
C ASN C 184 -2.12 6.76 -34.18
N GLY C 185 -1.55 7.23 -35.29
CA GLY C 185 -2.36 7.57 -36.45
C GLY C 185 -2.64 6.41 -37.39
N HIS C 186 -2.95 5.25 -36.82
CA HIS C 186 -3.23 4.05 -37.61
C HIS C 186 -4.47 3.31 -37.12
N ALA C 187 -5.29 2.84 -38.06
CA ALA C 187 -6.53 2.12 -37.76
C ALA C 187 -6.28 0.72 -37.20
N TYR C 188 -7.14 0.31 -36.27
CA TYR C 188 -7.03 -0.99 -35.63
C TYR C 188 -7.43 -2.17 -36.52
N ARG C 189 -6.56 -3.19 -36.55
CA ARG C 189 -6.79 -4.41 -37.31
C ARG C 189 -6.66 -5.55 -36.30
N SER C 190 -7.73 -6.32 -36.13
CA SER C 190 -7.72 -7.43 -35.19
C SER C 190 -6.87 -8.61 -35.66
N ILE C 191 -6.05 -9.12 -34.75
CA ILE C 191 -5.18 -10.27 -35.03
C ILE C 191 -6.05 -11.52 -35.17
N GLY C 192 -7.27 -11.44 -34.63
CA GLY C 192 -8.20 -12.54 -34.71
C GLY C 192 -8.56 -12.82 -36.16
N LYS C 193 -8.87 -11.76 -36.90
CA LYS C 193 -9.22 -11.88 -38.33
C LYS C 193 -8.05 -12.45 -39.12
N VAL C 194 -6.83 -12.13 -38.66
CA VAL C 194 -5.62 -12.61 -39.32
C VAL C 194 -5.50 -14.13 -39.22
N LEU C 195 -5.62 -14.65 -37.99
CA LEU C 195 -5.54 -16.10 -37.76
C LEU C 195 -6.74 -16.87 -38.28
N ILE C 196 -7.88 -16.20 -38.41
CA ILE C 196 -9.09 -16.83 -38.93
C ILE C 196 -8.90 -17.08 -40.42
N ASP C 197 -8.36 -16.09 -41.13
CA ASP C 197 -8.12 -16.19 -42.56
C ASP C 197 -6.92 -17.08 -42.87
N ARG C 198 -5.95 -17.12 -41.96
CA ARG C 198 -4.76 -17.96 -42.14
C ARG C 198 -5.09 -19.44 -42.01
N GLY C 199 -6.16 -19.74 -41.28
CA GLY C 199 -6.58 -21.11 -41.08
C GLY C 199 -5.89 -21.78 -39.91
N GLU C 200 -5.89 -21.10 -38.76
CA GLU C 200 -5.25 -21.63 -37.55
C GLU C 200 -6.14 -21.47 -36.32
N VAL C 201 -7.45 -21.43 -36.53
CA VAL C 201 -8.42 -21.28 -35.45
C VAL C 201 -9.32 -22.52 -35.35
N LYS C 202 -9.62 -22.93 -34.13
CA LYS C 202 -10.46 -24.10 -33.88
C LYS C 202 -11.88 -23.84 -34.38
N MSE C 206 -12.36 -14.21 -33.19
CA MSE C 206 -11.98 -15.48 -32.58
C MSE C 206 -11.78 -15.32 -31.07
O MSE C 206 -12.25 -14.34 -30.47
CB MSE C 206 -10.68 -16.01 -33.20
CG MSE C 206 -9.44 -15.20 -32.83
SE MSE C 206 -7.78 -16.05 -33.32
CE MSE C 206 -7.73 -17.41 -31.95
N SER C 207 -11.10 -16.28 -30.46
CA SER C 207 -10.81 -16.26 -29.04
C SER C 207 -9.55 -15.44 -28.82
N MSE C 208 -9.69 -14.30 -28.13
CA MSE C 208 -8.56 -13.42 -27.86
C MSE C 208 -7.56 -14.01 -26.85
O MSE C 208 -6.46 -13.47 -26.68
CB MSE C 208 -9.07 -12.06 -27.38
CG MSE C 208 -8.69 -10.89 -28.31
SE MSE C 208 -9.26 -11.11 -30.16
CE MSE C 208 -7.72 -10.35 -31.03
N GLN C 209 -7.93 -15.11 -26.20
CA GLN C 209 -7.04 -15.77 -25.25
C GLN C 209 -6.32 -16.93 -25.93
N ALA C 210 -6.88 -17.43 -27.02
CA ALA C 210 -6.28 -18.53 -27.77
C ALA C 210 -4.99 -18.05 -28.41
N ILE C 211 -4.94 -16.75 -28.71
CA ILE C 211 -3.76 -16.14 -29.32
C ILE C 211 -2.64 -16.08 -28.27
N ARG C 212 -3.02 -16.01 -27.00
CA ARG C 212 -2.07 -15.97 -25.91
C ARG C 212 -1.32 -17.30 -25.86
N HIS C 213 -2.05 -18.40 -26.11
CA HIS C 213 -1.46 -19.73 -26.13
C HIS C 213 -0.56 -19.87 -27.35
N TRP C 214 -0.98 -19.25 -28.46
CA TRP C 214 -0.22 -19.28 -29.71
C TRP C 214 1.13 -18.57 -29.51
N GLY C 215 1.09 -17.43 -28.83
CA GLY C 215 2.31 -16.66 -28.59
C GLY C 215 3.33 -17.40 -27.75
N GLU C 216 2.85 -18.25 -26.84
CA GLU C 216 3.72 -19.03 -25.97
C GLU C 216 4.29 -20.24 -26.72
N THR C 217 3.57 -20.68 -27.74
CA THR C 217 3.97 -21.82 -28.56
C THR C 217 5.05 -21.44 -29.57
N HIS C 218 4.92 -20.24 -30.13
CA HIS C 218 5.86 -19.75 -31.13
C HIS C 218 6.93 -18.81 -30.54
N SER C 219 8.00 -18.61 -31.28
CA SER C 219 9.11 -17.75 -30.85
C SER C 219 8.80 -16.26 -30.92
N GLU C 220 9.70 -15.47 -30.35
CA GLU C 220 9.57 -14.02 -30.31
C GLU C 220 9.44 -13.40 -31.70
N ALA C 221 10.27 -13.86 -32.64
CA ALA C 221 10.25 -13.36 -34.01
C ALA C 221 8.92 -13.67 -34.70
N GLU C 222 8.34 -14.81 -34.38
CA GLU C 222 7.06 -15.24 -34.96
C GLU C 222 5.90 -14.48 -34.33
N VAL C 223 6.03 -14.14 -33.06
CA VAL C 223 4.99 -13.39 -32.35
C VAL C 223 4.98 -11.95 -32.82
N ARG C 224 6.18 -11.35 -32.88
CA ARG C 224 6.33 -9.97 -33.32
C ARG C 224 5.76 -9.78 -34.73
N GLU C 225 6.07 -10.71 -35.62
CA GLU C 225 5.61 -10.67 -37.00
C GLU C 225 4.08 -10.65 -37.07
N LEU C 226 3.45 -11.48 -36.24
CA LEU C 226 1.98 -11.56 -36.20
C LEU C 226 1.36 -10.30 -35.62
N LEU C 227 1.96 -9.77 -34.55
CA LEU C 227 1.44 -8.58 -33.90
C LEU C 227 1.59 -7.33 -34.77
N GLU C 228 2.55 -7.35 -35.69
CA GLU C 228 2.78 -6.22 -36.58
C GLU C 228 1.69 -6.06 -37.63
N GLN C 229 0.70 -6.96 -37.58
CA GLN C 229 -0.43 -6.91 -38.51
C GLN C 229 -1.44 -5.86 -38.04
N ASN C 230 -1.32 -5.47 -36.77
CA ASN C 230 -2.18 -4.45 -36.18
C ASN C 230 -1.33 -3.19 -36.09
N PRO C 231 -1.47 -2.28 -37.07
CA PRO C 231 -0.71 -1.02 -37.13
C PRO C 231 -0.99 -0.04 -35.99
N SER C 232 -2.10 -0.23 -35.28
CA SER C 232 -2.48 0.63 -34.18
C SER C 232 -1.63 0.38 -32.94
N PHE C 233 -1.32 1.46 -32.21
CA PHE C 233 -0.50 1.39 -31.01
C PHE C 233 -1.03 2.38 -29.99
N VAL C 234 -1.21 1.93 -28.75
CA VAL C 234 -1.72 2.77 -27.67
C VAL C 234 -0.63 3.28 -26.72
N PHE C 235 -0.77 4.53 -26.30
CA PHE C 235 0.15 5.19 -25.39
C PHE C 235 -0.54 5.36 -24.03
N PHE C 236 0.21 5.14 -22.95
CA PHE C 236 -0.36 5.23 -21.61
C PHE C 236 0.16 6.38 -20.76
N LYS C 237 -0.51 6.60 -19.62
CA LYS C 237 -0.14 7.63 -18.67
C LYS C 237 -0.26 7.08 -17.26
N PRO C 238 0.87 6.98 -16.54
CA PRO C 238 0.94 6.46 -15.17
C PRO C 238 0.12 7.28 -14.19
N GLN C 239 -0.65 6.59 -13.35
CA GLN C 239 -1.49 7.22 -12.34
C GLN C 239 -1.03 6.83 -10.92
N SER C 240 -0.14 5.84 -10.86
CA SER C 240 0.44 5.31 -9.62
C SER C 240 -0.55 4.87 -8.54
N PHE C 241 -1.05 3.65 -8.70
CA PHE C 241 -2.01 3.02 -7.80
C PHE C 241 -3.32 3.75 -7.66
N ALA C 242 -3.98 3.96 -8.79
CA ALA C 242 -5.27 4.62 -8.84
C ALA C 242 -6.25 3.58 -9.37
N PRO C 243 -7.53 3.69 -8.95
CA PRO C 243 -8.54 2.72 -9.43
C PRO C 243 -8.73 2.77 -10.94
N VAL C 244 -9.11 1.64 -11.53
CA VAL C 244 -9.33 1.55 -12.97
C VAL C 244 -10.45 2.48 -13.39
N LYS C 245 -10.09 3.51 -14.15
CA LYS C 245 -11.05 4.50 -14.63
C LYS C 245 -11.16 4.45 -16.16
N GLY C 246 -12.37 4.69 -16.66
CA GLY C 246 -12.59 4.69 -18.10
C GLY C 246 -12.69 6.09 -18.65
N ALA C 247 -13.51 6.26 -19.68
CA ALA C 247 -13.69 7.57 -20.32
C ALA C 247 -14.40 8.55 -19.40
N SER C 248 -15.32 8.04 -18.57
CA SER C 248 -16.08 8.86 -17.64
C SER C 248 -15.28 9.28 -16.41
N ALA C 249 -14.05 8.78 -16.31
CA ALA C 249 -13.16 9.08 -15.18
C ALA C 249 -13.74 8.60 -13.85
N VAL C 250 -14.48 7.50 -13.91
CA VAL C 250 -15.10 6.91 -12.73
C VAL C 250 -14.57 5.49 -12.56
N PRO C 251 -14.10 5.14 -11.35
CA PRO C 251 -13.58 3.81 -11.08
C PRO C 251 -14.56 2.69 -11.44
N LEU C 252 -14.13 1.85 -12.37
CA LEU C 252 -14.94 0.73 -12.87
C LEU C 252 -14.99 -0.46 -11.91
N VAL C 253 -16.18 -1.02 -11.76
CA VAL C 253 -16.38 -2.19 -10.90
C VAL C 253 -16.58 -3.43 -11.75
N GLY C 254 -16.00 -4.55 -11.32
CA GLY C 254 -16.11 -5.80 -12.04
C GLY C 254 -17.52 -6.27 -12.33
N ARG C 255 -17.86 -6.32 -13.61
CA ARG C 255 -19.17 -6.75 -14.09
C ARG C 255 -20.36 -5.93 -13.60
N ALA C 256 -20.08 -4.69 -13.22
CA ALA C 256 -21.11 -3.76 -12.75
C ALA C 256 -21.06 -2.51 -13.60
N SER C 257 -20.26 -2.56 -14.66
CA SER C 257 -20.09 -1.45 -15.59
C SER C 257 -19.77 -1.97 -16.99
N VAL C 258 -20.14 -1.19 -18.00
CA VAL C 258 -19.90 -1.55 -19.39
C VAL C 258 -19.48 -0.35 -20.24
N ALA C 259 -18.87 -0.64 -21.38
CA ALA C 259 -18.45 0.40 -22.31
C ALA C 259 -19.56 0.49 -23.36
N SER C 260 -19.90 1.71 -23.77
CA SER C 260 -20.97 1.88 -24.75
C SER C 260 -20.75 3.02 -25.74
N ASP C 261 -21.70 3.17 -26.64
CA ASP C 261 -21.67 4.23 -27.64
C ASP C 261 -22.37 5.41 -26.99
N ARG C 262 -21.58 6.42 -26.61
CA ARG C 262 -22.11 7.61 -25.94
C ARG C 262 -23.21 8.35 -26.70
N SER C 263 -23.27 8.18 -28.01
CA SER C 263 -24.29 8.83 -28.82
C SER C 263 -25.66 8.16 -28.62
N ILE C 264 -25.66 6.84 -28.47
CA ILE C 264 -26.89 6.09 -28.26
C ILE C 264 -27.16 5.90 -26.77
N ILE C 265 -26.19 5.33 -26.05
CA ILE C 265 -26.30 5.12 -24.61
C ILE C 265 -25.27 5.98 -23.88
N PRO C 266 -25.69 7.16 -23.39
CA PRO C 266 -24.81 8.09 -22.68
C PRO C 266 -24.30 7.56 -21.33
N PRO C 267 -23.16 8.10 -20.84
CA PRO C 267 -22.58 7.67 -19.57
C PRO C 267 -23.48 7.97 -18.37
N GLY C 268 -23.50 7.04 -17.43
CA GLY C 268 -24.33 7.19 -16.23
C GLY C 268 -25.67 6.49 -16.38
N THR C 269 -25.88 5.84 -17.52
CA THR C 269 -27.12 5.12 -17.80
C THR C 269 -27.17 3.77 -17.09
N THR C 270 -28.23 3.55 -16.33
CA THR C 270 -28.42 2.29 -15.61
C THR C 270 -28.96 1.25 -16.59
N LEU C 271 -28.32 0.08 -16.61
CA LEU C 271 -28.70 -1.00 -17.51
C LEU C 271 -28.85 -2.35 -16.82
N ILE C 272 -30.02 -2.95 -16.92
CA ILE C 272 -30.26 -4.27 -16.35
C ILE C 272 -30.21 -5.20 -17.55
N ALA C 273 -29.37 -6.22 -17.50
CA ALA C 273 -29.23 -7.12 -18.64
C ALA C 273 -29.11 -8.60 -18.33
N GLU C 274 -29.48 -9.40 -19.32
CA GLU C 274 -29.40 -10.85 -19.25
C GLU C 274 -28.11 -11.27 -19.94
N VAL C 275 -27.02 -11.25 -19.19
CA VAL C 275 -25.70 -11.61 -19.70
C VAL C 275 -25.59 -13.13 -19.85
N PRO C 276 -25.40 -13.60 -21.10
CA PRO C 276 -25.27 -15.04 -21.40
C PRO C 276 -24.05 -15.69 -20.73
N LEU C 277 -24.31 -16.77 -20.01
CA LEU C 277 -23.24 -17.49 -19.32
C LEU C 277 -22.48 -18.43 -20.25
N LEU C 278 -21.22 -18.70 -19.90
CA LEU C 278 -20.36 -19.58 -20.68
C LEU C 278 -19.30 -20.23 -19.80
N ASP C 279 -18.99 -21.50 -20.08
CA ASP C 279 -18.00 -22.25 -19.31
C ASP C 279 -16.56 -21.79 -19.56
N ASN C 280 -15.61 -22.54 -18.99
CA ASN C 280 -14.19 -22.23 -19.13
C ASN C 280 -13.70 -22.23 -20.57
N ASN C 281 -14.40 -22.97 -21.44
CA ASN C 281 -14.05 -23.05 -22.85
C ASN C 281 -14.83 -22.03 -23.68
N GLY C 282 -15.53 -21.14 -22.99
CA GLY C 282 -16.32 -20.10 -23.64
C GLY C 282 -17.50 -20.58 -24.46
N LYS C 283 -17.93 -21.82 -24.23
CA LYS C 283 -19.07 -22.38 -24.93
C LYS C 283 -20.36 -21.97 -24.25
N PHE C 284 -21.33 -21.50 -25.03
CA PHE C 284 -22.63 -21.09 -24.50
C PHE C 284 -23.42 -22.30 -24.03
N ASN C 285 -23.54 -22.44 -22.71
CA ASN C 285 -24.27 -23.54 -22.10
C ASN C 285 -25.78 -23.47 -22.29
N GLY C 286 -26.31 -22.25 -22.39
CA GLY C 286 -27.74 -22.07 -22.58
C GLY C 286 -28.44 -21.19 -21.57
N GLN C 287 -27.77 -20.93 -20.44
CA GLN C 287 -28.34 -20.10 -19.38
C GLN C 287 -27.79 -18.67 -19.38
N TYR C 288 -28.52 -17.77 -18.72
CA TYR C 288 -28.14 -16.37 -18.64
C TYR C 288 -27.85 -15.93 -17.21
N GLU C 289 -27.67 -14.63 -17.02
CA GLU C 289 -27.36 -14.05 -15.72
C GLU C 289 -27.87 -12.62 -15.65
N LEU C 290 -28.64 -12.31 -14.62
CA LEU C 290 -29.19 -10.97 -14.45
C LEU C 290 -28.25 -10.04 -13.69
N ARG C 291 -27.82 -8.98 -14.37
CA ARG C 291 -26.89 -8.01 -13.78
C ARG C 291 -27.29 -6.55 -14.01
N LEU C 292 -27.01 -5.71 -13.01
CA LEU C 292 -27.27 -4.28 -13.08
C LEU C 292 -25.93 -3.62 -13.36
N MSE C 293 -25.83 -2.90 -14.48
CA MSE C 293 -24.59 -2.25 -14.86
C MSE C 293 -24.80 -0.81 -15.28
O MSE C 293 -25.92 -0.40 -15.60
CB MSE C 293 -23.91 -3.06 -15.97
CG MSE C 293 -23.63 -4.51 -15.59
SE MSE C 293 -23.02 -5.66 -17.01
CE MSE C 293 -24.70 -5.90 -17.92
N VAL C 294 -23.73 -0.02 -15.25
CA VAL C 294 -23.79 1.39 -15.62
C VAL C 294 -22.76 1.70 -16.71
N ALA C 295 -23.18 2.49 -17.70
CA ALA C 295 -22.30 2.88 -18.81
C ALA C 295 -21.33 3.95 -18.31
N LEU C 296 -20.05 3.60 -18.21
CA LEU C 296 -19.04 4.53 -17.72
C LEU C 296 -17.74 4.53 -18.51
N ASP C 297 -17.79 4.06 -19.75
CA ASP C 297 -16.60 4.02 -20.60
C ASP C 297 -17.02 3.91 -22.06
N VAL C 298 -16.08 4.18 -22.96
CA VAL C 298 -16.34 4.12 -24.40
C VAL C 298 -15.32 3.21 -25.09
N GLY C 299 -15.46 3.06 -26.40
CA GLY C 299 -14.56 2.22 -27.17
C GLY C 299 -14.63 2.51 -28.65
N GLY C 300 -13.53 2.30 -29.35
CA GLY C 300 -13.48 2.55 -30.78
C GLY C 300 -14.34 1.59 -31.60
N ALA C 301 -14.44 0.35 -31.12
CA ALA C 301 -15.24 -0.67 -31.80
C ALA C 301 -16.59 -0.88 -31.13
N ILE C 302 -16.92 -0.03 -30.16
CA ILE C 302 -18.18 -0.11 -29.45
C ILE C 302 -19.13 0.95 -29.99
N LYS C 303 -19.89 0.59 -31.01
CA LYS C 303 -20.84 1.50 -31.64
C LYS C 303 -22.23 0.89 -31.74
N GLY C 304 -23.25 1.73 -31.72
CA GLY C 304 -24.63 1.28 -31.82
C GLY C 304 -25.08 0.37 -30.69
N GLN C 305 -25.87 -0.65 -31.05
CA GLN C 305 -26.39 -1.62 -30.09
C GLN C 305 -25.30 -2.63 -29.74
N HIS C 306 -24.33 -2.18 -28.93
CA HIS C 306 -23.22 -3.03 -28.53
C HIS C 306 -22.63 -2.57 -27.19
N PHE C 307 -22.31 -3.53 -26.33
CA PHE C 307 -21.74 -3.24 -25.01
C PHE C 307 -20.50 -4.06 -24.73
N ALA C 308 -19.58 -3.46 -23.97
CA ALA C 308 -18.34 -4.12 -23.59
C ALA C 308 -18.31 -4.24 -22.07
N ILE C 309 -18.69 -5.41 -21.58
CA ILE C 309 -18.73 -5.67 -20.14
C ILE C 309 -17.35 -5.70 -19.51
N TYR C 310 -17.14 -4.81 -18.54
CA TYR C 310 -15.86 -4.74 -17.82
C TYR C 310 -15.84 -5.91 -16.86
N GLN C 311 -14.96 -6.88 -17.12
CA GLN C 311 -14.85 -8.07 -16.28
C GLN C 311 -14.14 -7.88 -14.95
N GLY C 312 -13.04 -7.14 -14.95
CA GLY C 312 -12.30 -6.91 -13.72
C GLY C 312 -10.80 -6.74 -13.89
N ILE C 313 -10.06 -7.11 -12.85
CA ILE C 313 -8.61 -7.01 -12.85
C ILE C 313 -7.98 -8.38 -12.61
N GLY C 314 -7.00 -8.73 -13.43
CA GLY C 314 -6.33 -10.01 -13.25
C GLY C 314 -6.53 -11.05 -14.34
N PRO C 315 -5.88 -12.22 -14.20
CA PRO C 315 -5.93 -13.35 -15.13
C PRO C 315 -7.34 -13.91 -15.33
N GLU C 316 -7.99 -14.27 -14.23
CA GLU C 316 -9.34 -14.83 -14.25
C GLU C 316 -10.32 -13.91 -14.97
N ALA C 317 -10.14 -12.61 -14.81
CA ALA C 317 -10.99 -11.60 -15.44
C ALA C 317 -10.69 -11.56 -16.93
N GLY C 318 -9.46 -11.92 -17.30
CA GLY C 318 -9.06 -11.93 -18.70
C GLY C 318 -9.57 -13.13 -19.46
N HIS C 319 -9.60 -14.29 -18.80
CA HIS C 319 -10.09 -15.52 -19.41
C HIS C 319 -11.58 -15.37 -19.71
N ARG C 320 -12.29 -14.79 -18.74
CA ARG C 320 -13.72 -14.57 -18.83
C ARG C 320 -14.07 -13.54 -19.90
N ALA C 321 -13.22 -12.52 -20.05
CA ALA C 321 -13.42 -11.45 -21.02
C ALA C 321 -13.13 -11.87 -22.47
N GLY C 322 -12.08 -12.64 -22.67
CA GLY C 322 -11.71 -13.09 -24.00
C GLY C 322 -12.72 -13.97 -24.70
N TRP C 323 -13.55 -14.68 -23.93
CA TRP C 323 -14.56 -15.56 -24.47
C TRP C 323 -15.84 -14.85 -24.93
N TYR C 324 -16.18 -13.75 -24.27
CA TYR C 324 -17.39 -13.00 -24.61
C TYR C 324 -17.49 -12.48 -26.04
N ASN C 325 -18.47 -13.04 -26.75
CA ASN C 325 -18.77 -12.69 -28.12
C ASN C 325 -20.18 -13.25 -28.39
N HIS C 326 -21.01 -13.23 -27.35
CA HIS C 326 -22.37 -13.73 -27.40
C HIS C 326 -23.43 -12.63 -27.38
N TYR C 327 -24.70 -13.03 -27.23
CA TYR C 327 -25.81 -12.10 -27.20
C TYR C 327 -26.70 -12.25 -25.96
N GLY C 328 -27.40 -11.18 -25.62
CA GLY C 328 -28.28 -11.20 -24.46
C GLY C 328 -29.18 -9.97 -24.42
N ARG C 329 -30.31 -10.08 -23.74
CA ARG C 329 -31.27 -8.99 -23.63
C ARG C 329 -30.84 -7.92 -22.61
N VAL C 330 -31.24 -6.68 -22.86
CA VAL C 330 -30.89 -5.57 -21.97
C VAL C 330 -31.95 -4.47 -21.97
N TRP C 331 -32.26 -3.97 -20.78
CA TRP C 331 -33.25 -2.92 -20.60
C TRP C 331 -32.60 -1.66 -20.02
N VAL C 332 -32.82 -0.54 -20.70
CA VAL C 332 -32.30 0.75 -20.26
C VAL C 332 -33.23 1.27 -19.17
N LEU C 333 -32.77 1.25 -17.93
CA LEU C 333 -33.58 1.71 -16.81
C LEU C 333 -33.58 3.22 -16.65
N LYS C 334 -34.77 3.80 -16.68
CA LYS C 334 -34.96 5.24 -16.54
C LYS C 334 -36.07 5.50 -15.53
N THR C 335 -36.48 6.76 -15.38
CA THR C 335 -37.53 7.12 -14.45
C THR C 335 -38.88 7.28 -15.14
N ALA C 336 -39.96 7.09 -14.38
CA ALA C 336 -41.32 7.21 -14.89
C ALA C 336 -41.86 8.63 -14.71
N PRO C 337 -42.26 9.28 -15.82
CA PRO C 337 -42.79 10.65 -15.81
C PRO C 337 -44.19 10.76 -15.16
N SER D 3 53.23 -11.07 4.97
CA SER D 3 52.19 -10.02 5.16
C SER D 3 50.79 -10.56 4.89
N LYS D 4 49.78 -9.70 5.05
CA LYS D 4 48.39 -10.07 4.81
C LYS D 4 48.04 -9.69 3.38
N PRO D 5 47.90 -10.70 2.49
CA PRO D 5 47.56 -10.46 1.08
C PRO D 5 46.19 -9.78 0.94
N THR D 6 46.21 -8.56 0.41
CA THR D 6 44.99 -7.77 0.23
C THR D 6 44.14 -8.20 -0.97
N ASP D 7 44.14 -9.50 -1.27
CA ASP D 7 43.35 -10.03 -2.38
C ASP D 7 41.86 -10.00 -2.02
N ARG D 8 41.57 -10.01 -0.73
CA ARG D 8 40.19 -9.98 -0.22
C ARG D 8 40.00 -8.85 0.79
N GLY D 9 40.81 -7.81 0.68
CA GLY D 9 40.70 -6.67 1.58
C GLY D 9 41.17 -6.91 3.01
N GLN D 10 42.48 -6.86 3.22
CA GLN D 10 43.06 -7.06 4.54
C GLN D 10 44.04 -5.94 4.88
N GLN D 11 43.54 -4.87 5.49
CA GLN D 11 44.39 -3.74 5.87
C GLN D 11 45.09 -4.00 7.20
N TYR D 12 46.11 -3.19 7.49
CA TYR D 12 46.89 -3.34 8.71
C TYR D 12 47.48 -2.00 9.17
N LYS D 13 46.68 -0.93 9.06
CA LYS D 13 47.12 0.40 9.45
C LYS D 13 46.50 0.83 10.78
N ASP D 14 46.90 0.15 11.85
CA ASP D 14 46.40 0.44 13.20
C ASP D 14 47.42 0.08 14.27
N GLY D 15 48.21 -0.96 13.99
CA GLY D 15 49.22 -1.40 14.94
C GLY D 15 49.24 -2.92 15.06
N LYS D 16 48.99 -3.41 16.27
CA LYS D 16 48.97 -4.84 16.54
C LYS D 16 48.15 -5.07 17.81
N PHE D 17 46.88 -5.41 17.63
CA PHE D 17 45.97 -5.65 18.74
C PHE D 17 45.37 -7.06 18.66
N THR D 18 45.79 -7.91 19.59
CA THR D 18 45.33 -9.31 19.63
C THR D 18 44.13 -9.57 20.53
N GLN D 19 44.00 -8.80 21.62
CA GLN D 19 42.89 -8.97 22.56
C GLN D 19 41.52 -8.80 21.88
N PRO D 20 40.50 -9.53 22.36
CA PRO D 20 39.13 -9.48 21.82
C PRO D 20 38.62 -8.05 21.63
N PHE D 21 38.62 -7.28 22.72
CA PHE D 21 38.18 -5.89 22.69
C PHE D 21 39.37 -4.98 22.97
N SER D 22 40.05 -4.58 21.90
CA SER D 22 41.21 -3.70 21.98
C SER D 22 40.82 -2.24 22.12
N LEU D 23 40.81 -1.73 23.34
CA LEU D 23 40.45 -0.35 23.60
C LEU D 23 41.51 0.63 23.10
N VAL D 24 41.31 1.14 21.89
CA VAL D 24 42.22 2.10 21.29
C VAL D 24 41.73 3.50 21.67
N ASN D 25 42.62 4.49 21.59
CA ASN D 25 42.25 5.86 21.92
C ASN D 25 41.16 6.28 20.94
N GLN D 26 41.52 6.30 19.65
CA GLN D 26 40.60 6.67 18.59
C GLN D 26 41.05 5.96 17.30
N PRO D 27 40.14 5.23 16.64
CA PRO D 27 40.32 4.47 15.40
C PRO D 27 40.95 5.21 14.22
N ASP D 28 41.48 4.44 13.28
CA ASP D 28 42.11 4.97 12.08
C ASP D 28 41.11 5.15 10.95
N ALA D 29 40.84 6.40 10.60
CA ALA D 29 39.90 6.74 9.53
C ALA D 29 39.90 8.23 9.23
N VAL D 30 39.61 8.57 7.97
CA VAL D 30 39.57 9.97 7.54
C VAL D 30 38.13 10.38 7.19
N GLY D 31 37.67 11.46 7.79
CA GLY D 31 36.33 11.95 7.54
C GLY D 31 35.24 11.27 8.36
N ALA D 32 34.01 11.70 8.13
CA ALA D 32 32.84 11.17 8.84
C ALA D 32 32.25 9.94 8.13
N PRO D 33 31.47 9.13 8.87
CA PRO D 33 30.84 7.93 8.31
C PRO D 33 29.89 8.29 7.17
N ILE D 34 29.75 7.39 6.20
CA ILE D 34 28.88 7.64 5.06
C ILE D 34 27.39 7.56 5.39
N ASN D 35 27.03 6.68 6.33
CA ASN D 35 25.64 6.51 6.73
C ASN D 35 25.30 7.06 8.12
N ALA D 36 25.43 8.37 8.28
CA ALA D 36 25.15 9.02 9.55
C ALA D 36 23.65 9.16 9.79
N GLY D 37 22.96 9.81 8.86
CA GLY D 37 21.52 9.99 8.98
C GLY D 37 20.79 8.67 8.84
N ASP D 38 21.42 7.73 8.15
CA ASP D 38 20.86 6.40 7.92
C ASP D 38 20.96 5.58 9.21
N PHE D 39 21.96 5.89 10.03
CA PHE D 39 22.18 5.20 11.30
C PHE D 39 21.09 5.59 12.28
N ALA D 40 20.60 6.83 12.18
CA ALA D 40 19.55 7.34 13.05
C ALA D 40 18.25 6.55 12.86
N GLU D 41 17.92 6.25 11.60
CA GLU D 41 16.71 5.50 11.27
C GLU D 41 16.77 4.09 11.87
N GLN D 42 17.94 3.46 11.74
CA GLN D 42 18.18 2.13 12.25
C GLN D 42 17.95 2.09 13.75
N ILE D 43 18.48 3.09 14.44
CA ILE D 43 18.35 3.21 15.89
C ILE D 43 16.90 3.49 16.30
N ASN D 44 16.23 4.35 15.55
CA ASN D 44 14.84 4.70 15.82
C ASN D 44 13.95 3.46 15.84
N HIS D 45 14.28 2.50 14.97
CA HIS D 45 13.54 1.25 14.87
C HIS D 45 13.74 0.40 16.12
N ILE D 46 14.94 0.46 16.69
CA ILE D 46 15.28 -0.29 17.90
C ILE D 46 14.46 0.23 19.08
N ARG D 47 14.13 1.51 19.04
CA ARG D 47 13.34 2.17 20.08
C ARG D 47 11.91 1.66 20.15
N ASN D 48 11.26 1.55 18.99
CA ASN D 48 9.87 1.10 18.92
C ASN D 48 9.64 -0.40 18.79
N SER D 49 10.60 -1.10 18.17
CA SER D 49 10.47 -2.54 17.97
C SER D 49 11.05 -3.38 19.11
N SER D 50 11.97 -2.79 19.87
CA SER D 50 12.59 -3.47 21.00
C SER D 50 12.94 -2.45 22.07
N PRO D 51 11.92 -1.96 22.81
CA PRO D 51 12.05 -0.97 23.88
C PRO D 51 12.98 -1.35 25.03
N ARG D 52 13.22 -2.65 25.19
CA ARG D 52 14.11 -3.12 26.26
C ARG D 52 15.56 -3.07 25.78
N LEU D 53 15.76 -3.30 24.49
CA LEU D 53 17.09 -3.27 23.90
C LEU D 53 17.58 -1.82 23.79
N TYR D 54 16.64 -0.91 23.56
CA TYR D 54 16.94 0.51 23.45
C TYR D 54 17.34 1.07 24.81
N GLY D 55 16.58 0.69 25.84
CA GLY D 55 16.86 1.16 27.20
C GLY D 55 18.25 0.81 27.69
N ASN D 56 18.78 -0.32 27.24
CA ASN D 56 20.11 -0.78 27.62
C ASN D 56 21.22 -0.06 26.87
N GLN D 57 20.91 0.45 25.69
CA GLN D 57 21.89 1.15 24.87
C GLN D 57 21.49 2.58 24.55
N SER D 58 20.66 3.18 25.40
CA SER D 58 20.19 4.56 25.21
C SER D 58 21.36 5.54 25.18
N ASN D 59 22.14 5.55 26.25
CA ASN D 59 23.30 6.43 26.39
C ASN D 59 24.33 6.26 25.28
N VAL D 60 24.45 5.04 24.76
CA VAL D 60 25.39 4.73 23.70
C VAL D 60 24.94 5.36 22.37
N TYR D 61 23.67 5.17 22.06
CA TYR D 61 23.08 5.70 20.82
C TYR D 61 23.04 7.23 20.83
N ASN D 62 22.63 7.79 21.97
CA ASN D 62 22.53 9.24 22.12
C ASN D 62 23.89 9.92 22.02
N ALA D 63 24.94 9.22 22.45
CA ALA D 63 26.29 9.74 22.43
C ALA D 63 26.86 9.87 21.01
N VAL D 64 26.77 8.79 20.23
CA VAL D 64 27.27 8.79 18.86
C VAL D 64 26.52 9.76 17.94
N GLN D 65 25.27 10.08 18.30
CA GLN D 65 24.45 10.99 17.51
C GLN D 65 25.05 12.40 17.49
N GLU D 66 25.50 12.86 18.65
CA GLU D 66 26.11 14.18 18.78
C GLU D 66 27.46 14.19 18.06
N TRP D 67 28.16 13.06 18.14
CA TRP D 67 29.47 12.88 17.50
C TRP D 67 29.33 13.03 15.99
N LEU D 68 28.22 12.54 15.44
CA LEU D 68 27.94 12.61 14.02
C LEU D 68 27.47 14.00 13.59
N ARG D 69 26.68 14.63 14.46
CA ARG D 69 26.14 15.97 14.19
C ARG D 69 27.16 17.09 14.37
N ALA D 70 28.27 16.77 15.05
CA ALA D 70 29.32 17.75 15.29
C ALA D 70 30.37 17.72 14.18
N GLY D 71 30.86 16.52 13.86
CA GLY D 71 31.86 16.37 12.82
C GLY D 71 31.83 14.99 12.21
N GLY D 72 31.91 13.96 13.05
CA GLY D 72 31.88 12.59 12.57
C GLY D 72 33.24 11.95 12.40
N ASP D 73 34.31 12.72 12.54
CA ASP D 73 35.67 12.20 12.39
C ASP D 73 36.02 11.26 13.54
N THR D 74 36.69 10.16 13.20
CA THR D 74 37.10 9.15 14.17
C THR D 74 38.20 9.64 15.12
N ARG D 75 38.34 10.95 15.21
CA ARG D 75 39.34 11.58 16.07
C ARG D 75 38.64 12.49 17.09
N ASN D 76 37.31 12.57 16.99
CA ASN D 76 36.51 13.39 17.89
C ASN D 76 35.53 12.54 18.68
N MSE D 77 35.84 11.25 18.82
CA MSE D 77 34.99 10.31 19.53
C MSE D 77 35.11 10.42 21.05
O MSE D 77 34.12 10.61 21.75
CB MSE D 77 35.31 8.89 19.09
CG MSE D 77 35.26 8.70 17.59
SE MSE D 77 35.76 6.93 17.04
CE MSE D 77 34.01 6.13 16.99
N ARG D 78 36.35 10.28 21.54
CA ARG D 78 36.62 10.35 22.98
C ARG D 78 36.21 11.70 23.57
N GLN D 79 36.03 12.69 22.71
CA GLN D 79 35.63 14.03 23.13
C GLN D 79 34.20 14.07 23.66
N PHE D 80 33.50 12.94 23.55
CA PHE D 80 32.12 12.85 24.03
C PHE D 80 31.92 11.59 24.88
N GLY D 81 33.03 11.06 25.41
CA GLY D 81 32.98 9.88 26.25
C GLY D 81 32.79 8.56 25.53
N ILE D 82 33.04 8.54 24.23
CA ILE D 82 32.89 7.31 23.44
C ILE D 82 34.21 6.54 23.40
N ASP D 83 34.12 5.24 23.67
CA ASP D 83 35.29 4.36 23.67
C ASP D 83 35.20 3.34 22.54
N ALA D 84 36.25 3.29 21.72
CA ALA D 84 36.31 2.36 20.60
C ALA D 84 37.08 1.09 20.98
N TRP D 85 36.39 -0.05 20.94
CA TRP D 85 37.00 -1.33 21.29
C TRP D 85 37.22 -2.17 20.03
N GLN D 86 38.41 -2.02 19.43
CA GLN D 86 38.77 -2.76 18.22
C GLN D 86 38.72 -4.27 18.43
N MSE D 87 38.42 -5.00 17.36
CA MSE D 87 38.35 -6.45 17.42
C MSE D 87 39.57 -7.12 16.80
O MSE D 87 40.14 -6.63 15.83
CB MSE D 87 37.07 -6.94 16.72
CG MSE D 87 35.79 -6.53 17.43
SE MSE D 87 34.22 -7.06 16.46
CE MSE D 87 34.19 -8.92 16.93
N GLU D 88 39.96 -8.26 17.37
CA GLU D 88 41.11 -9.01 16.89
C GLU D 88 40.92 -9.53 15.48
N GLY D 89 39.74 -10.07 15.19
CA GLY D 89 39.45 -10.60 13.88
C GLY D 89 39.89 -12.03 13.71
N ALA D 90 40.11 -12.44 12.47
CA ALA D 90 40.53 -13.79 12.14
C ALA D 90 41.99 -14.06 12.53
N ASP D 91 42.92 -13.41 11.83
CA ASP D 91 44.35 -13.58 12.08
C ASP D 91 44.83 -12.92 13.37
N ASN D 92 43.90 -12.27 14.08
CA ASN D 92 44.18 -11.57 15.33
C ASN D 92 45.01 -10.30 15.16
N TYR D 93 45.37 -9.99 13.92
CA TYR D 93 46.15 -8.80 13.62
C TYR D 93 45.24 -7.58 13.39
N GLY D 94 44.01 -7.86 12.95
CA GLY D 94 43.06 -6.81 12.70
C GLY D 94 42.29 -7.00 11.40
N ASN D 95 41.74 -8.19 11.22
CA ASN D 95 40.97 -8.51 10.01
C ASN D 95 39.71 -9.31 10.33
N VAL D 96 38.60 -8.59 10.48
CA VAL D 96 37.30 -9.19 10.78
C VAL D 96 36.57 -9.51 9.48
N GLN D 97 36.12 -10.76 9.37
CA GLN D 97 35.40 -11.23 8.18
C GLN D 97 34.07 -10.51 7.96
N PHE D 98 33.76 -10.25 6.69
CA PHE D 98 32.52 -9.57 6.31
C PHE D 98 31.84 -10.25 5.13
N THR D 99 30.62 -10.75 5.36
CA THR D 99 29.84 -11.38 4.32
C THR D 99 28.56 -10.57 4.15
N GLY D 100 27.66 -11.01 3.29
CA GLY D 100 26.43 -10.25 3.10
C GLY D 100 25.22 -11.07 2.69
N TYR D 101 24.04 -10.52 2.99
CA TYR D 101 22.77 -11.15 2.66
C TYR D 101 21.73 -10.05 2.45
N TYR D 102 20.66 -10.37 1.71
CA TYR D 102 19.62 -9.40 1.43
C TYR D 102 18.23 -10.03 1.48
N THR D 103 17.23 -9.23 1.15
CA THR D 103 15.84 -9.68 1.12
C THR D 103 15.32 -9.65 -0.31
N PRO D 104 15.34 -10.81 -0.99
CA PRO D 104 14.88 -10.93 -2.37
C PRO D 104 13.36 -10.90 -2.54
N VAL D 105 12.93 -10.47 -3.73
CA VAL D 105 11.50 -10.42 -4.04
C VAL D 105 11.25 -11.45 -5.14
N ILE D 106 10.31 -12.36 -4.89
CA ILE D 106 9.98 -13.41 -5.85
C ILE D 106 8.49 -13.39 -6.17
N GLN D 107 8.14 -13.75 -7.40
CA GLN D 107 6.75 -13.80 -7.82
C GLN D 107 6.20 -15.20 -7.61
N ALA D 108 4.93 -15.29 -7.24
CA ALA D 108 4.30 -16.58 -6.99
C ALA D 108 2.78 -16.49 -7.03
N ARG D 109 2.14 -17.64 -7.04
CA ARG D 109 0.68 -17.74 -7.07
C ARG D 109 0.22 -18.66 -5.94
N HIS D 110 -1.01 -18.46 -5.47
CA HIS D 110 -1.56 -19.29 -4.41
C HIS D 110 -1.79 -20.72 -4.90
N THR D 111 -2.06 -20.86 -6.20
CA THR D 111 -2.29 -22.16 -6.82
C THR D 111 -1.31 -22.35 -7.98
N ARG D 112 -0.87 -23.58 -8.19
CA ARG D 112 0.06 -23.89 -9.27
C ARG D 112 -0.56 -23.70 -10.65
N GLN D 113 0.14 -22.97 -11.51
CA GLN D 113 -0.32 -22.69 -12.86
C GLN D 113 0.81 -22.19 -13.74
N GLY D 114 0.95 -22.79 -14.92
CA GLY D 114 1.98 -22.39 -15.86
C GLY D 114 3.39 -22.59 -15.34
N GLU D 115 4.15 -21.50 -15.26
CA GLU D 115 5.53 -21.55 -14.80
C GLU D 115 5.64 -21.66 -13.28
N PHE D 116 4.54 -21.42 -12.58
CA PHE D 116 4.50 -21.49 -11.13
C PHE D 116 4.21 -22.92 -10.66
N GLN D 117 5.28 -23.70 -10.46
CA GLN D 117 5.14 -25.09 -10.03
C GLN D 117 6.08 -25.46 -8.88
N TYR D 118 6.68 -24.45 -8.24
CA TYR D 118 7.62 -24.67 -7.14
C TYR D 118 7.08 -24.15 -5.80
N PRO D 119 6.60 -25.05 -4.94
CA PRO D 119 6.03 -24.78 -3.62
C PRO D 119 6.96 -24.17 -2.58
N ILE D 120 6.39 -23.29 -1.75
CA ILE D 120 7.09 -22.63 -0.66
C ILE D 120 6.31 -23.08 0.57
N TYR D 121 6.97 -23.83 1.44
CA TYR D 121 6.32 -24.38 2.63
C TYR D 121 6.41 -23.57 3.93
N ARG D 122 5.47 -23.83 4.82
CA ARG D 122 5.40 -23.20 6.13
C ARG D 122 5.80 -24.24 7.16
N MSE D 123 5.76 -23.86 8.44
CA MSE D 123 6.13 -24.75 9.54
C MSE D 123 5.20 -25.94 9.74
O MSE D 123 4.05 -25.79 10.11
CB MSE D 123 6.23 -23.96 10.85
CG MSE D 123 7.60 -23.41 11.15
SE MSE D 123 8.82 -24.82 11.66
CE MSE D 123 8.75 -24.56 13.57
N PRO D 124 5.72 -27.15 9.46
CA PRO D 124 4.97 -28.42 9.60
C PRO D 124 5.14 -28.98 11.00
N PRO D 125 4.44 -30.08 11.34
CA PRO D 125 4.56 -30.68 12.68
C PRO D 125 5.98 -31.16 13.00
N LYS D 126 6.13 -31.73 14.20
CA LYS D 126 7.43 -32.22 14.67
C LYS D 126 8.09 -33.26 13.77
N ARG D 127 7.36 -34.32 13.43
CA ARG D 127 7.91 -35.38 12.58
C ARG D 127 7.96 -35.04 11.10
N GLY D 128 7.31 -33.94 10.72
CA GLY D 128 7.31 -33.51 9.33
C GLY D 128 8.56 -32.72 9.00
N ARG D 129 9.20 -32.19 10.04
CA ARG D 129 10.41 -31.39 9.89
C ARG D 129 11.68 -32.23 9.75
N LEU D 130 11.52 -33.55 9.79
CA LEU D 130 12.65 -34.48 9.68
C LEU D 130 13.12 -34.66 8.23
N SER D 131 12.17 -34.55 7.30
CA SER D 131 12.45 -34.71 5.86
C SER D 131 13.48 -33.74 5.29
N SER D 132 14.31 -34.25 4.39
CA SER D 132 15.35 -33.45 3.75
C SER D 132 14.80 -32.71 2.53
N ARG D 133 15.60 -31.81 1.98
CA ARG D 133 15.20 -31.02 0.82
C ARG D 133 14.80 -31.89 -0.38
N ALA D 134 15.61 -32.90 -0.69
CA ALA D 134 15.36 -33.80 -1.79
C ALA D 134 14.03 -34.54 -1.65
N GLU D 135 13.72 -34.94 -0.42
CA GLU D 135 12.48 -35.66 -0.13
C GLU D 135 11.28 -34.73 -0.23
N ILE D 136 11.46 -33.48 0.20
CA ILE D 136 10.41 -32.48 0.14
C ILE D 136 10.11 -32.14 -1.32
N TYR D 137 11.14 -32.18 -2.16
CA TYR D 137 10.98 -31.92 -3.59
C TYR D 137 10.15 -33.03 -4.20
N ALA D 138 10.31 -34.24 -3.68
CA ALA D 138 9.59 -35.42 -4.15
C ALA D 138 8.17 -35.53 -3.57
N GLY D 139 7.86 -34.71 -2.57
CA GLY D 139 6.54 -34.74 -1.98
C GLY D 139 6.42 -35.35 -0.59
N ALA D 140 7.40 -35.09 0.27
CA ALA D 140 7.38 -35.63 1.63
C ALA D 140 6.35 -34.93 2.51
N LEU D 141 6.17 -33.63 2.27
CA LEU D 141 5.22 -32.83 3.04
C LEU D 141 3.87 -32.73 2.35
N SER D 142 2.81 -32.62 3.16
CA SER D 142 1.45 -32.50 2.64
C SER D 142 1.24 -31.15 1.95
N ASP D 143 0.35 -31.13 0.98
CA ASP D 143 0.05 -29.91 0.22
C ASP D 143 -0.59 -28.80 1.05
N LYS D 144 -1.10 -29.13 2.23
CA LYS D 144 -1.73 -28.14 3.08
C LYS D 144 -0.72 -27.24 3.79
N TYR D 145 0.57 -27.58 3.65
CA TYR D 145 1.64 -26.81 4.27
C TYR D 145 2.29 -25.86 3.26
N ILE D 146 1.75 -25.84 2.05
CA ILE D 146 2.26 -24.97 0.99
C ILE D 146 1.63 -23.58 1.13
N LEU D 147 2.47 -22.55 0.97
CA LEU D 147 2.01 -21.17 1.08
C LEU D 147 1.82 -20.55 -0.31
N ALA D 148 2.67 -20.95 -1.25
CA ALA D 148 2.62 -20.43 -2.62
C ALA D 148 3.49 -21.24 -3.58
N TYR D 149 3.34 -20.98 -4.86
CA TYR D 149 4.11 -21.66 -5.91
C TYR D 149 4.85 -20.62 -6.74
N SER D 150 6.18 -20.65 -6.70
CA SER D 150 7.00 -19.70 -7.46
C SER D 150 7.31 -20.20 -8.87
N ASN D 151 7.91 -19.32 -9.67
CA ASN D 151 8.28 -19.63 -11.04
C ASN D 151 9.76 -20.03 -11.19
N SER D 152 10.44 -20.18 -10.07
CA SER D 152 11.87 -20.54 -10.09
C SER D 152 12.30 -21.30 -8.84
N LEU D 153 12.86 -22.49 -9.05
CA LEU D 153 13.33 -23.32 -7.95
C LEU D 153 14.60 -22.71 -7.38
N MSE D 154 15.33 -21.98 -8.22
CA MSE D 154 16.57 -21.31 -7.82
C MSE D 154 16.26 -20.14 -6.89
O MSE D 154 16.96 -19.93 -5.90
CB MSE D 154 17.34 -20.82 -9.05
CG MSE D 154 18.70 -20.21 -8.75
SE MSE D 154 19.90 -21.42 -7.82
CE MSE D 154 20.57 -22.40 -9.34
N ASP D 155 15.22 -19.37 -7.22
CA ASP D 155 14.81 -18.24 -6.40
C ASP D 155 14.41 -18.71 -5.01
N ASN D 156 13.71 -19.84 -4.95
CA ASN D 156 13.27 -20.42 -3.69
C ASN D 156 14.49 -20.83 -2.86
N PHE D 157 15.49 -21.36 -3.55
CA PHE D 157 16.73 -21.80 -2.91
C PHE D 157 17.52 -20.62 -2.36
N ILE D 158 17.60 -19.54 -3.14
CA ILE D 158 18.32 -18.34 -2.72
C ILE D 158 17.62 -17.72 -1.52
N MSE D 159 16.30 -17.63 -1.59
CA MSE D 159 15.49 -17.07 -0.51
C MSE D 159 15.66 -17.92 0.74
O MSE D 159 15.65 -17.42 1.86
CB MSE D 159 14.02 -17.05 -0.93
CG MSE D 159 13.04 -16.66 0.16
SE MSE D 159 11.22 -16.78 -0.43
CE MSE D 159 11.10 -18.69 -0.67
N ASP D 160 15.84 -19.22 0.52
CA ASP D 160 16.04 -20.20 1.59
C ASP D 160 17.35 -19.89 2.32
N VAL D 161 18.38 -19.54 1.53
CA VAL D 161 19.70 -19.21 2.07
C VAL D 161 19.68 -17.87 2.79
N GLN D 162 18.92 -16.91 2.27
CA GLN D 162 18.84 -15.58 2.88
C GLN D 162 18.10 -15.59 4.21
N GLY D 163 17.16 -16.52 4.36
CA GLY D 163 16.40 -16.63 5.59
C GLY D 163 14.97 -16.13 5.47
N SER D 164 14.74 -15.26 4.48
CA SER D 164 13.41 -14.69 4.25
C SER D 164 13.31 -14.03 2.88
N GLY D 165 12.15 -13.43 2.61
CA GLY D 165 11.92 -12.76 1.34
C GLY D 165 10.48 -12.34 1.12
N TYR D 166 10.30 -11.29 0.31
CA TYR D 166 8.97 -10.79 0.00
C TYR D 166 8.34 -11.57 -1.15
N ILE D 167 7.07 -11.93 -0.99
CA ILE D 167 6.36 -12.67 -2.02
C ILE D 167 5.37 -11.78 -2.75
N ASP D 168 5.61 -11.59 -4.05
CA ASP D 168 4.76 -10.77 -4.89
C ASP D 168 3.81 -11.67 -5.68
N PHE D 169 2.52 -11.59 -5.38
CA PHE D 169 1.52 -12.40 -6.06
C PHE D 169 1.06 -11.84 -7.41
N GLY D 170 1.58 -10.66 -7.76
CA GLY D 170 1.25 -10.02 -9.02
C GLY D 170 -0.24 -9.89 -9.33
N ASP D 171 -1.02 -9.53 -8.31
CA ASP D 171 -2.47 -9.38 -8.48
C ASP D 171 -2.99 -8.07 -7.90
N GLY D 172 -2.09 -7.30 -7.28
CA GLY D 172 -2.47 -6.03 -6.69
C GLY D 172 -2.15 -5.98 -5.21
N SER D 173 -2.37 -7.08 -4.51
CA SER D 173 -2.12 -7.17 -3.07
C SER D 173 -0.66 -6.89 -2.74
N PRO D 174 -0.41 -6.28 -1.56
CA PRO D 174 0.93 -5.93 -1.08
C PRO D 174 1.85 -7.14 -0.97
N LEU D 175 3.15 -6.88 -0.93
CA LEU D 175 4.14 -7.95 -0.81
C LEU D 175 4.11 -8.56 0.58
N ASN D 176 3.91 -9.88 0.63
CA ASN D 176 3.85 -10.61 1.89
C ASN D 176 5.25 -11.04 2.30
N PHE D 177 5.69 -10.60 3.48
CA PHE D 177 7.00 -10.94 3.99
C PHE D 177 7.03 -12.32 4.64
N PHE D 178 7.71 -13.27 3.99
CA PHE D 178 7.84 -14.63 4.50
C PHE D 178 9.05 -14.71 5.43
N SER D 179 8.81 -14.51 6.73
CA SER D 179 9.86 -14.55 7.73
C SER D 179 10.35 -15.95 8.06
N TYR D 180 11.57 -16.03 8.61
CA TYR D 180 12.18 -17.29 8.99
C TYR D 180 11.40 -17.88 10.17
N ALA D 181 10.64 -18.94 9.90
CA ALA D 181 9.85 -19.60 10.92
C ALA D 181 10.54 -20.82 11.52
N GLY D 182 11.36 -21.50 10.72
CA GLY D 182 12.06 -22.66 11.20
C GLY D 182 12.87 -23.36 10.12
N LYS D 183 13.40 -24.53 10.45
CA LYS D 183 14.21 -25.30 9.50
C LYS D 183 14.02 -26.80 9.74
N ASN D 184 14.52 -27.61 8.81
CA ASN D 184 14.42 -29.07 8.92
C ASN D 184 15.56 -29.66 9.76
N GLY D 185 15.50 -30.96 10.00
CA GLY D 185 16.53 -31.62 10.79
C GLY D 185 17.76 -32.05 10.02
N HIS D 186 18.22 -31.19 9.11
CA HIS D 186 19.41 -31.49 8.29
C HIS D 186 20.36 -30.31 8.22
N ALA D 187 21.66 -30.60 8.38
CA ALA D 187 22.71 -29.60 8.35
C ALA D 187 22.93 -28.97 6.98
N TYR D 188 23.22 -27.67 6.97
CA TYR D 188 23.46 -26.93 5.74
C TYR D 188 24.81 -27.31 5.13
N ARG D 189 24.83 -27.48 3.80
CA ARG D 189 26.05 -27.83 3.09
C ARG D 189 26.19 -26.98 1.84
N SER D 190 27.38 -26.42 1.65
CA SER D 190 27.70 -25.55 0.52
C SER D 190 27.37 -26.11 -0.87
N ILE D 191 26.58 -25.34 -1.62
CA ILE D 191 26.17 -25.73 -2.97
C ILE D 191 27.19 -25.25 -4.01
N GLY D 192 27.77 -24.08 -3.76
CA GLY D 192 28.78 -23.54 -4.67
C GLY D 192 29.99 -24.45 -4.73
N LYS D 193 30.25 -25.15 -3.62
CA LYS D 193 31.37 -26.07 -3.52
C LYS D 193 31.17 -27.26 -4.46
N VAL D 194 29.92 -27.71 -4.59
CA VAL D 194 29.59 -28.84 -5.46
C VAL D 194 29.89 -28.49 -6.93
N LEU D 195 29.81 -27.21 -7.25
CA LEU D 195 30.10 -26.74 -8.61
C LEU D 195 31.60 -26.88 -8.89
N ILE D 196 32.39 -26.69 -7.85
CA ILE D 196 33.84 -26.79 -7.93
C ILE D 196 34.30 -28.24 -7.85
N ASP D 197 33.50 -29.09 -7.19
CA ASP D 197 33.81 -30.51 -7.04
C ASP D 197 33.77 -31.28 -8.36
N ARG D 198 32.84 -30.91 -9.23
CA ARG D 198 32.70 -31.57 -10.52
C ARG D 198 33.34 -30.78 -11.67
N GLY D 199 33.91 -29.62 -11.34
CA GLY D 199 34.56 -28.79 -12.34
C GLY D 199 33.58 -28.04 -13.23
N GLU D 200 32.65 -27.33 -12.60
CA GLU D 200 31.64 -26.57 -13.33
C GLU D 200 31.88 -25.07 -13.20
N VAL D 201 32.36 -24.65 -12.03
CA VAL D 201 32.65 -23.24 -11.76
C VAL D 201 34.05 -23.05 -11.17
N LYS D 202 34.67 -21.92 -11.50
CA LYS D 202 36.01 -21.60 -11.02
C LYS D 202 36.02 -21.21 -9.55
N LYS D 203 37.07 -21.62 -8.85
CA LYS D 203 37.23 -21.35 -7.42
C LYS D 203 37.38 -19.85 -7.15
N GLU D 204 38.22 -19.19 -7.95
CA GLU D 204 38.46 -17.76 -7.81
C GLU D 204 37.28 -16.92 -8.27
N ASP D 205 36.50 -17.44 -9.22
CA ASP D 205 35.34 -16.74 -9.74
C ASP D 205 34.04 -17.31 -9.19
N MSE D 206 34.04 -17.60 -7.89
CA MSE D 206 32.88 -18.15 -7.20
C MSE D 206 32.03 -17.02 -6.61
O MSE D 206 32.52 -16.24 -5.79
CB MSE D 206 33.34 -19.09 -6.08
CG MSE D 206 32.23 -19.87 -5.41
SE MSE D 206 31.38 -21.11 -6.62
CE MSE D 206 29.79 -20.11 -7.04
N SER D 207 30.77 -16.95 -7.01
CA SER D 207 29.86 -15.90 -6.52
C SER D 207 28.39 -16.21 -6.76
N MSE D 208 27.54 -15.22 -6.48
CA MSE D 208 26.09 -15.32 -6.66
C MSE D 208 25.70 -15.38 -8.12
O MSE D 208 24.79 -16.12 -8.50
CB MSE D 208 25.39 -14.12 -5.99
CG MSE D 208 24.70 -14.43 -4.67
SE MSE D 208 22.95 -15.22 -4.89
CE MSE D 208 23.41 -17.07 -4.56
N GLN D 209 26.38 -14.59 -8.95
CA GLN D 209 26.10 -14.56 -10.39
C GLN D 209 26.53 -15.85 -11.08
N ALA D 210 27.53 -16.51 -10.51
CA ALA D 210 28.05 -17.77 -11.05
C ALA D 210 27.02 -18.89 -10.88
N ILE D 211 26.41 -18.94 -9.70
CA ILE D 211 25.41 -19.96 -9.38
C ILE D 211 24.15 -19.75 -10.21
N ARG D 212 23.74 -18.49 -10.35
CA ARG D 212 22.56 -18.15 -11.13
C ARG D 212 22.78 -18.39 -12.61
N HIS D 213 23.99 -18.09 -13.08
CA HIS D 213 24.34 -18.30 -14.49
C HIS D 213 24.42 -19.79 -14.81
N TRP D 214 24.93 -20.57 -13.87
CA TRP D 214 25.05 -22.01 -14.02
C TRP D 214 23.68 -22.65 -14.19
N GLY D 215 22.73 -22.23 -13.37
CA GLY D 215 21.38 -22.76 -13.44
C GLY D 215 20.69 -22.50 -14.76
N GLU D 216 21.04 -21.40 -15.40
CA GLU D 216 20.46 -21.02 -16.70
C GLU D 216 21.15 -21.77 -17.84
N THR D 217 22.39 -22.20 -17.61
CA THR D 217 23.17 -22.93 -18.60
C THR D 217 22.77 -24.40 -18.63
N HIS D 218 22.40 -24.94 -17.47
CA HIS D 218 22.02 -26.34 -17.36
C HIS D 218 20.50 -26.53 -17.26
N SER D 219 20.04 -27.76 -17.49
CA SER D 219 18.62 -28.10 -17.46
C SER D 219 18.03 -28.18 -16.06
N GLU D 220 16.70 -28.26 -15.99
CA GLU D 220 15.96 -28.35 -14.73
C GLU D 220 16.42 -29.53 -13.87
N ALA D 221 16.59 -30.69 -14.51
CA ALA D 221 17.02 -31.90 -13.82
C ALA D 221 18.41 -31.73 -13.23
N GLU D 222 19.29 -31.05 -13.96
CA GLU D 222 20.65 -30.80 -13.51
C GLU D 222 20.71 -29.76 -12.40
N VAL D 223 19.76 -28.82 -12.42
CA VAL D 223 19.69 -27.78 -11.40
C VAL D 223 19.13 -28.37 -10.10
N ARG D 224 18.03 -29.10 -10.22
CA ARG D 224 17.38 -29.73 -9.07
C ARG D 224 18.36 -30.66 -8.33
N GLU D 225 19.12 -31.43 -9.10
CA GLU D 225 20.10 -32.36 -8.53
C GLU D 225 21.15 -31.61 -7.71
N LEU D 226 21.60 -30.47 -8.22
CA LEU D 226 22.60 -29.66 -7.53
C LEU D 226 22.04 -29.04 -6.26
N LEU D 227 20.83 -28.49 -6.34
CA LEU D 227 20.19 -27.86 -5.20
C LEU D 227 19.87 -28.84 -4.08
N GLU D 228 19.68 -30.12 -4.46
CA GLU D 228 19.38 -31.17 -3.50
C GLU D 228 20.59 -31.57 -2.66
N GLN D 229 21.78 -31.15 -3.11
CA GLN D 229 23.03 -31.44 -2.39
C GLN D 229 23.05 -30.74 -1.04
N ASN D 230 22.10 -29.84 -0.83
CA ASN D 230 21.94 -29.12 0.42
C ASN D 230 20.69 -29.71 1.07
N PRO D 231 20.87 -30.66 1.99
CA PRO D 231 19.77 -31.33 2.69
C PRO D 231 18.91 -30.42 3.58
N SER D 232 19.44 -29.24 3.89
CA SER D 232 18.73 -28.27 4.73
C SER D 232 17.60 -27.57 3.96
N PHE D 233 16.49 -27.33 4.65
CA PHE D 233 15.32 -26.68 4.05
C PHE D 233 14.70 -25.74 5.09
N VAL D 234 14.40 -24.51 4.66
CA VAL D 234 13.81 -23.50 5.54
C VAL D 234 12.31 -23.34 5.37
N PHE D 235 11.62 -23.12 6.48
CA PHE D 235 10.18 -22.93 6.51
C PHE D 235 9.88 -21.47 6.88
N PHE D 236 8.93 -20.87 6.18
CA PHE D 236 8.59 -19.46 6.40
C PHE D 236 7.24 -19.21 7.04
N LYS D 237 7.02 -17.97 7.46
CA LYS D 237 5.77 -17.54 8.07
C LYS D 237 5.38 -16.16 7.54
N PRO D 238 4.27 -16.10 6.78
CA PRO D 238 3.75 -14.85 6.19
C PRO D 238 3.45 -13.77 7.22
N GLN D 239 3.95 -12.58 6.98
CA GLN D 239 3.75 -11.45 7.88
C GLN D 239 2.84 -10.37 7.29
N SER D 240 2.64 -10.44 5.98
CA SER D 240 1.77 -9.49 5.27
C SER D 240 2.25 -8.04 5.29
N PHE D 241 3.15 -7.72 4.36
CA PHE D 241 3.73 -6.38 4.21
C PHE D 241 4.25 -5.77 5.51
N ALA D 242 5.20 -6.48 6.12
CA ALA D 242 5.84 -6.05 7.35
C ALA D 242 7.31 -5.80 7.04
N PRO D 243 7.96 -4.89 7.78
CA PRO D 243 9.37 -4.60 7.54
C PRO D 243 10.25 -5.83 7.77
N VAL D 244 11.36 -5.89 7.05
CA VAL D 244 12.29 -7.02 7.18
C VAL D 244 12.89 -7.07 8.58
N LYS D 245 12.51 -8.10 9.33
CA LYS D 245 13.00 -8.28 10.69
C LYS D 245 13.87 -9.52 10.82
N GLY D 246 14.90 -9.43 11.66
CA GLY D 246 15.80 -10.55 11.86
C GLY D 246 15.49 -11.29 13.14
N ALA D 247 16.53 -11.82 13.78
CA ALA D 247 16.36 -12.56 15.03
C ALA D 247 15.92 -11.68 16.19
N SER D 248 16.39 -10.43 16.18
CA SER D 248 16.05 -9.47 17.23
C SER D 248 14.66 -8.86 17.10
N ALA D 249 13.95 -9.24 16.03
CA ALA D 249 12.60 -8.75 15.76
C ALA D 249 12.54 -7.23 15.55
N VAL D 250 13.64 -6.69 15.03
CA VAL D 250 13.75 -5.26 14.77
C VAL D 250 13.98 -5.06 13.27
N PRO D 251 13.18 -4.16 12.64
CA PRO D 251 13.31 -3.90 11.20
C PRO D 251 14.73 -3.49 10.80
N LEU D 252 15.32 -4.30 9.94
CA LEU D 252 16.69 -4.10 9.45
C LEU D 252 16.78 -3.02 8.39
N VAL D 253 17.79 -2.16 8.53
CA VAL D 253 18.03 -1.07 7.58
C VAL D 253 19.23 -1.44 6.70
N GLY D 254 19.13 -1.12 5.41
CA GLY D 254 20.19 -1.42 4.46
C GLY D 254 21.57 -0.90 4.80
N ARG D 255 22.49 -1.81 5.04
CA ARG D 255 23.89 -1.51 5.38
C ARG D 255 24.09 -0.72 6.66
N ALA D 256 23.09 -0.76 7.53
CA ALA D 256 23.16 -0.07 8.82
C ALA D 256 22.94 -1.10 9.93
N SER D 257 22.92 -2.38 9.53
CA SER D 257 22.74 -3.49 10.45
C SER D 257 23.49 -4.72 9.94
N VAL D 258 23.88 -5.60 10.86
CA VAL D 258 24.62 -6.81 10.50
C VAL D 258 24.19 -8.00 11.36
N ALA D 259 24.50 -9.20 10.87
CA ALA D 259 24.19 -10.43 11.59
C ALA D 259 25.48 -10.80 12.32
N SER D 260 25.35 -11.28 13.55
CA SER D 260 26.52 -11.64 14.34
C SER D 260 26.32 -12.84 15.25
N ASP D 261 27.42 -13.22 15.91
CA ASP D 261 27.40 -14.32 16.86
C ASP D 261 27.00 -13.71 18.19
N ARG D 262 25.77 -13.98 18.62
CA ARG D 262 25.23 -13.45 19.86
C ARG D 262 26.05 -13.74 21.12
N SER D 263 26.85 -14.80 21.07
CA SER D 263 27.70 -15.17 22.20
C SER D 263 28.88 -14.22 22.35
N ILE D 264 29.41 -13.75 21.22
CA ILE D 264 30.54 -12.82 21.22
C ILE D 264 30.03 -11.38 21.12
N ILE D 265 29.29 -11.09 20.05
CA ILE D 265 28.72 -9.75 19.84
C ILE D 265 27.20 -9.83 19.99
N PRO D 266 26.68 -9.47 21.17
CA PRO D 266 25.24 -9.49 21.46
C PRO D 266 24.44 -8.46 20.65
N PRO D 267 23.12 -8.70 20.49
CA PRO D 267 22.25 -7.79 19.73
C PRO D 267 22.14 -6.41 20.38
N GLY D 268 22.13 -5.38 19.54
CA GLY D 268 22.04 -4.02 20.03
C GLY D 268 23.40 -3.34 20.12
N THR D 269 24.44 -4.09 19.81
CA THR D 269 25.82 -3.58 19.85
C THR D 269 26.13 -2.65 18.68
N THR D 270 26.56 -1.43 19.00
CA THR D 270 26.92 -0.43 18.00
C THR D 270 28.30 -0.78 17.45
N LEU D 271 28.40 -0.85 16.12
CA LEU D 271 29.66 -1.20 15.46
C LEU D 271 30.04 -0.25 14.34
N ILE D 272 31.21 0.37 14.45
CA ILE D 272 31.71 1.25 13.42
C ILE D 272 32.77 0.42 12.70
N ALA D 273 32.62 0.26 11.38
CA ALA D 273 33.56 -0.56 10.64
C ALA D 273 34.00 -0.03 9.29
N GLU D 274 35.17 -0.48 8.86
CA GLU D 274 35.75 -0.12 7.58
C GLU D 274 35.40 -1.23 6.60
N VAL D 275 34.22 -1.11 5.98
CA VAL D 275 33.73 -2.09 5.02
C VAL D 275 34.45 -1.94 3.68
N PRO D 276 35.18 -2.97 3.26
CA PRO D 276 35.93 -2.97 1.99
C PRO D 276 35.03 -2.83 0.77
N LEU D 277 35.36 -1.86 -0.09
CA LEU D 277 34.59 -1.61 -1.30
C LEU D 277 34.98 -2.54 -2.45
N LEU D 278 34.03 -2.75 -3.36
CA LEU D 278 34.24 -3.61 -4.52
C LEU D 278 33.31 -3.20 -5.67
N ASP D 279 33.84 -3.29 -6.88
CA ASP D 279 33.08 -2.94 -8.09
C ASP D 279 31.96 -3.91 -8.42
N ASN D 280 31.36 -3.74 -9.60
CA ASN D 280 30.26 -4.59 -10.06
C ASN D 280 30.67 -6.04 -10.22
N ASN D 281 31.96 -6.29 -10.45
CA ASN D 281 32.48 -7.63 -10.61
C ASN D 281 32.98 -8.19 -9.27
N GLY D 282 32.71 -7.46 -8.20
CA GLY D 282 33.12 -7.89 -6.87
C GLY D 282 34.61 -7.92 -6.60
N LYS D 283 35.38 -7.27 -7.46
CA LYS D 283 36.83 -7.22 -7.30
C LYS D 283 37.21 -6.12 -6.32
N PHE D 284 38.09 -6.46 -5.37
CA PHE D 284 38.54 -5.50 -4.37
C PHE D 284 39.43 -4.43 -5.01
N ASN D 285 38.88 -3.22 -5.14
CA ASN D 285 39.61 -2.10 -5.73
C ASN D 285 40.75 -1.58 -4.85
N GLY D 286 40.58 -1.68 -3.53
CA GLY D 286 41.62 -1.22 -2.62
C GLY D 286 41.16 -0.23 -1.56
N GLN D 287 40.01 0.39 -1.76
CA GLN D 287 39.47 1.37 -0.82
C GLN D 287 38.42 0.78 0.12
N TYR D 288 38.16 1.49 1.22
CA TYR D 288 37.18 1.06 2.21
C TYR D 288 36.03 2.04 2.34
N GLU D 289 35.16 1.79 3.32
CA GLU D 289 33.99 2.64 3.56
C GLU D 289 33.65 2.63 5.04
N LEU D 290 33.52 3.82 5.62
CA LEU D 290 33.20 3.94 7.04
C LEU D 290 31.69 3.90 7.28
N ARG D 291 31.24 2.88 8.01
CA ARG D 291 29.83 2.71 8.31
C ARG D 291 29.53 2.37 9.76
N LEU D 292 28.41 2.90 10.26
CA LEU D 292 27.95 2.64 11.61
C LEU D 292 26.81 1.64 11.48
N MSE D 293 26.96 0.49 12.14
CA MSE D 293 25.95 -0.56 12.07
C MSE D 293 25.62 -1.13 13.44
O MSE D 293 26.38 -0.95 14.40
CB MSE D 293 26.42 -1.66 11.12
CG MSE D 293 26.76 -1.15 9.73
SE MSE D 293 27.62 -2.43 8.60
CE MSE D 293 29.38 -2.34 9.36
N VAL D 294 24.47 -1.80 13.54
CA VAL D 294 24.04 -2.41 14.79
C VAL D 294 23.73 -3.89 14.59
N ALA D 295 24.19 -4.72 15.51
CA ALA D 295 23.95 -6.17 15.45
C ALA D 295 22.50 -6.44 15.83
N LEU D 296 21.70 -6.88 14.86
CA LEU D 296 20.29 -7.15 15.11
C LEU D 296 19.77 -8.44 14.48
N ASP D 297 20.69 -9.36 14.17
CA ASP D 297 20.31 -10.63 13.56
C ASP D 297 21.39 -11.67 13.80
N VAL D 298 21.04 -12.94 13.55
CA VAL D 298 21.99 -14.05 13.73
C VAL D 298 22.04 -14.90 12.47
N GLY D 299 22.93 -15.87 12.46
CA GLY D 299 23.08 -16.76 11.32
C GLY D 299 23.75 -18.07 11.71
N GLY D 300 23.39 -19.14 11.03
CA GLY D 300 23.97 -20.44 11.32
C GLY D 300 25.45 -20.52 10.99
N ALA D 301 25.86 -19.76 9.98
CA ALA D 301 27.26 -19.74 9.55
C ALA D 301 27.99 -18.50 10.04
N ILE D 302 27.33 -17.72 10.90
CA ILE D 302 27.93 -16.51 11.45
C ILE D 302 28.38 -16.78 12.89
N LYS D 303 29.62 -17.22 13.02
CA LYS D 303 30.20 -17.53 14.33
C LYS D 303 31.54 -16.83 14.55
N GLY D 304 31.81 -16.45 15.79
CA GLY D 304 33.06 -15.80 16.14
C GLY D 304 33.25 -14.43 15.51
N GLN D 305 34.48 -14.15 15.09
CA GLN D 305 34.84 -12.87 14.47
C GLN D 305 34.36 -12.85 13.01
N HIS D 306 33.05 -12.73 12.84
CA HIS D 306 32.44 -12.73 11.52
C HIS D 306 31.10 -11.98 11.53
N PHE D 307 30.88 -11.15 10.52
CA PHE D 307 29.65 -10.36 10.39
C PHE D 307 29.01 -10.52 9.03
N ALA D 308 27.68 -10.47 9.01
CA ALA D 308 26.91 -10.58 7.78
C ALA D 308 26.17 -9.27 7.57
N ILE D 309 26.73 -8.41 6.72
CA ILE D 309 26.15 -7.10 6.42
C ILE D 309 24.85 -7.21 5.64
N TYR D 310 23.77 -6.68 6.22
CA TYR D 310 22.47 -6.68 5.57
C TYR D 310 22.51 -5.59 4.50
N GLN D 311 22.49 -6.00 3.24
CA GLN D 311 22.55 -5.07 2.11
C GLN D 311 21.26 -4.31 1.82
N GLY D 312 20.12 -4.99 1.90
CA GLY D 312 18.85 -4.34 1.65
C GLY D 312 17.79 -5.23 1.01
N ILE D 313 16.93 -4.61 0.21
CA ILE D 313 15.85 -5.32 -0.47
C ILE D 313 15.94 -5.09 -1.98
N GLY D 314 15.79 -6.16 -2.75
CA GLY D 314 15.83 -6.04 -4.21
C GLY D 314 17.04 -6.64 -4.91
N PRO D 315 17.08 -6.55 -6.25
CA PRO D 315 18.15 -7.05 -7.12
C PRO D 315 19.51 -6.41 -6.84
N GLU D 316 19.54 -5.08 -6.85
CA GLU D 316 20.77 -4.32 -6.60
C GLU D 316 21.41 -4.68 -5.27
N ALA D 317 20.57 -4.97 -4.27
CA ALA D 317 21.05 -5.35 -2.95
C ALA D 317 21.59 -6.79 -2.96
N GLY D 318 21.07 -7.58 -3.89
CA GLY D 318 21.51 -8.97 -4.03
C GLY D 318 22.84 -9.10 -4.73
N HIS D 319 23.06 -8.27 -5.75
CA HIS D 319 24.30 -8.27 -6.52
C HIS D 319 25.44 -7.86 -5.58
N ARG D 320 25.18 -6.84 -4.79
CA ARG D 320 26.15 -6.30 -3.84
C ARG D 320 26.47 -7.26 -2.70
N ALA D 321 25.48 -8.08 -2.32
CA ALA D 321 25.62 -9.05 -1.23
C ALA D 321 26.38 -10.33 -1.58
N GLY D 322 26.23 -10.80 -2.82
CA GLY D 322 26.89 -12.03 -3.24
C GLY D 322 28.41 -12.03 -3.28
N TRP D 323 29.02 -10.86 -3.43
CA TRP D 323 30.48 -10.76 -3.49
C TRP D 323 31.17 -10.78 -2.12
N TYR D 324 30.48 -10.24 -1.12
CA TYR D 324 31.02 -10.14 0.22
C TYR D 324 31.46 -11.39 0.97
N ASN D 325 32.77 -11.58 0.98
CA ASN D 325 33.45 -12.67 1.68
C ASN D 325 34.83 -12.11 2.04
N HIS D 326 34.87 -10.80 2.29
CA HIS D 326 36.10 -10.07 2.59
C HIS D 326 36.36 -9.81 4.07
N TYR D 327 37.36 -8.98 4.34
CA TYR D 327 37.76 -8.62 5.70
C TYR D 327 37.83 -7.10 5.93
N GLY D 328 38.01 -6.71 7.18
CA GLY D 328 38.10 -5.30 7.53
C GLY D 328 38.12 -5.09 9.03
N ARG D 329 38.42 -3.87 9.48
CA ARG D 329 38.46 -3.57 10.92
C ARG D 329 37.10 -3.10 11.45
N VAL D 330 36.89 -3.33 12.75
CA VAL D 330 35.64 -2.94 13.41
C VAL D 330 35.88 -2.61 14.88
N TRP D 331 35.25 -1.53 15.34
CA TRP D 331 35.37 -1.09 16.72
C TRP D 331 34.02 -1.10 17.43
N VAL D 332 33.95 -1.83 18.54
CA VAL D 332 32.73 -1.92 19.34
C VAL D 332 32.63 -0.64 20.16
N LEU D 333 31.66 0.20 19.80
CA LEU D 333 31.46 1.47 20.49
C LEU D 333 30.70 1.36 21.81
N LYS D 334 31.35 1.81 22.87
CA LYS D 334 30.79 1.79 24.22
C LYS D 334 31.07 3.16 24.85
N THR D 335 30.14 3.62 25.70
CA THR D 335 30.31 4.90 26.35
C THR D 335 31.01 4.76 27.70
N ALA D 336 31.68 5.84 28.13
CA ALA D 336 32.39 5.85 29.40
C ALA D 336 31.39 5.92 30.55
N PRO D 337 31.52 5.01 31.53
CA PRO D 337 30.64 4.94 32.70
C PRO D 337 30.69 6.18 33.60
C1 NAG E . -25.22 -2.39 22.55
C2 NAG E . -24.38 -3.07 23.64
C3 NAG E . -22.89 -3.10 23.23
C4 NAG E . -22.75 -3.69 21.83
C5 NAG E . -23.65 -2.96 20.85
C6 NAG E . -23.60 -3.55 19.45
C7 NAG E . -24.47 -3.00 26.05
C8 NAG E . -24.65 -2.16 27.31
N2 NAG E . -24.53 -2.35 24.89
O1 NAG E . -26.56 -2.48 22.87
O3 NAG E . -22.16 -3.88 24.16
O4 NAG E . -21.37 -3.59 21.40
O5 NAG E . -25.01 -3.04 21.29
O6 NAG E . -23.30 -2.57 18.47
O7 NAG E . -24.25 -4.20 26.14
C1 NAG E . -20.75 -4.79 21.09
C2 NAG E . -19.51 -4.55 20.25
C3 NAG E . -18.78 -5.88 19.99
C4 NAG E . -18.56 -6.66 21.29
C5 NAG E . -19.84 -6.73 22.12
C6 NAG E . -19.64 -7.36 23.48
C7 NAG E . -19.84 -2.62 18.84
C8 NAG E . -20.24 -2.06 17.48
N2 NAG E . -19.87 -3.94 18.98
O3 NAG E . -17.53 -5.62 19.36
O4 NAG E . -18.11 -7.99 20.98
O5 NAG E . -20.38 -5.41 22.33
O6 NAG E . -19.07 -6.44 24.39
O7 NAG E . -19.53 -1.85 19.75
C1 NAG E . -16.83 -8.16 20.52
C2 NAG E . -15.93 -8.74 21.63
C3 NAG E . -14.53 -8.98 21.08
C4 NAG E . -14.59 -9.84 19.83
C5 NAG E . -15.59 -9.27 18.81
C6 NAG E . -15.80 -10.22 17.65
C7 NAG E . -16.24 -8.23 23.97
C8 NAG E . -16.15 -7.21 25.09
N2 NAG E . -15.88 -7.82 22.75
O3 NAG E . -13.73 -9.61 22.07
O4 NAG E . -13.29 -9.91 19.24
O5 NAG E . -16.87 -9.07 19.42
O6 NAG E . -16.63 -11.30 18.00
O7 NAG E . -16.62 -9.38 24.21
C1 NAG E . -12.77 -11.16 19.03
C2 NAG E . -11.54 -11.07 18.13
C3 NAG E . -10.87 -12.44 17.99
C4 NAG E . -10.62 -13.07 19.35
C5 NAG E . -11.90 -13.05 20.19
C6 NAG E . -11.68 -13.56 21.60
C7 NAG E . -11.24 -9.56 16.28
C8 NAG E . -11.69 -9.09 14.91
N2 NAG E . -11.91 -10.57 16.82
O3 NAG E . -9.64 -12.28 17.30
O4 NAG E . -10.17 -14.42 19.19
O5 NAG E . -12.40 -11.70 20.30
O6 NAG E . -12.89 -13.55 22.35
O7 NAG E . -10.30 -9.01 16.84
C1 NAG E . -8.84 -14.66 19.48
C2 NAG E . -8.63 -16.13 19.81
C3 NAG E . -7.14 -16.41 20.03
C4 NAG E . -6.30 -15.88 18.87
C5 NAG E . -6.66 -14.42 18.58
C6 NAG E . -5.94 -13.89 17.34
C7 NAG E . -10.22 -17.50 21.01
C8 NAG E . -10.97 -17.78 22.30
N2 NAG E . -9.38 -16.46 21.00
O3 NAG E . -6.93 -17.81 20.16
O4 NAG E . -4.91 -15.96 19.20
O5 NAG E . -8.07 -14.30 18.33
O6 NAG E . -6.28 -12.53 17.11
O7 NAG E . -10.38 -18.23 20.03
C1 NAG E . -4.12 -16.73 18.36
C2 NAG E . -2.65 -16.33 18.52
C3 NAG E . -1.75 -17.26 17.69
C4 NAG E . -2.06 -18.72 18.01
C5 NAG E . -3.55 -18.99 17.85
C6 NAG E . -3.93 -20.40 18.21
C7 NAG E . -2.29 -13.99 18.99
C8 NAG E . -2.09 -12.58 18.46
N2 NAG E . -2.45 -14.95 18.09
O3 NAG E . -0.39 -16.97 17.98
O4 NAG E . -1.31 -19.56 17.14
O5 NAG E . -4.31 -18.10 18.70
O6 NAG E . -3.85 -20.61 19.62
O7 NAG E . -2.29 -14.19 20.21
C1 NAG F . 9.17 31.31 8.12
C2 NAG F . 8.89 31.96 6.77
C3 NAG F . 7.84 31.16 5.99
C4 NAG F . 8.17 29.66 5.96
C5 NAG F . 8.57 29.16 7.35
C6 NAG F . 9.08 27.73 7.33
C7 NAG F . 9.23 34.35 6.67
C8 NAG F . 8.66 35.75 6.91
N2 NAG F . 8.43 33.32 6.97
O1 NAG F . 10.18 31.99 8.77
O3 NAG F . 7.76 31.66 4.67
O4 NAG F . 7.03 28.93 5.49
O5 NAG F . 9.61 29.97 7.92
O6 NAG F . 9.75 27.40 8.54
O7 NAG F . 10.36 34.21 6.21
C1 NAG F . 7.06 28.54 4.15
C2 NAG F . 6.12 27.36 3.92
C3 NAG F . 6.19 26.95 2.45
C4 NAG F . 5.92 28.17 1.54
C5 NAG F . 6.76 29.39 1.96
C6 NAG F . 6.34 30.65 1.23
C7 NAG F . 5.85 26.00 5.90
C8 NAG F . 6.32 24.80 6.72
N2 NAG F . 6.52 26.24 4.77
O3 NAG F . 5.23 25.94 2.20
O4 NAG F . 6.26 27.84 0.17
O5 NAG F . 6.60 29.64 3.37
O6 NAG F . 5.05 31.09 1.65
O7 NAG F . 4.90 26.67 6.28
C1 NAG F . 5.55 26.83 -0.45
C2 NAG F . 4.54 27.44 -1.42
C3 NAG F . 3.85 26.35 -2.23
C4 NAG F . 4.89 25.46 -2.90
C5 NAG F . 5.89 24.95 -1.88
C6 NAG F . 7.02 24.17 -2.54
C7 NAG F . 3.35 29.50 -0.98
C8 NAG F . 2.30 30.23 -0.16
N2 NAG F . 3.55 28.22 -0.69
O3 NAG F . 3.00 26.92 -3.21
O4 NAG F . 4.24 24.36 -3.55
O5 NAG F . 6.50 26.04 -1.16
O6 NAG F . 8.04 25.05 -3.01
O7 NAG F . 3.99 30.10 -1.84
C1 NAG F . 4.55 24.15 -4.88
C2 NAG F . 4.06 22.78 -5.31
C3 NAG F . 4.25 22.59 -6.81
C4 NAG F . 3.69 23.77 -7.60
C5 NAG F . 4.22 25.09 -7.04
C6 NAG F . 3.60 26.30 -7.71
C7 NAG F . 4.07 20.80 -3.96
C8 NAG F . 4.89 19.74 -3.22
N2 NAG F . 4.76 21.75 -4.59
O3 NAG F . 3.60 21.39 -7.23
O4 NAG F . 4.05 23.66 -8.98
O5 NAG F . 3.91 25.18 -5.64
O6 NAG F . 4.17 27.49 -7.22
O7 NAG F . 2.85 20.75 -3.94
C1 NAG F . 3.02 23.35 -9.85
C2 NAG F . 3.37 23.82 -11.26
C3 NAG F . 2.30 23.38 -12.25
C4 NAG F . 1.99 21.88 -12.11
C5 NAG F . 1.75 21.53 -10.65
C6 NAG F . 1.57 20.04 -10.43
C7 NAG F . 4.55 25.86 -11.75
C8 NAG F . 4.58 27.39 -11.72
N2 NAG F . 3.47 25.27 -11.27
O3 NAG F . 2.75 23.64 -13.58
O4 NAG F . 0.82 21.56 -12.88
O5 NAG F . 2.86 21.93 -9.84
O6 NAG F . 1.27 19.75 -9.06
O7 NAG F . 5.51 25.24 -12.22
C1 NAG F . 0.98 20.58 -13.85
C2 NAG F . -0.39 19.97 -14.19
C3 NAG F . -0.27 19.02 -15.38
C4 NAG F . 0.45 19.68 -16.54
C5 NAG F . 1.78 20.27 -16.07
C6 NAG F . 2.51 21.02 -17.17
C7 NAG F . -1.94 19.76 -12.35
C8 NAG F . -2.42 18.94 -11.17
N2 NAG F . -0.92 19.27 -13.04
O3 NAG F . -1.57 18.60 -15.79
O4 NAG F . 0.68 18.73 -17.57
O5 NAG F . 1.54 21.21 -15.01
O6 NAG F . 1.95 22.29 -17.40
O7 NAG F . -2.50 20.82 -12.63
C1 NAG G . -13.28 -11.28 -30.27
C2 NAG G . -12.85 -10.08 -31.11
C3 NAG G . -11.92 -9.16 -30.30
C4 NAG G . -12.55 -8.83 -28.94
C5 NAG G . -12.97 -10.11 -28.23
C6 NAG G . -13.68 -9.84 -26.91
C7 NAG G . -12.32 -9.88 -33.46
C8 NAG G . -11.58 -10.42 -34.68
N2 NAG G . -12.16 -10.53 -32.31
O1 NAG G . -14.21 -12.02 -30.98
O3 NAG G . -11.68 -7.95 -31.02
O4 NAG G . -11.60 -8.11 -28.13
O5 NAG G . -13.89 -10.85 -29.06
O6 NAG G . -13.99 -11.05 -26.24
O7 NAG G . -13.04 -8.89 -33.58
C1 NAG G . -12.02 -6.88 -27.63
C2 NAG G . -11.14 -6.44 -26.48
C3 NAG G . -11.59 -5.06 -25.99
C4 NAG G . -11.70 -4.07 -27.14
C5 NAG G . -12.48 -4.67 -28.32
C6 NAG G . -12.46 -3.78 -29.55
C7 NAG G . -10.28 -8.33 -25.25
C8 NAG G . -10.44 -9.29 -24.09
N2 NAG G . -11.22 -7.40 -25.39
O3 NAG G . -10.66 -4.56 -25.03
O4 NAG G . -12.36 -2.87 -26.71
O5 NAG G . -11.94 -5.93 -28.69
O6 NAG G . -11.27 -3.97 -30.30
O7 NAG G . -9.33 -8.45 -26.02
C1 NAG G . -11.66 -2.04 -25.85
C2 NAG G . -10.97 -0.93 -26.65
C3 NAG G . -10.27 0.02 -25.69
C4 NAG G . -11.25 0.54 -24.64
C5 NAG G . -11.97 -0.62 -23.96
C6 NAG G . -13.07 -0.13 -23.04
C7 NAG G . -10.07 -1.22 -28.86
C8 NAG G . -9.02 -1.85 -29.76
N2 NAG G . -10.01 -1.51 -27.57
O3 NAG G . -9.74 1.13 -26.42
O4 NAG G . -10.52 1.30 -23.65
O5 NAG G . -12.60 -1.46 -24.94
O6 NAG G . -14.25 0.16 -23.76
O7 NAG G . -10.93 -0.48 -29.35
C1 NAG G . -11.01 2.58 -23.40
C2 NAG G . -10.33 3.15 -22.16
C3 NAG G . -10.77 4.60 -21.94
C4 NAG G . -10.59 5.42 -23.21
C5 NAG G . -11.25 4.71 -24.40
C6 NAG G . -11.00 5.44 -25.71
C7 NAG G . -9.73 1.92 -20.18
C8 NAG G . -10.17 1.08 -18.98
N2 NAG G . -10.68 2.35 -20.99
O3 NAG G . -9.99 5.17 -20.89
O4 NAG G . -11.18 6.72 -23.04
O5 NAG G . -10.72 3.39 -24.53
O6 NAG G . -11.71 4.84 -26.78
O7 NAG G . -8.53 2.16 -20.34
C1 NAG G . -10.28 7.77 -22.91
C2 NAG G . -10.94 9.07 -23.31
C3 NAG G . -9.99 10.26 -23.05
C4 NAG G . -9.40 10.20 -21.64
C5 NAG G . -8.85 8.81 -21.33
C6 NAG G . -8.39 8.66 -19.89
C7 NAG G . -12.56 9.30 -25.09
C8 NAG G . -12.86 9.24 -26.58
N2 NAG G . -11.31 9.03 -24.71
O3 NAG G . -10.69 11.47 -23.22
O4 NAG G . -8.35 11.16 -21.52
O5 NAG G . -9.87 7.82 -21.55
O6 NAG G . -7.79 7.40 -19.68
O7 NAG G . -13.46 9.59 -24.30
C1 NAG G . -8.50 12.14 -20.55
C2 NAG G . -7.13 12.75 -20.23
C3 NAG G . -7.28 13.92 -19.26
C4 NAG G . -8.33 14.91 -19.76
C5 NAG G . -9.63 14.18 -20.11
C6 NAG G . -10.67 15.10 -20.70
C7 NAG G . -5.21 11.29 -20.33
C8 NAG G . -4.35 10.24 -19.65
N2 NAG G . -6.26 11.75 -19.65
O3 NAG G . -6.03 14.59 -19.11
O4 NAG G . -8.58 15.89 -18.77
O5 NAG G . -9.37 13.14 -21.06
O6 NAG G . -10.32 15.49 -22.03
O7 NAG G . -4.91 11.68 -21.46
C1 NAG H . 30.05 -17.98 -0.49
C2 NAG H . 29.10 -19.02 0.10
C3 NAG H . 27.70 -18.44 0.32
C4 NAG H . 27.77 -17.10 1.05
C5 NAG H . 28.75 -16.17 0.34
C6 NAG H . 28.91 -14.83 1.02
C7 NAG H . 29.03 -21.40 -0.33
C8 NAG H . 28.94 -22.52 -1.34
N2 NAG H . 29.01 -20.16 -0.80
O1 NAG H . 31.34 -18.48 -0.49
O3 NAG H . 26.92 -19.35 1.09
O4 NAG H . 26.45 -16.49 1.08
O5 NAG H . 30.04 -16.79 0.31
O6 NAG H . 28.51 -13.77 0.16
O7 NAG H . 29.14 -21.67 0.87
C1 NAG H . 25.93 -16.24 2.33
C2 NAG H . 24.47 -15.81 2.23
C3 NAG H . 23.88 -15.60 3.62
C4 NAG H . 24.13 -16.81 4.53
C5 NAG H . 25.60 -17.26 4.46
C6 NAG H . 25.84 -18.57 5.17
C7 NAG H . 24.10 -14.60 0.16
C8 NAG H . 24.02 -13.28 -0.56
N2 NAG H . 24.38 -14.57 1.46
O3 NAG H . 22.49 -15.36 3.52
O4 NAG H . 23.81 -16.50 5.89
O5 NAG H . 26.00 -17.45 3.09
O6 NAG H . 25.44 -19.68 4.39
O7 NAG H . 23.94 -15.65 -0.47
C1 NAG H . 22.49 -16.26 6.20
C2 NAG H . 21.88 -17.49 6.85
C3 NAG H . 20.44 -17.20 7.27
C4 NAG H . 20.38 -15.95 8.13
C5 NAG H . 21.09 -14.79 7.46
C6 NAG H . 21.20 -13.59 8.38
C7 NAG H . 22.55 -19.73 6.26
C8 NAG H . 22.54 -20.86 5.23
N2 NAG H . 21.90 -18.62 5.93
O3 NAG H . 19.91 -18.31 7.99
O4 NAG H . 19.00 -15.59 8.36
O5 NAG H . 22.44 -15.16 7.11
O6 NAG H . 22.29 -13.72 9.26
O7 NAG H . 23.15 -19.88 7.31
C1 NAG H . 18.63 -15.45 9.69
C2 NAG H . 17.25 -14.79 9.78
C3 NAG H . 16.80 -14.72 11.23
C4 NAG H . 16.89 -16.09 11.90
C5 NAG H . 18.27 -16.70 11.68
C6 NAG H . 18.37 -18.12 12.21
C7 NAG H . 16.42 -13.09 8.29
C8 NAG H . 16.54 -11.68 7.74
N2 NAG H . 17.30 -13.46 9.21
O3 NAG H . 15.46 -14.26 11.29
O4 NAG H . 16.64 -15.96 13.30
O5 NAG H . 18.57 -16.75 10.28
O6 NAG H . 19.70 -18.60 12.16
O7 NAG H . 15.54 -13.83 7.87
C1 NAG H . 15.42 -16.46 13.75
C2 NAG H . 15.50 -16.77 15.23
C3 NAG H . 14.14 -17.24 15.74
C4 NAG H . 13.04 -16.26 15.33
C5 NAG H . 13.11 -15.95 13.83
C6 NAG H . 12.13 -14.88 13.41
C7 NAG H . 17.49 -17.60 16.32
C8 NAG H . 18.48 -18.73 16.51
N2 NAG H . 16.49 -17.80 15.47
O3 NAG H . 14.16 -17.35 17.16
O4 NAG H . 11.75 -16.83 15.62
O5 NAG H . 14.42 -15.47 13.50
O6 NAG H . 12.12 -14.73 12.00
O7 NAG H . 17.64 -16.54 16.95
C1 NAG H . 10.93 -16.12 16.49
C2 NAG H . 9.48 -16.59 16.32
C3 NAG H . 8.58 -15.93 17.36
C4 NAG H . 9.14 -16.11 18.76
C5 NAG H . 10.59 -15.65 18.80
C6 NAG H . 11.25 -15.89 20.15
C7 NAG H . 8.83 -17.22 14.07
C8 NAG H . 8.32 -16.79 12.70
N2 NAG H . 9.01 -16.26 14.98
O3 NAG H . 7.27 -16.51 17.29
O4 NAG H . 8.38 -15.34 19.68
O5 NAG H . 11.36 -16.38 17.83
O6 NAG H . 11.46 -17.27 20.39
O7 NAG H . 9.05 -18.40 14.30
P PO4 I . 0.35 -14.59 15.20
O1 PO4 I . -1.07 -14.92 15.49
O2 PO4 I . 0.69 -13.30 15.84
O3 PO4 I . 0.54 -14.50 13.73
O4 PO4 I . 1.23 -15.66 15.74
P PO4 J . -1.79 15.62 -13.65
O1 PO4 J . -0.96 15.06 -14.75
O2 PO4 J . -2.63 16.72 -14.20
O3 PO4 J . -0.92 16.15 -12.58
O4 PO4 J . -2.66 14.55 -13.11
P PO4 K . -5.21 12.72 -16.14
O1 PO4 K . -4.81 13.89 -16.97
O2 PO4 K . -5.60 13.19 -14.78
O3 PO4 K . -4.08 11.78 -16.04
O4 PO4 K . -6.37 12.04 -16.77
P PO4 L . 8.51 15.37 -24.08
O1 PO4 L . 9.51 14.59 -24.86
O2 PO4 L . 7.48 14.45 -23.54
O3 PO4 L . 7.87 16.37 -24.98
O4 PO4 L . 9.20 16.07 -22.97
P PO4 M . 5.52 -13.97 15.07
O1 PO4 M . 6.74 -13.74 14.25
O2 PO4 M . 5.47 -15.40 15.48
O3 PO4 M . 4.32 -13.65 14.27
O4 PO4 M . 5.55 -13.11 16.28
P PO4 N . -1.27 -27.87 10.79
O1 PO4 N . -2.40 -27.63 11.73
O2 PO4 N . -0.27 -26.78 10.93
O3 PO4 N . -1.77 -27.91 9.40
O4 PO4 N . -0.62 -29.17 11.12
#